data_1GY8
#
_entry.id   1GY8
#
_cell.length_a   102.185
_cell.length_b   112.533
_cell.length_c   160.591
_cell.angle_alpha   90.00
_cell.angle_beta   90.00
_cell.angle_gamma   90.00
#
_symmetry.space_group_name_H-M   'P 21 21 21'
#
loop_
_entity.id
_entity.type
_entity.pdbx_description
1 polymer 'UDP-GALACTOSE 4-EPIMERASE'
2 non-polymer NICOTINAMIDE-ADENINE-DINUCLEOTIDE
3 non-polymer "URIDINE-5'-DIPHOSPHATE"
4 water water
#
_entity_poly.entity_id   1
_entity_poly.type   'polypeptide(L)'
_entity_poly.pdbx_seq_one_letter_code
;SHMRVLVCGGAGYIGSHFVRALLRDTNHSVVIVDSLVGTHGKSDHVETRENVARKLQQSDGPKPPWADRYAALEVGDVRN
EDFLNGVFTRHGPIDAVVHMCAFLAVGESVRDPLKYYDNNVVGILRLLQAMLLHKCDKIIFSSSAAIFGNPTMGSVSTNA
EPIDINAKKSPESPYGESKLIAERMIRDCAEAYGIKGICLRYFNACGAHEDGDIGEHYQGSTHLIPIILGRVMSDIAPDQ
RLTIHEDASTDKRMPIFGTDYPTPDGTCVRDYVHVCDLASAHILALDYVEKLGPNDKSKYFSVFNLGTSRGYSVREVIEV
ARKTTGHPIPVRECGRREGDPAYLVAASDKAREVLGWKPKYDTLEAIMETSWKFQRTHPNGYASQENGTPGGRTTKL
;
_entity_poly.pdbx_strand_id   A,B,C,D
#
# COMPACT_ATOMS: atom_id res chain seq x y z
N SER A 1 -7.21 -51.47 19.98
CA SER A 1 -6.72 -50.81 21.23
C SER A 1 -7.87 -50.04 21.88
N HIS A 2 -8.81 -50.78 22.47
CA HIS A 2 -9.97 -50.15 23.10
C HIS A 2 -9.72 -48.81 23.77
N MET A 3 -10.67 -47.91 23.61
CA MET A 3 -10.59 -46.56 24.13
C MET A 3 -12.03 -46.05 24.19
N ARG A 4 -12.40 -45.32 25.24
CA ARG A 4 -13.77 -44.78 25.37
C ARG A 4 -13.81 -43.40 24.72
N VAL A 5 -14.51 -43.32 23.59
CA VAL A 5 -14.59 -42.08 22.82
C VAL A 5 -15.90 -41.29 22.94
N LEU A 6 -15.79 -40.02 23.28
CA LEU A 6 -16.95 -39.14 23.40
C LEU A 6 -17.04 -38.34 22.10
N VAL A 7 -18.11 -38.54 21.34
CA VAL A 7 -18.29 -37.85 20.07
C VAL A 7 -19.35 -36.75 20.14
N CYS A 8 -18.90 -35.51 20.25
CA CYS A 8 -19.82 -34.37 20.31
C CYS A 8 -20.30 -34.09 18.89
N GLY A 9 -21.61 -33.97 18.73
CA GLY A 9 -22.17 -33.74 17.40
C GLY A 9 -22.20 -35.04 16.62
N GLY A 10 -22.12 -36.16 17.35
CA GLY A 10 -22.13 -37.47 16.73
C GLY A 10 -23.39 -37.92 16.01
N ALA A 11 -24.50 -37.22 16.21
CA ALA A 11 -25.74 -37.58 15.54
C ALA A 11 -25.87 -36.88 14.18
N GLY A 12 -24.89 -36.05 13.85
CA GLY A 12 -24.92 -35.33 12.59
C GLY A 12 -24.51 -36.13 11.37
N TYR A 13 -24.41 -35.44 10.24
CA TYR A 13 -24.05 -36.03 8.97
C TYR A 13 -22.69 -36.73 9.00
N ILE A 14 -21.63 -35.97 9.28
CA ILE A 14 -20.30 -36.55 9.32
C ILE A 14 -20.14 -37.42 10.57
N GLY A 15 -20.78 -37.01 11.66
CA GLY A 15 -20.69 -37.77 12.90
C GLY A 15 -21.24 -39.18 12.78
N SER A 16 -22.37 -39.31 12.09
CA SER A 16 -22.99 -40.61 11.90
C SER A 16 -22.08 -41.55 11.11
N HIS A 17 -21.36 -41.02 10.14
CA HIS A 17 -20.46 -41.84 9.35
C HIS A 17 -19.22 -42.20 10.17
N PHE A 18 -18.79 -41.30 11.05
CA PHE A 18 -17.62 -41.58 11.87
C PHE A 18 -17.98 -42.63 12.91
N VAL A 19 -19.16 -42.49 13.52
CA VAL A 19 -19.60 -43.44 14.52
C VAL A 19 -19.71 -44.85 13.92
N ARG A 20 -20.30 -44.96 12.73
CA ARG A 20 -20.44 -46.26 12.08
C ARG A 20 -19.08 -46.90 11.85
N ALA A 21 -18.09 -46.10 11.47
CA ALA A 21 -16.74 -46.60 11.25
C ALA A 21 -16.12 -47.05 12.58
N LEU A 22 -16.45 -46.35 13.66
CA LEU A 22 -15.93 -46.71 14.98
C LEU A 22 -16.51 -48.05 15.38
N LEU A 23 -17.82 -48.19 15.17
CA LEU A 23 -18.53 -49.41 15.52
C LEU A 23 -18.16 -50.63 14.68
N ARG A 24 -17.86 -50.43 13.40
CA ARG A 24 -17.53 -51.55 12.52
C ARG A 24 -16.05 -51.81 12.31
N ASP A 25 -15.22 -50.79 12.45
CA ASP A 25 -13.80 -50.97 12.22
C ASP A 25 -12.90 -50.87 13.45
N THR A 26 -13.48 -50.67 14.62
CA THR A 26 -12.68 -50.56 15.84
C THR A 26 -13.37 -51.24 17.02
N ASN A 27 -12.66 -51.29 18.15
CA ASN A 27 -13.17 -51.90 19.38
C ASN A 27 -13.43 -50.83 20.44
N HIS A 28 -13.43 -49.57 20.02
CA HIS A 28 -13.65 -48.47 20.95
C HIS A 28 -15.09 -48.42 21.44
N SER A 29 -15.28 -47.88 22.64
CA SER A 29 -16.62 -47.72 23.23
C SER A 29 -17.05 -46.30 22.82
N VAL A 30 -18.26 -46.17 22.30
CA VAL A 30 -18.72 -44.89 21.80
C VAL A 30 -19.85 -44.25 22.58
N VAL A 31 -19.66 -42.99 22.93
CA VAL A 31 -20.66 -42.20 23.64
C VAL A 31 -20.91 -40.96 22.78
N ILE A 32 -22.16 -40.76 22.37
CA ILE A 32 -22.52 -39.61 21.56
C ILE A 32 -23.25 -38.56 22.39
N VAL A 33 -22.83 -37.30 22.26
CA VAL A 33 -23.48 -36.20 22.95
C VAL A 33 -23.90 -35.21 21.86
N ASP A 34 -25.21 -35.06 21.67
CA ASP A 34 -25.74 -34.21 20.62
C ASP A 34 -27.06 -33.59 21.10
N SER A 35 -27.29 -32.33 20.75
CA SER A 35 -28.50 -31.61 21.16
C SER A 35 -29.63 -31.89 20.18
N LEU A 36 -29.28 -32.47 19.04
CA LEU A 36 -30.23 -32.79 17.98
C LEU A 36 -30.75 -31.53 17.28
N VAL A 37 -30.05 -30.42 17.46
CA VAL A 37 -30.45 -29.17 16.84
C VAL A 37 -30.22 -29.23 15.33
N GLY A 38 -29.29 -30.08 14.91
CA GLY A 38 -29.00 -30.22 13.50
C GLY A 38 -29.63 -31.47 12.90
N THR A 39 -30.49 -32.15 13.66
CA THR A 39 -31.14 -33.35 13.16
C THR A 39 -32.65 -33.28 13.33
N HIS A 40 -33.17 -32.06 13.31
CA HIS A 40 -34.61 -31.82 13.46
C HIS A 40 -35.17 -32.40 14.75
N GLY A 41 -34.31 -32.49 15.79
CA GLY A 41 -34.71 -33.01 17.08
C GLY A 41 -34.97 -34.51 17.15
N LYS A 42 -34.57 -35.23 16.12
CA LYS A 42 -34.78 -36.67 16.06
C LYS A 42 -33.47 -37.44 16.01
N SER A 43 -33.51 -38.71 16.42
CA SER A 43 -32.32 -39.55 16.43
C SER A 43 -32.58 -40.99 16.01
N ASP A 44 -33.60 -41.20 15.17
CA ASP A 44 -33.95 -42.53 14.69
C ASP A 44 -32.81 -43.19 13.93
N HIS A 45 -31.96 -42.37 13.32
CA HIS A 45 -30.83 -42.85 12.53
C HIS A 45 -29.60 -43.20 13.37
N VAL A 46 -29.55 -42.72 14.62
CA VAL A 46 -28.41 -43.00 15.48
C VAL A 46 -28.37 -44.47 15.84
N GLU A 47 -27.18 -45.06 15.76
CA GLU A 47 -27.03 -46.47 16.04
C GLU A 47 -26.94 -46.78 17.54
N THR A 48 -28.04 -46.51 18.23
CA THR A 48 -28.14 -46.79 19.66
C THR A 48 -28.43 -48.28 19.78
N ARG A 49 -28.50 -48.76 21.01
CA ARG A 49 -28.77 -50.16 21.28
C ARG A 49 -30.07 -50.60 20.62
N GLU A 50 -31.15 -49.88 20.90
CA GLU A 50 -32.45 -50.21 20.34
C GLU A 50 -32.52 -50.11 18.81
N ASN A 51 -32.07 -48.99 18.26
CA ASN A 51 -32.10 -48.82 16.80
C ASN A 51 -31.34 -49.95 16.09
N VAL A 52 -30.16 -50.29 16.59
CA VAL A 52 -29.36 -51.35 15.99
C VAL A 52 -30.13 -52.68 16.05
N ALA A 53 -30.79 -52.92 17.18
CA ALA A 53 -31.57 -54.13 17.37
C ALA A 53 -32.68 -54.21 16.33
N ARG A 54 -33.45 -53.14 16.22
CA ARG A 54 -34.56 -53.09 15.28
C ARG A 54 -34.10 -53.33 13.85
N LYS A 55 -32.93 -52.81 13.52
CA LYS A 55 -32.40 -52.99 12.17
C LYS A 55 -32.08 -54.46 11.88
N LEU A 56 -31.37 -55.10 12.81
CA LEU A 56 -30.99 -56.50 12.66
C LEU A 56 -32.24 -57.39 12.67
N GLN A 57 -33.29 -56.90 13.31
CA GLN A 57 -34.55 -57.64 13.40
C GLN A 57 -35.33 -57.54 12.09
N GLN A 58 -35.87 -56.35 11.83
CA GLN A 58 -36.67 -56.11 10.63
C GLN A 58 -36.08 -56.72 9.35
N SER A 59 -34.76 -56.89 9.32
CA SER A 59 -34.13 -57.46 8.15
C SER A 59 -33.59 -58.87 8.40
N ASP A 60 -33.57 -59.68 7.34
CA ASP A 60 -33.09 -61.05 7.43
C ASP A 60 -31.86 -61.24 6.55
N GLY A 61 -31.03 -62.20 6.93
CA GLY A 61 -29.81 -62.48 6.20
C GLY A 61 -28.68 -62.72 7.18
N PRO A 62 -27.50 -63.11 6.70
CA PRO A 62 -26.36 -63.36 7.58
C PRO A 62 -26.11 -62.22 8.59
N LYS A 63 -26.06 -62.57 9.86
CA LYS A 63 -25.82 -61.58 10.91
C LYS A 63 -24.42 -61.00 10.74
N PRO A 64 -24.32 -59.67 10.53
CA PRO A 64 -23.03 -58.99 10.36
C PRO A 64 -22.17 -59.07 11.62
N PRO A 65 -20.85 -59.06 11.45
CA PRO A 65 -19.90 -59.13 12.57
C PRO A 65 -20.03 -57.98 13.56
N TRP A 66 -20.70 -56.91 13.14
CA TRP A 66 -20.89 -55.72 13.96
C TRP A 66 -22.32 -55.57 14.47
N ALA A 67 -23.14 -56.60 14.27
CA ALA A 67 -24.53 -56.57 14.69
C ALA A 67 -24.78 -56.19 16.14
N ASP A 68 -23.85 -56.50 17.04
CA ASP A 68 -24.02 -56.19 18.46
C ASP A 68 -23.33 -54.88 18.89
N ARG A 69 -22.77 -54.16 17.93
CA ARG A 69 -22.07 -52.91 18.20
C ARG A 69 -23.03 -51.74 18.14
N TYR A 70 -23.05 -50.93 19.19
CA TYR A 70 -23.92 -49.76 19.26
C TYR A 70 -23.25 -48.68 20.10
N ALA A 71 -23.80 -47.48 20.04
CA ALA A 71 -23.25 -46.35 20.79
C ALA A 71 -24.28 -45.82 21.77
N ALA A 72 -23.81 -45.22 22.85
CA ALA A 72 -24.71 -44.63 23.83
C ALA A 72 -25.03 -43.23 23.31
N LEU A 73 -26.23 -42.73 23.60
CA LEU A 73 -26.63 -41.41 23.16
C LEU A 73 -27.08 -40.53 24.31
N GLU A 74 -26.39 -39.40 24.48
CA GLU A 74 -26.74 -38.44 25.52
C GLU A 74 -27.26 -37.20 24.78
N VAL A 75 -28.52 -36.87 25.00
CA VAL A 75 -29.12 -35.71 24.32
C VAL A 75 -29.04 -34.44 25.16
N GLY A 76 -28.29 -33.46 24.67
CA GLY A 76 -28.13 -32.21 25.37
C GLY A 76 -27.09 -31.31 24.72
N ASP A 77 -27.02 -30.07 25.19
CA ASP A 77 -26.06 -29.10 24.66
C ASP A 77 -24.72 -29.15 25.40
N VAL A 78 -23.61 -29.17 24.67
CA VAL A 78 -22.29 -29.24 25.29
C VAL A 78 -21.94 -27.97 26.07
N ARG A 79 -22.73 -26.92 25.85
CA ARG A 79 -22.52 -25.68 26.56
C ARG A 79 -23.21 -25.72 27.92
N ASN A 80 -24.00 -26.76 28.15
CA ASN A 80 -24.70 -26.94 29.43
C ASN A 80 -23.69 -27.72 30.27
N GLU A 81 -22.84 -26.96 30.96
CA GLU A 81 -21.77 -27.49 31.80
C GLU A 81 -22.18 -28.60 32.76
N ASP A 82 -23.39 -28.50 33.30
CA ASP A 82 -23.91 -29.52 34.21
C ASP A 82 -24.09 -30.83 33.46
N PHE A 83 -24.87 -30.79 32.37
CA PHE A 83 -25.14 -31.92 31.48
C PHE A 83 -23.81 -32.56 31.05
N LEU A 84 -22.90 -31.73 30.56
CA LEU A 84 -21.61 -32.22 30.09
C LEU A 84 -20.84 -32.95 31.18
N ASN A 85 -20.81 -32.36 32.37
CA ASN A 85 -20.12 -32.98 33.50
C ASN A 85 -20.73 -34.36 33.80
N GLY A 86 -22.07 -34.44 33.81
CA GLY A 86 -22.75 -35.69 34.07
C GLY A 86 -22.40 -36.77 33.06
N VAL A 87 -22.25 -36.37 31.80
CA VAL A 87 -21.89 -37.32 30.75
C VAL A 87 -20.48 -37.89 30.98
N PHE A 88 -19.53 -37.01 31.32
CA PHE A 88 -18.16 -37.45 31.59
C PHE A 88 -18.10 -38.36 32.81
N THR A 89 -18.90 -38.06 33.83
CA THR A 89 -18.91 -38.85 35.04
C THR A 89 -19.53 -40.23 34.88
N ARG A 90 -20.71 -40.26 34.27
CA ARG A 90 -21.45 -41.50 34.07
C ARG A 90 -20.89 -42.45 33.02
N HIS A 91 -20.21 -41.90 32.02
CA HIS A 91 -19.61 -42.71 30.96
C HIS A 91 -18.09 -42.74 31.08
N GLY A 92 -17.57 -42.09 32.12
CA GLY A 92 -16.13 -42.06 32.31
C GLY A 92 -15.53 -43.40 32.68
N PRO A 93 -14.20 -43.54 32.58
CA PRO A 93 -13.29 -42.47 32.14
C PRO A 93 -13.31 -42.28 30.62
N ILE A 94 -13.41 -41.04 30.16
CA ILE A 94 -13.42 -40.74 28.73
C ILE A 94 -11.95 -40.60 28.32
N ASP A 95 -11.53 -41.39 27.35
CA ASP A 95 -10.14 -41.35 26.89
C ASP A 95 -9.87 -40.28 25.84
N ALA A 96 -10.81 -40.10 24.93
CA ALA A 96 -10.66 -39.13 23.87
C ALA A 96 -11.97 -38.47 23.50
N VAL A 97 -11.87 -37.22 23.07
CA VAL A 97 -13.04 -36.46 22.66
C VAL A 97 -12.91 -36.14 21.17
N VAL A 98 -13.99 -36.33 20.43
CA VAL A 98 -14.00 -36.00 19.01
C VAL A 98 -15.09 -34.92 18.94
N HIS A 99 -14.64 -33.67 18.84
CA HIS A 99 -15.53 -32.52 18.83
C HIS A 99 -16.03 -32.15 17.44
N MET A 100 -17.26 -32.57 17.13
CA MET A 100 -17.86 -32.32 15.83
C MET A 100 -19.07 -31.37 15.83
N CYS A 101 -19.52 -30.95 17.00
CA CYS A 101 -20.69 -30.06 17.06
C CYS A 101 -20.38 -28.62 16.68
N ALA A 102 -21.30 -28.01 15.94
CA ALA A 102 -21.16 -26.63 15.50
C ALA A 102 -22.29 -26.24 14.56
N PHE A 103 -22.34 -24.95 14.22
CA PHE A 103 -23.27 -24.45 13.23
C PHE A 103 -22.32 -24.25 12.08
N LEU A 104 -22.72 -24.59 10.86
CA LEU A 104 -21.79 -24.52 9.74
C LEU A 104 -22.26 -23.94 8.41
N ALA A 105 -23.21 -23.03 8.45
CA ALA A 105 -23.67 -22.40 7.22
C ALA A 105 -22.88 -21.12 7.05
N VAL A 106 -21.83 -21.17 6.23
CA VAL A 106 -20.97 -20.01 6.01
C VAL A 106 -21.75 -18.74 5.70
N GLY A 107 -22.76 -18.85 4.83
CA GLY A 107 -23.56 -17.70 4.47
C GLY A 107 -24.31 -17.11 5.65
N GLU A 108 -24.82 -17.98 6.52
CA GLU A 108 -25.56 -17.54 7.69
C GLU A 108 -24.65 -16.93 8.76
N SER A 109 -23.40 -17.39 8.84
CA SER A 109 -22.49 -16.86 9.84
C SER A 109 -22.18 -15.39 9.59
N VAL A 110 -22.17 -14.98 8.32
CA VAL A 110 -21.91 -13.60 7.96
C VAL A 110 -23.06 -12.70 8.41
N ARG A 111 -24.29 -13.20 8.29
CA ARG A 111 -25.48 -12.45 8.68
C ARG A 111 -25.75 -12.48 10.19
N ASP A 112 -25.31 -13.54 10.85
CA ASP A 112 -25.53 -13.67 12.30
C ASP A 112 -24.29 -14.27 12.98
N PRO A 113 -23.22 -13.45 13.11
CA PRO A 113 -21.94 -13.82 13.74
C PRO A 113 -22.03 -14.36 15.16
N LEU A 114 -22.78 -13.66 16.01
CA LEU A 114 -22.90 -14.06 17.40
C LEU A 114 -23.44 -15.47 17.63
N LYS A 115 -24.30 -15.93 16.72
CA LYS A 115 -24.85 -17.27 16.82
C LYS A 115 -23.72 -18.28 16.64
N TYR A 116 -22.80 -17.95 15.73
CA TYR A 116 -21.66 -18.82 15.44
C TYR A 116 -20.53 -18.72 16.45
N TYR A 117 -20.21 -17.51 16.89
CA TYR A 117 -19.15 -17.37 17.88
C TYR A 117 -19.59 -18.04 19.19
N ASP A 118 -20.86 -17.90 19.53
CA ASP A 118 -21.36 -18.51 20.75
C ASP A 118 -21.26 -20.03 20.70
N ASN A 119 -22.00 -20.65 19.79
CA ASN A 119 -21.99 -22.10 19.68
C ASN A 119 -20.64 -22.71 19.37
N ASN A 120 -19.97 -22.18 18.34
CA ASN A 120 -18.70 -22.72 17.92
C ASN A 120 -17.53 -22.49 18.86
N VAL A 121 -17.41 -21.28 19.41
CA VAL A 121 -16.30 -21.00 20.30
C VAL A 121 -16.57 -21.39 21.75
N VAL A 122 -17.77 -21.12 22.26
CA VAL A 122 -18.08 -21.49 23.65
C VAL A 122 -18.20 -23.01 23.76
N GLY A 123 -18.62 -23.66 22.67
CA GLY A 123 -18.75 -25.10 22.70
C GLY A 123 -17.43 -25.81 22.91
N ILE A 124 -16.39 -25.40 22.16
CA ILE A 124 -15.08 -26.02 22.30
C ILE A 124 -14.44 -25.62 23.63
N LEU A 125 -14.77 -24.43 24.13
CA LEU A 125 -14.24 -23.97 25.41
C LEU A 125 -14.72 -24.88 26.54
N ARG A 126 -16.01 -25.19 26.53
CA ARG A 126 -16.59 -26.04 27.57
C ARG A 126 -16.03 -27.46 27.55
N LEU A 127 -15.80 -27.99 26.34
CA LEU A 127 -15.24 -29.33 26.22
C LEU A 127 -13.81 -29.36 26.78
N LEU A 128 -13.02 -28.35 26.42
CA LEU A 128 -11.64 -28.28 26.88
C LEU A 128 -11.60 -28.16 28.40
N GLN A 129 -12.54 -27.41 28.96
CA GLN A 129 -12.61 -27.25 30.42
C GLN A 129 -13.01 -28.57 31.07
N ALA A 130 -13.94 -29.29 30.45
CA ALA A 130 -14.40 -30.58 30.98
C ALA A 130 -13.28 -31.60 30.91
N MET A 131 -12.54 -31.61 29.81
CA MET A 131 -11.43 -32.53 29.65
C MET A 131 -10.42 -32.34 30.78
N LEU A 132 -10.12 -31.08 31.09
CA LEU A 132 -9.18 -30.74 32.14
C LEU A 132 -9.69 -31.24 33.48
N LEU A 133 -10.96 -30.96 33.75
CA LEU A 133 -11.62 -31.36 34.99
C LEU A 133 -11.69 -32.88 35.16
N HIS A 134 -11.95 -33.60 34.07
CA HIS A 134 -12.06 -35.06 34.15
C HIS A 134 -10.82 -35.84 33.69
N LYS A 135 -9.68 -35.17 33.64
CA LYS A 135 -8.41 -35.79 33.26
C LYS A 135 -8.36 -36.45 31.88
N CYS A 136 -9.04 -35.84 30.90
CA CYS A 136 -9.03 -36.38 29.53
C CYS A 136 -7.97 -35.56 28.80
N ASP A 137 -7.01 -36.23 28.17
CA ASP A 137 -5.92 -35.52 27.49
C ASP A 137 -5.84 -35.69 25.97
N LYS A 138 -6.93 -36.14 25.35
CA LYS A 138 -6.92 -36.33 23.90
C LYS A 138 -8.16 -35.79 23.21
N ILE A 139 -7.95 -34.97 22.19
CA ILE A 139 -9.08 -34.42 21.44
C ILE A 139 -8.82 -34.31 19.93
N ILE A 140 -9.83 -34.69 19.16
CA ILE A 140 -9.77 -34.59 17.70
C ILE A 140 -10.85 -33.55 17.39
N PHE A 141 -10.46 -32.46 16.71
CA PHE A 141 -11.40 -31.37 16.42
C PHE A 141 -11.75 -31.23 14.93
N SER A 142 -13.04 -31.04 14.66
CA SER A 142 -13.53 -30.86 13.30
C SER A 142 -13.29 -29.43 12.84
N SER A 143 -12.21 -29.21 12.11
CA SER A 143 -11.93 -27.86 11.61
C SER A 143 -12.41 -27.77 10.17
N SER A 144 -12.06 -26.68 9.48
CA SER A 144 -12.52 -26.48 8.12
C SER A 144 -11.56 -25.70 7.23
N ALA A 145 -11.75 -25.87 5.92
CA ALA A 145 -10.96 -25.17 4.91
C ALA A 145 -11.30 -23.67 4.99
N ALA A 146 -12.40 -23.35 5.65
CA ALA A 146 -12.84 -21.96 5.80
C ALA A 146 -11.85 -21.09 6.59
N ILE A 147 -10.93 -21.71 7.32
CA ILE A 147 -9.95 -20.93 8.09
C ILE A 147 -8.93 -20.26 7.19
N PHE A 148 -8.78 -20.77 5.97
CA PHE A 148 -7.81 -20.22 5.03
C PHE A 148 -8.27 -18.99 4.28
N GLY A 149 -9.51 -19.00 3.79
CA GLY A 149 -10.02 -17.87 3.04
C GLY A 149 -9.31 -17.73 1.71
N ASN A 150 -9.35 -16.51 1.13
CA ASN A 150 -8.70 -16.20 -0.14
C ASN A 150 -7.26 -15.78 0.13
N PRO A 151 -6.40 -15.89 -0.89
CA PRO A 151 -4.99 -15.50 -0.75
C PRO A 151 -4.94 -14.04 -0.34
N THR A 152 -3.92 -13.66 0.44
CA THR A 152 -3.78 -12.28 0.91
C THR A 152 -3.92 -11.25 -0.21
N MET A 153 -5.00 -10.48 -0.17
CA MET A 153 -5.28 -9.47 -1.19
C MET A 153 -4.44 -8.22 -0.96
N ASN A 159 -1.48 -18.03 -8.52
CA ASN A 159 -1.78 -19.44 -8.75
C ASN A 159 -2.67 -20.04 -7.66
N ALA A 160 -3.75 -20.68 -8.10
CA ALA A 160 -4.67 -21.34 -7.18
C ALA A 160 -4.32 -22.81 -7.25
N GLU A 161 -3.71 -23.33 -6.18
CA GLU A 161 -3.33 -24.73 -6.13
C GLU A 161 -3.60 -25.30 -4.73
N PRO A 162 -3.60 -26.63 -4.59
CA PRO A 162 -3.86 -27.30 -3.30
C PRO A 162 -3.24 -26.59 -2.09
N ILE A 163 -4.10 -26.30 -1.13
CA ILE A 163 -3.70 -25.61 0.09
C ILE A 163 -3.00 -26.51 1.12
N ASP A 164 -1.82 -26.07 1.55
CA ASP A 164 -1.00 -26.77 2.53
C ASP A 164 -1.52 -26.50 3.95
N ILE A 165 -1.19 -27.38 4.89
CA ILE A 165 -1.65 -27.20 6.27
C ILE A 165 -1.24 -25.88 6.92
N ASN A 166 -0.07 -25.36 6.54
CA ASN A 166 0.40 -24.12 7.12
C ASN A 166 0.24 -22.87 6.26
N ALA A 167 -0.68 -22.91 5.31
CA ALA A 167 -0.91 -21.75 4.46
C ALA A 167 -1.49 -20.65 5.36
N LYS A 168 -1.34 -19.40 4.93
CA LYS A 168 -1.84 -18.27 5.73
C LYS A 168 -3.34 -18.38 6.01
N LYS A 169 -3.74 -17.99 7.22
CA LYS A 169 -5.14 -18.05 7.63
C LYS A 169 -5.79 -16.67 7.51
N SER A 170 -6.70 -16.51 6.55
CA SER A 170 -7.39 -15.24 6.36
C SER A 170 -8.87 -15.53 6.16
N PRO A 171 -9.56 -15.97 7.23
CA PRO A 171 -10.99 -16.31 7.19
C PRO A 171 -11.84 -15.28 6.45
N GLU A 172 -12.71 -15.78 5.58
CA GLU A 172 -13.59 -14.93 4.80
C GLU A 172 -14.97 -14.84 5.46
N SER A 173 -15.15 -15.53 6.59
CA SER A 173 -16.45 -15.51 7.28
C SER A 173 -16.31 -15.76 8.78
N PRO A 174 -17.34 -15.39 9.56
CA PRO A 174 -17.29 -15.61 11.02
C PRO A 174 -17.16 -17.11 11.32
N TYR A 175 -17.75 -17.95 10.46
CA TYR A 175 -17.67 -19.39 10.63
C TYR A 175 -16.19 -19.79 10.61
N GLY A 176 -15.46 -19.30 9.62
CA GLY A 176 -14.04 -19.59 9.51
C GLY A 176 -13.27 -19.06 10.71
N GLU A 177 -13.65 -17.89 11.20
CA GLU A 177 -12.99 -17.30 12.37
C GLU A 177 -13.19 -18.16 13.61
N SER A 178 -14.40 -18.70 13.77
CA SER A 178 -14.74 -19.52 14.93
C SER A 178 -13.96 -20.82 14.95
N LYS A 179 -13.67 -21.37 13.76
CA LYS A 179 -12.92 -22.60 13.67
C LYS A 179 -11.44 -22.33 13.95
N LEU A 180 -10.98 -21.18 13.48
CA LEU A 180 -9.58 -20.80 13.66
C LEU A 180 -9.26 -20.52 15.14
N ILE A 181 -10.14 -19.81 15.84
CA ILE A 181 -9.88 -19.52 17.25
C ILE A 181 -9.88 -20.82 18.05
N ALA A 182 -10.73 -21.77 17.65
CA ALA A 182 -10.76 -23.06 18.34
C ALA A 182 -9.40 -23.76 18.22
N GLU A 183 -8.77 -23.67 17.04
CA GLU A 183 -7.45 -24.29 16.84
C GLU A 183 -6.40 -23.65 17.74
N ARG A 184 -6.48 -22.33 17.89
CA ARG A 184 -5.54 -21.58 18.74
C ARG A 184 -5.73 -22.01 20.20
N MET A 185 -6.98 -22.18 20.61
CA MET A 185 -7.29 -22.57 21.99
C MET A 185 -6.77 -23.98 22.28
N ILE A 186 -7.00 -24.90 21.35
CA ILE A 186 -6.55 -26.27 21.51
C ILE A 186 -5.03 -26.32 21.57
N ARG A 187 -4.38 -25.58 20.67
CA ARG A 187 -2.92 -25.51 20.63
C ARG A 187 -2.36 -25.04 21.98
N ASP A 188 -2.92 -23.96 22.51
CA ASP A 188 -2.45 -23.41 23.78
C ASP A 188 -2.65 -24.36 24.96
N CYS A 189 -3.64 -25.25 24.86
CA CYS A 189 -3.92 -26.21 25.91
C CYS A 189 -2.87 -27.32 25.90
N ALA A 190 -2.23 -27.53 24.76
CA ALA A 190 -1.20 -28.56 24.65
C ALA A 190 -0.01 -28.13 25.52
N GLU A 191 0.50 -26.94 25.24
CA GLU A 191 1.63 -26.41 25.99
C GLU A 191 1.31 -26.23 27.48
N ALA A 192 0.12 -25.72 27.78
CA ALA A 192 -0.27 -25.46 29.16
C ALA A 192 -0.70 -26.65 30.00
N TYR A 193 -1.50 -27.55 29.45
CA TYR A 193 -2.00 -28.69 30.22
C TYR A 193 -1.61 -30.06 29.71
N GLY A 194 -0.85 -30.11 28.62
CA GLY A 194 -0.45 -31.40 28.07
C GLY A 194 -1.56 -32.10 27.28
N ILE A 195 -2.57 -31.34 26.88
CA ILE A 195 -3.66 -31.92 26.10
C ILE A 195 -3.14 -32.17 24.68
N LYS A 196 -3.33 -33.41 24.20
CA LYS A 196 -2.90 -33.80 22.86
C LYS A 196 -4.06 -33.57 21.90
N GLY A 197 -3.85 -32.67 20.94
CA GLY A 197 -4.95 -32.39 20.02
C GLY A 197 -4.60 -32.43 18.55
N ILE A 198 -5.58 -32.84 17.75
CA ILE A 198 -5.44 -32.90 16.31
C ILE A 198 -6.62 -32.16 15.70
N CYS A 199 -6.31 -31.21 14.83
CA CYS A 199 -7.33 -30.44 14.15
C CYS A 199 -7.39 -30.93 12.70
N LEU A 200 -8.53 -31.52 12.32
CA LEU A 200 -8.69 -32.03 10.97
C LEU A 200 -9.50 -31.02 10.16
N ARG A 201 -8.86 -30.42 9.16
CA ARG A 201 -9.55 -29.45 8.31
C ARG A 201 -10.25 -30.21 7.19
N TYR A 202 -11.55 -30.48 7.34
CA TYR A 202 -12.22 -31.17 6.26
C TYR A 202 -12.46 -30.10 5.22
N PHE A 203 -12.49 -30.52 3.96
CA PHE A 203 -12.78 -29.58 2.91
C PHE A 203 -14.28 -29.77 2.61
N ASN A 204 -14.70 -30.08 1.39
CA ASN A 204 -16.14 -30.22 1.21
C ASN A 204 -16.67 -31.63 1.35
N ALA A 205 -17.15 -31.95 2.54
CA ALA A 205 -17.69 -33.27 2.83
C ALA A 205 -18.90 -33.59 1.96
N CYS A 206 -18.91 -34.79 1.40
CA CYS A 206 -20.02 -35.22 0.55
C CYS A 206 -20.08 -36.74 0.47
N GLY A 207 -21.08 -37.25 -0.23
CA GLY A 207 -21.25 -38.68 -0.38
C GLY A 207 -22.08 -39.24 0.75
N ALA A 208 -22.25 -40.56 0.77
CA ALA A 208 -23.01 -41.22 1.81
C ALA A 208 -22.49 -42.65 1.90
N HIS A 209 -22.71 -43.28 3.06
CA HIS A 209 -22.26 -44.65 3.26
C HIS A 209 -22.82 -45.56 2.16
N GLU A 210 -22.02 -46.53 1.73
CA GLU A 210 -22.42 -47.45 0.66
C GLU A 210 -23.73 -48.16 0.94
N ASP A 211 -24.10 -48.31 2.21
CA ASP A 211 -25.35 -48.97 2.57
C ASP A 211 -26.58 -48.19 2.06
N GLY A 212 -26.40 -46.89 1.84
CA GLY A 212 -27.48 -46.05 1.34
C GLY A 212 -28.54 -45.68 2.36
N ASP A 213 -28.26 -45.90 3.64
CA ASP A 213 -29.23 -45.61 4.68
C ASP A 213 -29.01 -44.30 5.45
N ILE A 214 -27.80 -43.73 5.35
CA ILE A 214 -27.52 -42.47 6.05
C ILE A 214 -26.86 -41.43 5.13
N GLY A 215 -27.17 -40.16 5.37
CA GLY A 215 -26.59 -39.10 4.55
C GLY A 215 -27.19 -37.75 4.88
N GLU A 216 -26.95 -36.76 4.02
CA GLU A 216 -27.47 -35.42 4.24
C GLU A 216 -28.69 -35.17 3.36
N HIS A 217 -29.88 -35.21 3.97
CA HIS A 217 -31.13 -34.99 3.26
C HIS A 217 -31.17 -33.53 2.78
N TYR A 218 -31.74 -33.31 1.61
CA TYR A 218 -31.79 -31.98 1.03
C TYR A 218 -32.66 -30.95 1.76
N GLN A 219 -33.75 -31.39 2.37
CA GLN A 219 -34.62 -30.47 3.08
C GLN A 219 -33.97 -29.77 4.25
N GLY A 220 -33.73 -28.47 4.09
CA GLY A 220 -33.10 -27.69 5.14
C GLY A 220 -31.59 -27.61 4.99
N SER A 221 -31.06 -28.22 3.94
CA SER A 221 -29.62 -28.20 3.71
C SER A 221 -29.17 -26.91 3.06
N THR A 222 -27.94 -26.48 3.37
CA THR A 222 -27.38 -25.27 2.79
C THR A 222 -26.23 -25.64 1.84
N HIS A 223 -25.93 -26.93 1.74
CA HIS A 223 -24.82 -27.37 0.89
C HIS A 223 -25.19 -27.69 -0.55
N LEU A 224 -24.25 -27.39 -1.45
CA LEU A 224 -24.42 -27.57 -2.88
C LEU A 224 -25.05 -28.87 -3.39
N ILE A 225 -24.34 -29.99 -3.22
CA ILE A 225 -24.85 -31.26 -3.71
C ILE A 225 -26.22 -31.65 -3.15
N PRO A 226 -26.41 -31.56 -1.82
CA PRO A 226 -27.74 -31.93 -1.33
C PRO A 226 -28.83 -31.06 -1.98
N ILE A 227 -28.52 -29.79 -2.21
CA ILE A 227 -29.49 -28.90 -2.83
C ILE A 227 -29.75 -29.28 -4.29
N ILE A 228 -28.70 -29.64 -5.03
CA ILE A 228 -28.86 -30.05 -6.42
C ILE A 228 -29.75 -31.30 -6.49
N LEU A 229 -29.43 -32.30 -5.67
CA LEU A 229 -30.20 -33.54 -5.65
C LEU A 229 -31.64 -33.28 -5.20
N GLY A 230 -31.83 -32.25 -4.38
CA GLY A 230 -33.15 -31.90 -3.93
C GLY A 230 -33.96 -31.33 -5.09
N ARG A 231 -33.29 -30.65 -6.01
CA ARG A 231 -33.97 -30.08 -7.17
C ARG A 231 -34.44 -31.23 -8.07
N VAL A 232 -33.67 -32.32 -8.09
CA VAL A 232 -34.03 -33.49 -8.88
C VAL A 232 -35.20 -34.18 -8.22
N MET A 233 -35.19 -34.25 -6.89
CA MET A 233 -36.27 -34.87 -6.13
C MET A 233 -37.57 -34.12 -6.45
N SER A 234 -37.45 -32.85 -6.84
CA SER A 234 -38.63 -32.05 -7.20
C SER A 234 -38.97 -32.22 -8.69
N ASP A 235 -37.97 -32.51 -9.53
CA ASP A 235 -38.20 -32.72 -10.96
C ASP A 235 -38.85 -34.10 -11.13
N ILE A 236 -38.54 -35.00 -10.22
CA ILE A 236 -39.10 -36.35 -10.22
C ILE A 236 -40.59 -36.26 -9.85
N ALA A 237 -40.91 -35.44 -8.85
CA ALA A 237 -42.29 -35.25 -8.41
C ALA A 237 -43.18 -34.66 -9.51
N PRO A 238 -44.50 -34.91 -9.42
CA PRO A 238 -45.46 -34.40 -10.40
C PRO A 238 -45.34 -32.89 -10.58
N ASP A 239 -45.39 -32.44 -11.83
CA ASP A 239 -45.27 -31.01 -12.14
C ASP A 239 -46.03 -30.15 -11.14
N ASP A 251 -39.85 -21.59 -8.90
CA ASP A 251 -38.68 -21.83 -9.73
C ASP A 251 -37.92 -23.04 -9.20
N LYS A 252 -37.87 -24.10 -10.00
CA LYS A 252 -37.18 -25.32 -9.60
C LYS A 252 -35.77 -25.40 -10.21
N ARG A 253 -35.26 -24.26 -10.66
CA ARG A 253 -33.92 -24.22 -11.24
C ARG A 253 -32.84 -24.22 -10.16
N MET A 254 -31.68 -24.76 -10.52
CA MET A 254 -30.55 -24.83 -9.58
C MET A 254 -29.80 -23.50 -9.58
N PRO A 255 -29.75 -22.82 -8.40
CA PRO A 255 -29.07 -21.53 -8.19
C PRO A 255 -27.54 -21.64 -8.13
N ILE A 256 -26.83 -20.83 -8.93
CA ILE A 256 -25.36 -20.81 -8.91
C ILE A 256 -24.98 -19.48 -8.25
N PHE A 257 -24.39 -19.55 -7.05
CA PHE A 257 -24.01 -18.33 -6.33
C PHE A 257 -22.72 -17.69 -6.81
N GLY A 258 -22.84 -16.72 -7.71
CA GLY A 258 -21.68 -16.02 -8.22
C GLY A 258 -21.02 -16.71 -9.41
N THR A 259 -20.80 -15.95 -10.48
CA THR A 259 -20.18 -16.46 -11.70
C THR A 259 -19.03 -15.56 -12.11
N ASP A 260 -18.70 -14.62 -11.23
CA ASP A 260 -17.62 -13.65 -11.44
C ASP A 260 -16.42 -13.84 -10.52
N TYR A 261 -16.11 -15.09 -10.18
CA TYR A 261 -14.96 -15.39 -9.32
C TYR A 261 -13.70 -15.57 -10.15
N PRO A 262 -12.52 -15.36 -9.52
CA PRO A 262 -11.21 -15.49 -10.17
C PRO A 262 -10.86 -16.95 -10.46
N THR A 263 -11.80 -17.70 -11.04
CA THR A 263 -11.57 -19.11 -11.35
C THR A 263 -11.76 -19.35 -12.84
N PRO A 264 -11.29 -20.51 -13.35
CA PRO A 264 -11.42 -20.84 -14.77
C PRO A 264 -12.79 -20.59 -15.40
N ASP A 265 -13.88 -21.03 -14.73
CA ASP A 265 -15.19 -20.80 -15.31
C ASP A 265 -16.03 -19.76 -14.55
N GLY A 266 -15.40 -19.09 -13.59
CA GLY A 266 -16.11 -18.05 -12.85
C GLY A 266 -16.84 -18.47 -11.59
N THR A 267 -16.98 -19.76 -11.36
CA THR A 267 -17.68 -20.24 -10.17
C THR A 267 -16.68 -20.84 -9.16
N CYS A 268 -17.07 -20.84 -7.89
CA CYS A 268 -16.21 -21.34 -6.83
C CYS A 268 -15.76 -22.78 -7.06
N VAL A 269 -14.49 -23.03 -6.75
CA VAL A 269 -13.91 -24.36 -6.89
C VAL A 269 -13.75 -24.96 -5.49
N ARG A 270 -14.15 -26.21 -5.35
CA ARG A 270 -14.07 -26.88 -4.06
C ARG A 270 -13.50 -28.29 -4.23
N ASP A 271 -13.10 -28.88 -3.10
CA ASP A 271 -12.52 -30.23 -3.05
C ASP A 271 -13.53 -31.10 -2.31
N TYR A 272 -14.23 -31.96 -3.05
CA TYR A 272 -15.25 -32.83 -2.47
C TYR A 272 -14.69 -34.17 -2.00
N VAL A 273 -14.64 -34.32 -0.67
CA VAL A 273 -14.10 -35.51 -0.02
C VAL A 273 -15.22 -36.35 0.62
N HIS A 274 -15.21 -37.65 0.35
CA HIS A 274 -16.22 -38.56 0.87
C HIS A 274 -16.21 -38.68 2.39
N VAL A 275 -17.38 -38.62 3.01
CA VAL A 275 -17.49 -38.70 4.46
C VAL A 275 -16.94 -40.00 5.04
N CYS A 276 -16.87 -41.06 4.23
CA CYS A 276 -16.33 -42.31 4.74
C CYS A 276 -14.79 -42.21 4.79
N ASP A 277 -14.22 -41.39 3.92
CA ASP A 277 -12.77 -41.22 3.93
C ASP A 277 -12.41 -40.30 5.10
N LEU A 278 -13.28 -39.34 5.39
CA LEU A 278 -13.08 -38.44 6.51
C LEU A 278 -13.13 -39.28 7.78
N ALA A 279 -14.09 -40.22 7.82
CA ALA A 279 -14.25 -41.09 8.97
C ALA A 279 -13.00 -41.90 9.27
N SER A 280 -12.40 -42.50 8.25
CA SER A 280 -11.19 -43.30 8.46
C SER A 280 -10.03 -42.44 8.95
N ALA A 281 -10.03 -41.17 8.58
CA ALA A 281 -8.97 -40.27 9.01
C ALA A 281 -9.04 -40.02 10.53
N HIS A 282 -10.25 -40.02 11.07
CA HIS A 282 -10.45 -39.80 12.51
C HIS A 282 -9.98 -41.00 13.30
N ILE A 283 -10.17 -42.18 12.74
CA ILE A 283 -9.73 -43.40 13.41
C ILE A 283 -8.19 -43.41 13.44
N LEU A 284 -7.58 -42.95 12.35
CA LEU A 284 -6.12 -42.87 12.28
C LEU A 284 -5.62 -41.79 13.22
N ALA A 285 -6.37 -40.71 13.33
CA ALA A 285 -6.00 -39.60 14.21
C ALA A 285 -6.05 -40.06 15.67
N LEU A 286 -7.06 -40.84 16.01
CA LEU A 286 -7.19 -41.36 17.37
C LEU A 286 -6.01 -42.24 17.74
N ASP A 287 -5.61 -43.11 16.81
CA ASP A 287 -4.49 -44.01 17.06
C ASP A 287 -3.20 -43.20 17.23
N TYR A 288 -3.06 -42.12 16.47
CA TYR A 288 -1.88 -41.27 16.55
C TYR A 288 -1.74 -40.60 17.92
N VAL A 289 -2.80 -39.96 18.41
CA VAL A 289 -2.72 -39.28 19.70
C VAL A 289 -2.56 -40.27 20.84
N GLU A 290 -3.14 -41.46 20.70
CA GLU A 290 -3.03 -42.46 21.75
C GLU A 290 -1.61 -42.98 21.93
N LYS A 291 -0.82 -42.93 20.86
CA LYS A 291 0.56 -43.40 20.91
C LYS A 291 1.56 -42.34 21.33
N LEU A 292 1.10 -41.11 21.50
CA LEU A 292 1.98 -40.02 21.92
C LEU A 292 2.38 -40.20 23.38
N GLY A 293 3.64 -39.91 23.66
CA GLY A 293 4.18 -40.01 25.00
C GLY A 293 4.85 -38.70 25.40
N PRO A 294 5.21 -38.52 26.67
CA PRO A 294 5.86 -37.32 27.20
C PRO A 294 7.06 -36.75 26.46
N ASN A 295 7.75 -37.56 25.65
CA ASN A 295 8.91 -37.06 24.91
C ASN A 295 8.48 -36.36 23.63
N ASP A 296 7.24 -36.64 23.21
CA ASP A 296 6.68 -36.08 21.98
C ASP A 296 6.28 -34.61 22.01
N LYS A 297 5.79 -34.13 23.16
CA LYS A 297 5.30 -32.76 23.34
C LYS A 297 5.23 -31.83 22.12
N SER A 298 6.32 -31.69 21.35
CA SER A 298 6.25 -30.84 20.16
C SER A 298 5.20 -31.43 19.19
N LYS A 299 4.85 -32.70 19.40
CA LYS A 299 3.85 -33.39 18.57
C LYS A 299 2.45 -33.42 19.18
N TYR A 300 2.29 -32.81 20.36
CA TYR A 300 1.01 -32.78 21.06
C TYR A 300 -0.10 -32.04 20.30
N PHE A 301 0.29 -31.13 19.41
CA PHE A 301 -0.68 -30.39 18.60
C PHE A 301 -0.33 -30.56 17.14
N SER A 302 -1.26 -31.08 16.36
CA SER A 302 -1.01 -31.26 14.94
C SER A 302 -2.28 -30.98 14.16
N VAL A 303 -2.09 -30.58 12.92
CA VAL A 303 -3.18 -30.23 12.03
C VAL A 303 -3.01 -30.97 10.70
N PHE A 304 -4.12 -31.33 10.08
CA PHE A 304 -4.09 -32.04 8.81
C PHE A 304 -5.22 -31.57 7.91
N ASN A 305 -4.93 -31.39 6.62
CA ASN A 305 -5.95 -30.97 5.66
C ASN A 305 -6.49 -32.22 4.99
N LEU A 306 -7.80 -32.42 5.03
CA LEU A 306 -8.41 -33.60 4.43
C LEU A 306 -9.23 -33.31 3.18
N GLY A 307 -8.68 -33.68 2.03
CA GLY A 307 -9.36 -33.47 0.76
C GLY A 307 -8.82 -34.46 -0.26
N THR A 308 -9.37 -34.44 -1.48
CA THR A 308 -8.91 -35.35 -2.53
C THR A 308 -7.81 -34.70 -3.37
N SER A 309 -7.59 -33.41 -3.13
CA SER A 309 -6.58 -32.61 -3.84
C SER A 309 -7.04 -32.24 -5.25
N ARG A 310 -8.23 -32.71 -5.62
CA ARG A 310 -8.81 -32.41 -6.91
C ARG A 310 -9.96 -31.42 -6.72
N GLY A 311 -10.08 -30.45 -7.62
CA GLY A 311 -11.12 -29.45 -7.49
C GLY A 311 -12.17 -29.47 -8.59
N TYR A 312 -13.39 -29.12 -8.22
CA TYR A 312 -14.51 -29.06 -9.15
C TYR A 312 -15.24 -27.75 -8.93
N SER A 313 -15.56 -27.04 -10.01
CA SER A 313 -16.28 -25.77 -9.88
C SER A 313 -17.75 -26.11 -9.67
N VAL A 314 -18.55 -25.10 -9.32
CA VAL A 314 -19.97 -25.33 -9.12
C VAL A 314 -20.60 -25.86 -10.41
N ARG A 315 -20.20 -25.30 -11.54
CA ARG A 315 -20.73 -25.76 -12.81
C ARG A 315 -20.42 -27.23 -13.02
N GLU A 316 -19.16 -27.61 -12.81
CA GLU A 316 -18.71 -29.00 -13.00
C GLU A 316 -19.44 -29.99 -12.08
N VAL A 317 -19.73 -29.57 -10.87
CA VAL A 317 -20.44 -30.42 -9.92
C VAL A 317 -21.85 -30.68 -10.45
N ILE A 318 -22.51 -29.63 -10.94
CA ILE A 318 -23.86 -29.77 -11.48
C ILE A 318 -23.86 -30.70 -12.68
N GLU A 319 -22.82 -30.61 -13.51
CA GLU A 319 -22.71 -31.45 -14.68
C GLU A 319 -22.57 -32.92 -14.26
N VAL A 320 -21.83 -33.17 -13.18
CA VAL A 320 -21.67 -34.54 -12.69
C VAL A 320 -23.00 -35.06 -12.15
N ALA A 321 -23.77 -34.18 -11.51
CA ALA A 321 -25.07 -34.56 -10.95
C ALA A 321 -26.03 -34.91 -12.09
N ARG A 322 -25.96 -34.15 -13.19
CA ARG A 322 -26.80 -34.42 -14.35
C ARG A 322 -26.56 -35.82 -14.91
N LYS A 323 -25.28 -36.18 -15.04
CA LYS A 323 -24.88 -37.48 -15.57
C LYS A 323 -25.12 -38.63 -14.59
N THR A 324 -25.14 -38.32 -13.30
CA THR A 324 -25.39 -39.32 -12.27
C THR A 324 -26.90 -39.61 -12.14
N THR A 325 -27.71 -38.56 -12.16
CA THR A 325 -29.15 -38.69 -12.00
C THR A 325 -29.90 -38.91 -13.32
N GLY A 326 -29.28 -38.47 -14.41
CA GLY A 326 -29.89 -38.60 -15.72
C GLY A 326 -30.94 -37.52 -15.95
N HIS A 327 -30.98 -36.51 -15.07
CA HIS A 327 -31.96 -35.42 -15.17
C HIS A 327 -31.36 -34.14 -15.77
N PRO A 328 -32.22 -33.19 -16.20
CA PRO A 328 -31.75 -31.94 -16.83
C PRO A 328 -31.10 -30.93 -15.87
N ILE A 329 -31.70 -30.79 -14.69
CA ILE A 329 -31.23 -29.86 -13.66
C ILE A 329 -31.02 -28.45 -14.22
N PRO A 330 -32.11 -27.77 -14.61
CA PRO A 330 -32.05 -26.41 -15.16
C PRO A 330 -31.36 -25.50 -14.14
N VAL A 331 -30.42 -24.67 -14.58
CA VAL A 331 -29.74 -23.78 -13.64
C VAL A 331 -30.21 -22.33 -13.77
N ARG A 332 -29.64 -21.48 -12.92
CA ARG A 332 -30.03 -20.07 -12.86
C ARG A 332 -28.87 -19.36 -12.14
N GLU A 333 -28.20 -18.43 -12.83
CA GLU A 333 -27.06 -17.74 -12.23
C GLU A 333 -27.46 -16.57 -11.33
N CYS A 334 -26.92 -16.59 -10.11
CA CYS A 334 -27.21 -15.56 -9.12
C CYS A 334 -25.94 -14.87 -8.67
N GLY A 335 -26.09 -13.92 -7.75
CA GLY A 335 -24.94 -13.21 -7.24
C GLY A 335 -24.23 -14.04 -6.19
N ARG A 336 -23.05 -13.59 -5.81
CA ARG A 336 -22.24 -14.28 -4.81
C ARG A 336 -22.93 -14.45 -3.48
N ARG A 337 -22.52 -15.49 -2.77
CA ARG A 337 -23.04 -15.70 -1.42
C ARG A 337 -21.90 -15.19 -0.56
N GLU A 338 -22.17 -14.19 0.26
CA GLU A 338 -21.15 -13.59 1.11
C GLU A 338 -20.45 -14.58 2.04
N GLY A 339 -19.12 -14.55 2.07
CA GLY A 339 -18.37 -15.44 2.94
C GLY A 339 -17.64 -16.53 2.20
N ASP A 340 -17.87 -16.64 0.90
CA ASP A 340 -17.25 -17.67 0.08
C ASP A 340 -15.91 -17.34 -0.57
N PRO A 341 -14.88 -18.16 -0.31
CA PRO A 341 -13.56 -17.95 -0.91
C PRO A 341 -13.72 -18.47 -2.34
N ALA A 342 -12.92 -17.98 -3.27
CA ALA A 342 -13.03 -18.43 -4.66
C ALA A 342 -12.59 -19.88 -4.88
N TYR A 343 -11.51 -20.27 -4.20
CA TYR A 343 -10.94 -21.58 -4.38
C TYR A 343 -10.49 -22.23 -3.06
N LEU A 344 -10.87 -23.48 -2.88
CA LEU A 344 -10.48 -24.23 -1.69
C LEU A 344 -10.28 -25.71 -2.06
N VAL A 345 -9.03 -26.08 -2.32
CA VAL A 345 -8.65 -27.44 -2.67
C VAL A 345 -7.52 -27.82 -1.71
N ALA A 346 -7.52 -29.07 -1.23
CA ALA A 346 -6.53 -29.51 -0.27
C ALA A 346 -5.32 -30.30 -0.75
N ALA A 347 -4.19 -30.03 -0.09
CA ALA A 347 -2.95 -30.75 -0.33
C ALA A 347 -2.97 -31.61 0.93
N SER A 348 -3.02 -32.92 0.78
CA SER A 348 -3.08 -33.81 1.94
C SER A 348 -1.85 -34.68 2.17
N ASP A 349 -0.67 -34.17 1.84
CA ASP A 349 0.56 -34.95 2.01
C ASP A 349 0.83 -35.34 3.46
N LYS A 350 0.61 -34.41 4.37
CA LYS A 350 0.83 -34.66 5.79
C LYS A 350 -0.09 -35.75 6.32
N ALA A 351 -1.37 -35.67 5.97
CA ALA A 351 -2.32 -36.67 6.42
C ALA A 351 -1.92 -38.04 5.88
N ARG A 352 -1.54 -38.07 4.61
CA ARG A 352 -1.12 -39.31 3.96
C ARG A 352 0.17 -39.86 4.55
N GLU A 353 1.15 -38.99 4.73
CA GLU A 353 2.43 -39.41 5.29
C GLU A 353 2.41 -39.74 6.78
N VAL A 354 1.94 -38.80 7.58
CA VAL A 354 1.93 -38.99 9.03
C VAL A 354 0.84 -39.89 9.59
N LEU A 355 -0.39 -39.73 9.12
CA LEU A 355 -1.48 -40.56 9.59
C LEU A 355 -1.64 -41.84 8.78
N GLY A 356 -1.11 -41.85 7.56
CA GLY A 356 -1.23 -43.01 6.71
C GLY A 356 -2.62 -43.07 6.12
N TRP A 357 -3.22 -41.89 5.93
CA TRP A 357 -4.56 -41.78 5.38
C TRP A 357 -4.59 -42.17 3.91
N LYS A 358 -5.51 -43.06 3.56
CA LYS A 358 -5.64 -43.53 2.20
C LYS A 358 -7.10 -43.44 1.75
N PRO A 359 -7.48 -42.32 1.14
CA PRO A 359 -8.84 -42.10 0.64
C PRO A 359 -9.20 -43.11 -0.44
N LYS A 360 -10.40 -43.68 -0.34
CA LYS A 360 -10.86 -44.65 -1.33
C LYS A 360 -11.59 -43.98 -2.49
N TYR A 361 -12.12 -42.77 -2.26
CA TYR A 361 -12.83 -42.06 -3.30
C TYR A 361 -11.97 -40.94 -3.85
N ASP A 362 -11.80 -40.91 -5.17
CA ASP A 362 -10.98 -39.87 -5.80
C ASP A 362 -11.75 -39.00 -6.79
N THR A 363 -12.66 -39.62 -7.54
CA THR A 363 -13.47 -38.89 -8.52
C THR A 363 -14.81 -38.49 -7.92
N LEU A 364 -15.37 -37.37 -8.35
CA LEU A 364 -16.67 -36.95 -7.84
C LEU A 364 -17.78 -37.88 -8.34
N GLU A 365 -17.57 -38.53 -9.49
CA GLU A 365 -18.57 -39.43 -10.04
C GLU A 365 -18.97 -40.52 -9.05
N ALA A 366 -17.98 -41.21 -8.50
CA ALA A 366 -18.23 -42.29 -7.55
C ALA A 366 -18.86 -41.75 -6.26
N ILE A 367 -18.40 -40.58 -5.82
CA ILE A 367 -18.92 -39.95 -4.61
C ILE A 367 -20.38 -39.58 -4.82
N MET A 368 -20.66 -38.89 -5.92
CA MET A 368 -22.01 -38.45 -6.29
C MET A 368 -22.98 -39.63 -6.34
N GLU A 369 -22.50 -40.78 -6.82
CA GLU A 369 -23.34 -41.96 -6.92
C GLU A 369 -23.83 -42.39 -5.53
N THR A 370 -22.96 -42.30 -4.52
CA THR A 370 -23.39 -42.69 -3.18
C THR A 370 -24.35 -41.67 -2.60
N SER A 371 -24.16 -40.40 -2.95
CA SER A 371 -25.06 -39.33 -2.46
C SER A 371 -26.45 -39.51 -3.07
N TRP A 372 -26.49 -39.81 -4.37
CA TRP A 372 -27.75 -40.01 -5.09
C TRP A 372 -28.48 -41.25 -4.60
N LYS A 373 -27.75 -42.34 -4.40
CA LYS A 373 -28.36 -43.58 -3.91
C LYS A 373 -29.11 -43.31 -2.59
N PHE A 374 -28.48 -42.58 -1.67
CA PHE A 374 -29.13 -42.26 -0.40
C PHE A 374 -30.34 -41.35 -0.60
N GLN A 375 -30.16 -40.24 -1.29
CA GLN A 375 -31.25 -39.29 -1.50
C GLN A 375 -32.46 -39.83 -2.26
N ARG A 376 -32.22 -40.51 -3.38
CA ARG A 376 -33.30 -41.04 -4.19
C ARG A 376 -34.15 -42.09 -3.48
N THR A 377 -33.64 -42.67 -2.39
CA THR A 377 -34.41 -43.64 -1.63
C THR A 377 -34.98 -43.02 -0.37
N HIS A 378 -34.69 -41.73 -0.14
CA HIS A 378 -35.21 -41.04 1.05
C HIS A 378 -35.90 -39.73 0.69
N PRO A 379 -37.10 -39.81 0.08
CA PRO A 379 -37.87 -38.62 -0.30
C PRO A 379 -38.20 -37.72 0.89
N ASN A 380 -38.29 -38.31 2.08
CA ASN A 380 -38.62 -37.56 3.28
C ASN A 380 -37.53 -37.65 4.32
N GLY A 381 -36.31 -37.92 3.88
CA GLY A 381 -35.18 -38.05 4.81
C GLY A 381 -35.33 -39.26 5.69
N TYR A 382 -35.00 -39.11 6.97
CA TYR A 382 -35.11 -40.20 7.92
C TYR A 382 -36.55 -40.36 8.40
N ALA A 383 -37.35 -39.33 8.18
CA ALA A 383 -38.75 -39.34 8.60
C ALA A 383 -39.55 -40.41 7.85
N SER B 1 -21.98 15.87 25.99
CA SER B 1 -23.06 15.44 25.07
C SER B 1 -23.90 14.32 25.68
N HIS B 2 -24.39 14.58 26.89
CA HIS B 2 -25.22 13.66 27.65
C HIS B 2 -25.47 12.31 26.98
N MET B 3 -24.61 11.35 27.29
CA MET B 3 -24.72 10.00 26.75
C MET B 3 -24.57 9.10 27.97
N ARG B 4 -25.38 8.05 28.07
CA ARG B 4 -25.25 7.16 29.21
C ARG B 4 -24.24 6.09 28.83
N VAL B 5 -23.15 6.02 29.60
CA VAL B 5 -22.09 5.08 29.34
C VAL B 5 -21.94 3.95 30.36
N LEU B 6 -21.92 2.71 29.86
CA LEU B 6 -21.75 1.54 30.71
C LEU B 6 -20.28 1.13 30.62
N VAL B 7 -19.58 1.21 31.75
CA VAL B 7 -18.15 0.88 31.77
C VAL B 7 -17.88 -0.45 32.46
N CYS B 8 -17.65 -1.49 31.67
CA CYS B 8 -17.36 -2.83 32.21
C CYS B 8 -15.89 -2.84 32.65
N GLY B 9 -15.65 -3.29 33.88
CA GLY B 9 -14.30 -3.30 34.41
C GLY B 9 -13.91 -1.90 34.86
N GLY B 10 -14.93 -1.07 35.09
CA GLY B 10 -14.69 0.31 35.49
C GLY B 10 -14.08 0.55 36.87
N ALA B 11 -14.04 -0.47 37.72
CA ALA B 11 -13.46 -0.30 39.05
C ALA B 11 -11.97 -0.61 39.04
N GLY B 12 -11.45 -0.98 37.87
CA GLY B 12 -10.04 -1.30 37.74
C GLY B 12 -9.09 -0.13 37.65
N TYR B 13 -7.82 -0.42 37.41
CA TYR B 13 -6.78 0.58 37.31
C TYR B 13 -7.05 1.61 36.22
N ILE B 14 -7.15 1.16 34.98
CA ILE B 14 -7.39 2.06 33.87
C ILE B 14 -8.85 2.56 33.89
N GLY B 15 -9.76 1.70 34.32
CA GLY B 15 -11.16 2.09 34.40
C GLY B 15 -11.40 3.24 35.35
N SER B 16 -10.74 3.21 36.51
CA SER B 16 -10.90 4.27 37.50
C SER B 16 -10.45 5.62 36.94
N HIS B 17 -9.38 5.61 36.14
CA HIS B 17 -8.89 6.85 35.56
C HIS B 17 -9.80 7.33 34.43
N PHE B 18 -10.41 6.39 33.71
CA PHE B 18 -11.33 6.74 32.64
C PHE B 18 -12.61 7.31 33.24
N VAL B 19 -13.12 6.67 34.29
CA VAL B 19 -14.33 7.14 34.95
C VAL B 19 -14.14 8.56 35.49
N ARG B 20 -13.01 8.81 36.16
CA ARG B 20 -12.74 10.14 36.69
C ARG B 20 -12.75 11.19 35.58
N ALA B 21 -12.20 10.84 34.43
CA ALA B 21 -12.17 11.77 33.30
C ALA B 21 -13.58 11.99 32.77
N LEU B 22 -14.42 10.96 32.82
CA LEU B 22 -15.79 11.09 32.36
C LEU B 22 -16.53 12.03 33.30
N LEU B 23 -16.33 11.84 34.60
CA LEU B 23 -16.98 12.64 35.62
C LEU B 23 -16.52 14.10 35.67
N ARG B 24 -15.26 14.35 35.39
CA ARG B 24 -14.74 15.72 35.45
C ARG B 24 -14.65 16.45 34.12
N ASP B 25 -14.52 15.71 33.02
CA ASP B 25 -14.41 16.36 31.73
C ASP B 25 -15.59 16.20 30.79
N THR B 26 -16.65 15.52 31.22
CA THR B 26 -17.81 15.34 30.36
C THR B 26 -19.11 15.43 31.15
N ASN B 27 -20.21 15.41 30.41
CA ASN B 27 -21.54 15.47 31.00
C ASN B 27 -22.27 14.14 30.80
N HIS B 28 -21.53 13.07 30.58
CA HIS B 28 -22.10 11.73 30.40
C HIS B 28 -22.51 11.12 31.73
N SER B 29 -23.50 10.23 31.68
CA SER B 29 -23.96 9.52 32.88
C SER B 29 -23.12 8.26 32.89
N VAL B 30 -22.63 7.88 34.06
CA VAL B 30 -21.76 6.71 34.16
C VAL B 30 -22.28 5.57 35.02
N VAL B 31 -22.28 4.37 34.43
CA VAL B 31 -22.71 3.17 35.13
C VAL B 31 -21.53 2.20 35.05
N ILE B 32 -21.05 1.77 36.21
CA ILE B 32 -19.93 0.84 36.26
C ILE B 32 -20.40 -0.56 36.59
N VAL B 33 -19.91 -1.54 35.83
CA VAL B 33 -20.23 -2.94 36.09
C VAL B 33 -18.86 -3.59 36.30
N ASP B 34 -18.66 -4.18 37.47
CA ASP B 34 -17.40 -4.81 37.80
C ASP B 34 -17.64 -5.88 38.84
N SER B 35 -16.95 -7.02 38.71
CA SER B 35 -17.11 -8.13 39.64
C SER B 35 -16.20 -7.95 40.85
N LEU B 36 -15.28 -6.99 40.75
CA LEU B 36 -14.32 -6.69 41.80
C LEU B 36 -13.29 -7.81 41.97
N VAL B 37 -13.17 -8.66 40.97
CA VAL B 37 -12.22 -9.76 41.01
C VAL B 37 -10.79 -9.22 40.89
N GLY B 38 -10.67 -8.05 40.27
CA GLY B 38 -9.36 -7.44 40.11
C GLY B 38 -9.10 -6.32 41.09
N THR B 39 -9.98 -6.18 42.08
CA THR B 39 -9.82 -5.13 43.08
C THR B 39 -9.91 -5.67 44.50
N HIS B 40 -9.57 -6.94 44.68
CA HIS B 40 -9.60 -7.56 46.00
C HIS B 40 -11.01 -7.56 46.59
N GLY B 41 -12.01 -7.57 45.73
CA GLY B 41 -13.39 -7.58 46.20
C GLY B 41 -13.84 -6.30 46.87
N LYS B 42 -13.06 -5.23 46.74
CA LYS B 42 -13.41 -3.97 47.37
C LYS B 42 -13.62 -2.85 46.36
N SER B 43 -14.36 -1.82 46.75
CA SER B 43 -14.64 -0.70 45.85
C SER B 43 -14.62 0.66 46.54
N ASP B 44 -13.86 0.78 47.62
CA ASP B 44 -13.74 2.02 48.37
C ASP B 44 -13.24 3.17 47.51
N HIS B 45 -12.45 2.84 46.50
CA HIS B 45 -11.88 3.83 45.60
C HIS B 45 -12.83 4.29 44.49
N VAL B 46 -13.88 3.52 44.25
CA VAL B 46 -14.83 3.86 43.18
C VAL B 46 -15.58 5.14 43.55
N GLU B 47 -15.71 6.04 42.58
CA GLU B 47 -16.38 7.30 42.84
C GLU B 47 -17.91 7.19 42.78
N THR B 48 -18.46 6.43 43.72
CA THR B 48 -19.90 6.26 43.82
C THR B 48 -20.43 7.51 44.51
N ARG B 49 -21.75 7.59 44.65
CA ARG B 49 -22.39 8.73 45.26
C ARG B 49 -21.89 8.91 46.70
N GLU B 50 -21.84 7.82 47.47
CA GLU B 50 -21.38 7.91 48.85
C GLU B 50 -19.89 8.25 48.97
N ASN B 51 -19.04 7.50 48.28
CA ASN B 51 -17.59 7.75 48.33
C ASN B 51 -17.26 9.22 47.97
N VAL B 52 -17.91 9.75 46.94
CA VAL B 52 -17.70 11.13 46.48
C VAL B 52 -18.17 12.18 47.50
N ALA B 53 -19.21 11.88 48.26
CA ALA B 53 -19.71 12.79 49.26
C ALA B 53 -18.71 12.85 50.42
N ARG B 54 -17.98 11.77 50.66
CA ARG B 54 -16.99 11.75 51.74
C ARG B 54 -15.76 12.58 51.40
N LYS B 55 -15.37 12.57 50.13
CA LYS B 55 -14.22 13.36 49.71
C LYS B 55 -14.57 14.83 49.90
N LEU B 56 -15.80 15.18 49.55
CA LEU B 56 -16.28 16.55 49.66
C LEU B 56 -16.28 17.01 51.12
N GLN B 57 -16.75 16.15 52.01
CA GLN B 57 -16.81 16.46 53.43
C GLN B 57 -15.43 16.72 54.03
N GLN B 58 -14.47 15.86 53.70
CA GLN B 58 -13.11 15.97 54.21
C GLN B 58 -12.32 17.12 53.58
N SER B 59 -12.73 17.55 52.39
CA SER B 59 -12.06 18.62 51.67
C SER B 59 -12.35 20.03 52.21
N ASP B 60 -11.31 20.86 52.27
CA ASP B 60 -11.44 22.24 52.73
C ASP B 60 -11.26 23.20 51.55
N GLY B 61 -12.18 24.14 51.40
CA GLY B 61 -12.07 25.08 50.30
C GLY B 61 -13.26 25.00 49.36
N PRO B 62 -13.36 25.91 48.38
CA PRO B 62 -14.49 25.89 47.43
C PRO B 62 -14.62 24.61 46.58
N LYS B 63 -15.86 24.15 46.41
CA LYS B 63 -16.18 22.96 45.62
C LYS B 63 -15.69 23.10 44.18
N PRO B 64 -15.17 22.00 43.60
CA PRO B 64 -14.72 22.05 42.20
C PRO B 64 -15.96 21.92 41.32
N PRO B 65 -15.84 22.20 40.02
CA PRO B 65 -17.02 22.08 39.17
C PRO B 65 -17.66 20.68 39.21
N TRP B 66 -16.81 19.66 39.38
CA TRP B 66 -17.21 18.24 39.41
C TRP B 66 -17.47 17.69 40.82
N ALA B 67 -17.52 18.57 41.81
CA ALA B 67 -17.73 18.16 43.21
C ALA B 67 -18.81 17.11 43.48
N ASP B 68 -19.96 17.23 42.82
CA ASP B 68 -21.06 16.30 43.04
C ASP B 68 -21.22 15.15 42.05
N ARG B 69 -20.42 15.16 40.98
CA ARG B 69 -20.46 14.09 39.97
C ARG B 69 -20.03 12.74 40.55
N TYR B 70 -20.78 11.69 40.21
CA TYR B 70 -20.49 10.34 40.68
C TYR B 70 -21.01 9.32 39.68
N ALA B 71 -20.62 8.07 39.86
CA ALA B 71 -21.04 7.00 38.97
C ALA B 71 -21.79 5.94 39.74
N ALA B 72 -22.68 5.22 39.06
CA ALA B 72 -23.42 4.15 39.71
C ALA B 72 -22.52 2.91 39.62
N LEU B 73 -22.62 2.03 40.61
CA LEU B 73 -21.80 0.82 40.61
C LEU B 73 -22.65 -0.45 40.73
N GLU B 74 -22.53 -1.31 39.74
CA GLU B 74 -23.24 -2.59 39.73
C GLU B 74 -22.19 -3.66 39.91
N VAL B 75 -22.24 -4.40 41.01
CA VAL B 75 -21.26 -5.43 41.27
C VAL B 75 -21.72 -6.81 40.79
N GLY B 76 -21.00 -7.34 39.80
CA GLY B 76 -21.33 -8.64 39.25
C GLY B 76 -20.49 -8.97 38.03
N ASP B 77 -20.60 -10.21 37.57
CA ASP B 77 -19.85 -10.68 36.41
C ASP B 77 -20.63 -10.44 35.12
N VAL B 78 -19.99 -9.85 34.10
CA VAL B 78 -20.66 -9.59 32.84
C VAL B 78 -21.08 -10.87 32.12
N ARG B 79 -20.51 -12.01 32.53
CA ARG B 79 -20.84 -13.30 31.93
C ARG B 79 -22.14 -13.85 32.53
N ASN B 80 -22.62 -13.19 33.59
CA ASN B 80 -23.86 -13.57 34.23
C ASN B 80 -24.99 -12.83 33.51
N GLU B 81 -25.66 -13.55 32.61
CA GLU B 81 -26.75 -13.02 31.80
C GLU B 81 -27.85 -12.28 32.58
N ASP B 82 -28.41 -12.92 33.61
CA ASP B 82 -29.45 -12.28 34.40
C ASP B 82 -29.01 -10.94 34.94
N PHE B 83 -27.78 -10.91 35.43
CA PHE B 83 -27.19 -9.70 36.00
C PHE B 83 -27.01 -8.62 34.96
N LEU B 84 -26.34 -8.97 33.86
CA LEU B 84 -26.09 -8.02 32.80
C LEU B 84 -27.36 -7.43 32.24
N ASN B 85 -28.36 -8.27 32.00
CA ASN B 85 -29.65 -7.83 31.47
C ASN B 85 -30.34 -6.86 32.43
N GLY B 86 -30.25 -7.16 33.72
CA GLY B 86 -30.84 -6.29 34.72
C GLY B 86 -30.18 -4.91 34.74
N VAL B 87 -28.86 -4.87 34.52
CA VAL B 87 -28.14 -3.61 34.51
C VAL B 87 -28.56 -2.76 33.32
N PHE B 88 -28.68 -3.37 32.15
CA PHE B 88 -29.11 -2.64 30.95
C PHE B 88 -30.53 -2.12 31.08
N THR B 89 -31.39 -2.90 31.73
CA THR B 89 -32.79 -2.52 31.91
C THR B 89 -33.00 -1.39 32.91
N ARG B 90 -32.43 -1.54 34.10
CA ARG B 90 -32.58 -0.53 35.13
C ARG B 90 -31.86 0.79 34.86
N HIS B 91 -30.70 0.72 34.20
CA HIS B 91 -29.92 1.93 33.89
C HIS B 91 -30.11 2.37 32.45
N GLY B 92 -30.93 1.63 31.72
CA GLY B 92 -31.18 1.97 30.32
C GLY B 92 -31.92 3.27 30.12
N PRO B 93 -31.88 3.82 28.90
CA PRO B 93 -31.19 3.25 27.74
C PRO B 93 -29.68 3.49 27.81
N ILE B 94 -28.88 2.46 27.53
CA ILE B 94 -27.43 2.57 27.53
C ILE B 94 -27.05 3.00 26.12
N ASP B 95 -26.33 4.11 25.99
CA ASP B 95 -25.94 4.61 24.67
C ASP B 95 -24.65 4.00 24.16
N ALA B 96 -23.70 3.80 25.05
CA ALA B 96 -22.41 3.25 24.66
C ALA B 96 -21.84 2.36 25.74
N VAL B 97 -21.07 1.36 25.30
CA VAL B 97 -20.43 0.43 26.21
C VAL B 97 -18.92 0.60 26.08
N VAL B 98 -18.23 0.65 27.21
CA VAL B 98 -16.77 0.73 27.19
C VAL B 98 -16.37 -0.55 27.91
N HIS B 99 -15.92 -1.52 27.13
CA HIS B 99 -15.56 -2.86 27.64
C HIS B 99 -14.11 -2.96 28.09
N MET B 100 -13.89 -2.85 29.40
CA MET B 100 -12.55 -2.89 29.95
C MET B 100 -12.26 -4.12 30.83
N CYS B 101 -13.26 -4.96 31.08
CA CYS B 101 -13.01 -6.12 31.92
C CYS B 101 -12.23 -7.24 31.22
N ALA B 102 -11.40 -7.94 32.00
CA ALA B 102 -10.58 -9.05 31.47
C ALA B 102 -9.53 -9.45 32.47
N PHE B 103 -8.81 -10.51 32.16
CA PHE B 103 -7.67 -10.98 32.95
C PHE B 103 -6.54 -10.54 32.04
N LEU B 104 -5.46 -10.01 32.60
CA LEU B 104 -4.39 -9.49 31.75
C LEU B 104 -2.94 -9.79 32.09
N ALA B 105 -2.69 -10.92 32.73
CA ALA B 105 -1.31 -11.28 33.06
C ALA B 105 -0.82 -12.19 31.92
N VAL B 106 -0.09 -11.60 30.97
CA VAL B 106 0.42 -12.36 29.83
C VAL B 106 1.10 -13.66 30.23
N GLY B 107 1.94 -13.61 31.25
CA GLY B 107 2.63 -14.80 31.70
C GLY B 107 1.68 -15.89 32.18
N GLU B 108 0.63 -15.48 32.90
CA GLU B 108 -0.36 -16.43 33.40
C GLU B 108 -1.23 -17.01 32.30
N SER B 109 -1.48 -16.24 31.24
CA SER B 109 -2.32 -16.74 30.16
C SER B 109 -1.68 -17.92 29.45
N VAL B 110 -0.35 -17.93 29.40
CA VAL B 110 0.37 -19.03 28.76
C VAL B 110 0.22 -20.32 29.58
N ARG B 111 0.24 -20.19 30.90
CA ARG B 111 0.11 -21.34 31.81
C ARG B 111 -1.33 -21.80 31.99
N ASP B 112 -2.28 -20.89 31.84
CA ASP B 112 -3.69 -21.22 32.02
C ASP B 112 -4.55 -20.50 30.97
N PRO B 113 -4.49 -20.97 29.70
CA PRO B 113 -5.23 -20.42 28.56
C PRO B 113 -6.74 -20.35 28.73
N LEU B 114 -7.35 -21.45 29.20
CA LEU B 114 -8.81 -21.50 29.36
C LEU B 114 -9.38 -20.44 30.27
N LYS B 115 -8.61 -20.01 31.26
CA LYS B 115 -9.07 -18.97 32.18
C LYS B 115 -9.21 -17.65 31.42
N TYR B 116 -8.29 -17.43 30.49
CA TYR B 116 -8.29 -16.24 29.67
C TYR B 116 -9.27 -16.28 28.51
N TYR B 117 -9.38 -17.41 27.84
CA TYR B 117 -10.31 -17.50 26.73
C TYR B 117 -11.73 -17.38 27.28
N ASP B 118 -11.98 -17.98 28.42
CA ASP B 118 -13.31 -17.91 29.02
C ASP B 118 -13.69 -16.46 29.37
N ASN B 119 -12.96 -15.88 30.31
CA ASN B 119 -13.27 -14.51 30.72
C ASN B 119 -13.17 -13.47 29.62
N ASN B 120 -12.05 -13.48 28.90
CA ASN B 120 -11.86 -12.48 27.86
C ASN B 120 -12.74 -12.62 26.63
N VAL B 121 -12.93 -13.84 26.13
CA VAL B 121 -13.75 -14.03 24.94
C VAL B 121 -15.24 -14.15 25.24
N VAL B 122 -15.61 -14.88 26.29
CA VAL B 122 -17.02 -15.02 26.61
C VAL B 122 -17.55 -13.70 27.16
N GLY B 123 -16.68 -12.93 27.81
CA GLY B 123 -17.09 -11.65 28.35
C GLY B 123 -17.54 -10.67 27.29
N ILE B 124 -16.75 -10.54 26.21
CA ILE B 124 -17.10 -9.62 25.14
C ILE B 124 -18.28 -10.16 24.34
N LEU B 125 -18.42 -11.48 24.28
CA LEU B 125 -19.54 -12.11 23.57
C LEU B 125 -20.85 -11.72 24.25
N ARG B 126 -20.90 -11.82 25.57
CA ARG B 126 -22.11 -11.50 26.32
C ARG B 126 -22.50 -10.04 26.19
N LEU B 127 -21.51 -9.16 26.19
CA LEU B 127 -21.75 -7.73 26.05
C LEU B 127 -22.31 -7.40 24.68
N LEU B 128 -21.76 -8.03 23.64
CA LEU B 128 -22.24 -7.81 22.29
C LEU B 128 -23.66 -8.32 22.14
N GLN B 129 -23.96 -9.44 22.79
CA GLN B 129 -25.31 -10.02 22.72
C GLN B 129 -26.30 -9.11 23.47
N ALA B 130 -25.86 -8.53 24.58
CA ALA B 130 -26.71 -7.65 25.38
C ALA B 130 -26.98 -6.36 24.62
N MET B 131 -25.95 -5.84 23.95
CA MET B 131 -26.09 -4.61 23.17
C MET B 131 -27.15 -4.80 22.09
N LEU B 132 -27.12 -5.95 21.44
CA LEU B 132 -28.06 -6.28 20.39
C LEU B 132 -29.47 -6.34 20.97
N LEU B 133 -29.61 -7.06 22.07
CA LEU B 133 -30.89 -7.22 22.75
C LEU B 133 -31.46 -5.90 23.24
N HIS B 134 -30.62 -5.02 23.77
CA HIS B 134 -31.09 -3.74 24.30
C HIS B 134 -30.93 -2.54 23.39
N LYS B 135 -30.73 -2.80 22.11
CA LYS B 135 -30.60 -1.74 21.14
C LYS B 135 -29.47 -0.74 21.38
N CYS B 136 -28.30 -1.22 21.81
CA CYS B 136 -27.15 -0.35 22.02
C CYS B 136 -26.23 -0.59 20.81
N ASP B 137 -25.85 0.49 20.12
CA ASP B 137 -25.04 0.34 18.91
C ASP B 137 -23.64 0.94 18.96
N LYS B 138 -23.12 1.20 20.15
CA LYS B 138 -21.79 1.77 20.28
C LYS B 138 -20.93 1.12 21.36
N ILE B 139 -19.73 0.71 20.96
CA ILE B 139 -18.81 0.07 21.91
C ILE B 139 -17.36 0.47 21.70
N ILE B 140 -16.67 0.72 22.83
CA ILE B 140 -15.25 1.06 22.81
C ILE B 140 -14.63 -0.13 23.54
N PHE B 141 -13.69 -0.82 22.90
CA PHE B 141 -13.07 -2.01 23.48
C PHE B 141 -11.60 -1.83 23.85
N SER B 142 -11.24 -2.32 25.04
CA SER B 142 -9.87 -2.25 25.53
C SER B 142 -9.04 -3.36 24.90
N SER B 143 -8.30 -3.04 23.84
CA SER B 143 -7.46 -4.04 23.21
C SER B 143 -6.03 -3.87 23.72
N SER B 144 -5.08 -4.57 23.10
CA SER B 144 -3.70 -4.53 23.54
C SER B 144 -2.66 -4.71 22.45
N ALA B 145 -1.45 -4.25 22.74
CA ALA B 145 -0.32 -4.38 21.83
C ALA B 145 0.04 -5.87 21.71
N ALA B 146 -0.46 -6.67 22.64
CA ALA B 146 -0.21 -8.12 22.65
C ALA B 146 -0.76 -8.85 21.41
N ILE B 147 -1.66 -8.21 20.67
CA ILE B 147 -2.23 -8.84 19.48
C ILE B 147 -1.21 -8.89 18.34
N PHE B 148 -0.17 -8.05 18.42
CA PHE B 148 0.84 -8.00 17.38
C PHE B 148 1.94 -9.06 17.49
N GLY B 149 2.43 -9.29 18.71
CA GLY B 149 3.49 -10.27 18.89
C GLY B 149 4.75 -9.78 18.22
N ASN B 150 5.64 -10.69 17.83
CA ASN B 150 6.88 -10.31 17.17
C ASN B 150 6.70 -10.16 15.66
N PRO B 151 7.56 -9.37 15.02
CA PRO B 151 7.49 -9.15 13.57
C PRO B 151 7.94 -10.41 12.83
N THR B 152 7.38 -10.64 11.64
CA THR B 152 7.78 -11.78 10.84
C THR B 152 9.10 -11.35 10.20
N MET B 153 10.22 -11.79 10.78
CA MET B 153 11.53 -11.41 10.27
C MET B 153 11.59 -9.90 9.98
N THR B 158 15.53 -4.92 8.29
CA THR B 158 14.72 -5.11 9.47
C THR B 158 14.23 -3.77 10.05
N ASN B 159 15.00 -3.20 10.98
CA ASN B 159 14.65 -1.91 11.60
C ASN B 159 13.41 -1.99 12.50
N ALA B 160 13.64 -1.98 13.83
CA ALA B 160 12.54 -2.03 14.80
C ALA B 160 11.91 -0.65 14.92
N GLU B 161 10.73 -0.48 14.31
CA GLU B 161 10.03 0.80 14.29
C GLU B 161 8.66 0.73 14.97
N PRO B 162 8.14 1.88 15.46
CA PRO B 162 6.82 1.87 16.11
C PRO B 162 5.80 1.10 15.27
N ILE B 163 4.95 0.35 15.94
CA ILE B 163 3.94 -0.48 15.29
C ILE B 163 2.69 0.24 14.81
N ASP B 164 2.40 0.04 13.53
CA ASP B 164 1.25 0.60 12.83
C ASP B 164 -0.02 -0.18 13.18
N ILE B 165 -1.17 0.49 13.16
CA ILE B 165 -2.44 -0.17 13.49
C ILE B 165 -2.72 -1.42 12.68
N ASN B 166 -2.28 -1.44 11.42
CA ASN B 166 -2.53 -2.59 10.57
C ASN B 166 -1.35 -3.54 10.40
N ALA B 167 -0.41 -3.52 11.34
CA ALA B 167 0.73 -4.42 11.26
C ALA B 167 0.20 -5.84 11.45
N LYS B 168 0.94 -6.83 10.96
CA LYS B 168 0.52 -8.23 11.08
C LYS B 168 0.26 -8.64 12.53
N LYS B 169 -0.78 -9.45 12.72
CA LYS B 169 -1.15 -9.93 14.06
C LYS B 169 -0.62 -11.33 14.28
N SER B 170 0.40 -11.46 15.15
CA SER B 170 0.99 -12.75 15.48
C SER B 170 1.12 -12.84 16.99
N PRO B 171 -0.02 -13.01 17.69
CA PRO B 171 -0.03 -13.11 19.16
C PRO B 171 0.99 -14.11 19.70
N GLU B 172 1.72 -13.67 20.72
CA GLU B 172 2.73 -14.49 21.36
C GLU B 172 2.17 -15.16 22.63
N SER B 173 0.92 -14.89 22.95
CA SER B 173 0.30 -15.48 24.13
C SER B 173 -1.22 -15.63 24.00
N PRO B 174 -1.83 -16.49 24.84
CA PRO B 174 -3.28 -16.67 24.78
C PRO B 174 -4.00 -15.36 25.10
N TYR B 175 -3.37 -14.52 25.93
CA TYR B 175 -3.95 -13.22 26.27
C TYR B 175 -4.10 -12.41 24.97
N GLY B 176 -3.04 -12.37 24.17
CA GLY B 176 -3.07 -11.66 22.91
C GLY B 176 -4.12 -12.24 21.97
N GLU B 177 -4.23 -13.56 21.95
CA GLU B 177 -5.21 -14.24 21.08
C GLU B 177 -6.64 -13.87 21.47
N SER B 178 -6.89 -13.76 22.78
CA SER B 178 -8.22 -13.43 23.28
C SER B 178 -8.63 -12.01 22.91
N LYS B 179 -7.67 -11.10 22.87
CA LYS B 179 -7.94 -9.72 22.51
C LYS B 179 -8.17 -9.61 21.01
N LEU B 180 -7.41 -10.39 20.24
CA LEU B 180 -7.54 -10.39 18.80
C LEU B 180 -8.88 -10.95 18.33
N ILE B 181 -9.33 -12.06 18.92
CA ILE B 181 -10.61 -12.63 18.52
C ILE B 181 -11.75 -11.67 18.87
N ALA B 182 -11.59 -10.92 19.96
CA ALA B 182 -12.61 -9.96 20.35
C ALA B 182 -12.74 -8.88 19.27
N GLU B 183 -11.61 -8.46 18.70
CA GLU B 183 -11.64 -7.45 17.64
C GLU B 183 -12.36 -7.97 16.39
N ARG B 184 -12.17 -9.23 16.06
CA ARG B 184 -12.81 -9.80 14.89
C ARG B 184 -14.30 -9.97 15.13
N MET B 185 -14.69 -10.26 16.37
CA MET B 185 -16.09 -10.40 16.70
C MET B 185 -16.80 -9.04 16.60
N ILE B 186 -16.15 -8.01 17.13
CA ILE B 186 -16.71 -6.66 17.10
C ILE B 186 -16.83 -6.18 15.66
N ARG B 187 -15.78 -6.42 14.87
CA ARG B 187 -15.77 -6.04 13.46
C ARG B 187 -16.95 -6.68 12.71
N ASP B 188 -17.15 -7.98 12.91
CA ASP B 188 -18.23 -8.70 12.23
C ASP B 188 -19.61 -8.22 12.66
N CYS B 189 -19.72 -7.66 13.86
CA CYS B 189 -20.99 -7.14 14.35
C CYS B 189 -21.34 -5.82 13.69
N ALA B 190 -20.33 -5.11 13.20
CA ALA B 190 -20.54 -3.83 12.54
C ALA B 190 -21.28 -4.12 11.24
N GLU B 191 -20.68 -5.01 10.46
CA GLU B 191 -21.19 -5.45 9.18
C GLU B 191 -22.58 -6.08 9.27
N ALA B 192 -22.77 -6.92 10.28
CA ALA B 192 -24.03 -7.64 10.48
C ALA B 192 -25.16 -6.92 11.20
N TYR B 193 -24.85 -6.18 12.26
CA TYR B 193 -25.89 -5.50 13.03
C TYR B 193 -25.79 -3.98 13.08
N GLY B 194 -24.79 -3.41 12.43
CA GLY B 194 -24.63 -1.98 12.45
C GLY B 194 -24.04 -1.45 13.75
N ILE B 195 -23.41 -2.32 14.52
CA ILE B 195 -22.78 -1.90 15.76
C ILE B 195 -21.51 -1.11 15.41
N LYS B 196 -21.38 0.08 15.99
CA LYS B 196 -20.22 0.93 15.75
C LYS B 196 -19.20 0.64 16.85
N GLY B 197 -18.04 0.14 16.46
CA GLY B 197 -17.03 -0.17 17.45
C GLY B 197 -15.65 0.37 17.20
N ILE B 198 -14.96 0.67 18.30
CA ILE B 198 -13.60 1.17 18.24
C ILE B 198 -12.76 0.33 19.19
N CYS B 199 -11.67 -0.21 18.66
CA CYS B 199 -10.77 -1.02 19.44
C CYS B 199 -9.51 -0.19 19.71
N LEU B 200 -9.28 0.10 20.98
CA LEU B 200 -8.11 0.89 21.38
C LEU B 200 -7.02 -0.03 21.89
N ARG B 201 -5.93 -0.14 21.14
CA ARG B 201 -4.82 -0.98 21.56
C ARG B 201 -3.94 -0.19 22.53
N TYR B 202 -4.14 -0.37 23.83
CA TYR B 202 -3.28 0.35 24.77
C TYR B 202 -1.96 -0.39 24.71
N PHE B 203 -0.87 0.33 24.93
CA PHE B 203 0.43 -0.32 24.98
C PHE B 203 0.71 -0.51 26.47
N ASN B 204 1.83 -0.03 27.03
CA ASN B 204 2.01 -0.27 28.45
C ASN B 204 1.51 0.84 29.36
N ALA B 205 0.29 0.65 29.85
CA ALA B 205 -0.34 1.62 30.73
C ALA B 205 0.46 1.80 32.02
N CYS B 206 0.66 3.06 32.41
CA CYS B 206 1.39 3.39 33.63
C CYS B 206 1.00 4.76 34.18
N GLY B 207 1.61 5.13 35.29
CA GLY B 207 1.34 6.41 35.89
C GLY B 207 0.13 6.35 36.79
N ALA B 208 -0.23 7.50 37.33
CA ALA B 208 -1.39 7.60 38.21
C ALA B 208 -1.89 9.03 38.12
N HIS B 209 -3.17 9.24 38.46
CA HIS B 209 -3.76 10.56 38.42
C HIS B 209 -2.94 11.52 39.27
N GLU B 210 -2.82 12.77 38.80
CA GLU B 210 -2.06 13.79 39.51
C GLU B 210 -2.46 13.97 40.97
N ASP B 211 -3.72 13.65 41.30
CA ASP B 211 -4.20 13.79 42.67
C ASP B 211 -3.47 12.85 43.63
N GLY B 212 -2.89 11.78 43.09
CA GLY B 212 -2.14 10.83 43.90
C GLY B 212 -2.97 9.91 44.76
N ASP B 213 -4.28 9.83 44.48
CA ASP B 213 -5.16 8.98 45.28
C ASP B 213 -5.55 7.65 44.64
N ILE B 214 -5.34 7.50 43.33
CA ILE B 214 -5.67 6.25 42.65
C ILE B 214 -4.52 5.75 41.75
N GLY B 215 -4.37 4.43 41.67
CA GLY B 215 -3.32 3.84 40.86
C GLY B 215 -3.24 2.35 41.02
N GLU B 216 -2.15 1.75 40.53
CA GLU B 216 -1.96 0.30 40.63
C GLU B 216 -1.01 -0.04 41.78
N HIS B 217 -1.57 -0.52 42.89
CA HIS B 217 -0.77 -0.90 44.04
C HIS B 217 0.09 -2.11 43.70
N TYR B 218 1.30 -2.15 44.23
CA TYR B 218 2.23 -3.23 43.93
C TYR B 218 1.83 -4.62 44.42
N GLN B 219 1.16 -4.70 45.56
CA GLN B 219 0.79 -6.01 46.12
C GLN B 219 -0.17 -6.76 45.20
N GLY B 220 0.33 -7.86 44.60
CA GLY B 220 -0.47 -8.67 43.71
C GLY B 220 -0.36 -8.26 42.25
N SER B 221 0.47 -7.25 41.97
CA SER B 221 0.64 -6.78 40.60
C SER B 221 1.61 -7.65 39.83
N THR B 222 1.39 -7.75 38.52
CA THR B 222 2.25 -8.54 37.66
C THR B 222 3.01 -7.62 36.72
N HIS B 223 2.74 -6.31 36.81
CA HIS B 223 3.41 -5.34 35.93
C HIS B 223 4.72 -4.77 36.45
N LEU B 224 5.62 -4.52 35.51
CA LEU B 224 6.96 -4.01 35.79
C LEU B 224 7.11 -2.86 36.79
N ILE B 225 6.62 -1.67 36.45
CA ILE B 225 6.76 -0.52 37.32
C ILE B 225 6.15 -0.73 38.71
N PRO B 226 4.91 -1.23 38.81
CA PRO B 226 4.37 -1.43 40.16
C PRO B 226 5.27 -2.37 40.98
N ILE B 227 5.84 -3.39 40.32
CA ILE B 227 6.71 -4.32 41.01
C ILE B 227 8.01 -3.64 41.45
N ILE B 228 8.59 -2.81 40.60
CA ILE B 228 9.82 -2.08 40.94
C ILE B 228 9.56 -1.19 42.16
N LEU B 229 8.50 -0.40 42.11
CA LEU B 229 8.16 0.50 43.21
C LEU B 229 7.85 -0.28 44.48
N GLY B 230 7.35 -1.50 44.31
CA GLY B 230 7.06 -2.34 45.45
C GLY B 230 8.35 -2.79 46.13
N ARG B 231 9.41 -2.95 45.33
CA ARG B 231 10.69 -3.36 45.87
C ARG B 231 11.24 -2.20 46.72
N VAL B 232 10.95 -0.97 46.30
CA VAL B 232 11.40 0.21 47.02
C VAL B 232 10.61 0.31 48.32
N MET B 233 9.31 0.00 48.24
CA MET B 233 8.43 0.05 49.41
C MET B 233 8.79 -0.98 50.47
N SER B 234 8.88 -2.24 50.04
CA SER B 234 9.19 -3.35 50.95
C SER B 234 10.42 -3.06 51.78
N ASP B 235 11.40 -2.41 51.16
CA ASP B 235 12.64 -2.08 51.84
C ASP B 235 12.41 -1.00 52.89
N ILE B 236 11.49 -0.09 52.61
CA ILE B 236 11.17 1.01 53.51
C ILE B 236 9.92 0.71 54.35
N ALA B 237 8.76 0.66 53.70
CA ALA B 237 7.50 0.37 54.38
C ALA B 237 7.54 -1.02 55.01
N ASP B 251 15.11 -13.89 46.68
CA ASP B 251 15.75 -12.64 47.06
C ASP B 251 14.70 -11.54 47.17
N LYS B 252 15.16 -10.35 47.53
CA LYS B 252 14.31 -9.19 47.62
C LYS B 252 14.70 -8.35 46.39
N ARG B 253 15.57 -8.93 45.56
CA ARG B 253 16.06 -8.28 44.35
C ARG B 253 15.05 -8.19 43.21
N MET B 254 15.12 -7.11 42.46
CA MET B 254 14.21 -6.89 41.34
C MET B 254 14.59 -7.81 40.19
N PRO B 255 13.69 -8.70 39.78
CA PRO B 255 14.01 -9.62 38.69
C PRO B 255 13.78 -9.04 37.30
N ILE B 256 14.74 -9.26 36.41
CA ILE B 256 14.66 -8.81 35.01
C ILE B 256 14.38 -10.09 34.22
N PHE B 257 13.20 -10.19 33.61
CA PHE B 257 12.84 -11.39 32.86
C PHE B 257 13.42 -11.45 31.45
N GLY B 258 14.54 -12.15 31.31
CA GLY B 258 15.18 -12.28 30.00
C GLY B 258 16.13 -11.14 29.64
N THR B 259 17.36 -11.48 29.29
CA THR B 259 18.37 -10.49 28.92
C THR B 259 18.98 -10.86 27.56
N ASP B 260 18.37 -11.83 26.88
CA ASP B 260 18.85 -12.31 25.58
C ASP B 260 17.90 -12.02 24.43
N TYR B 261 17.12 -10.95 24.56
CA TYR B 261 16.19 -10.58 23.51
C TYR B 261 16.89 -9.82 22.40
N PRO B 262 16.32 -9.83 21.19
CA PRO B 262 16.87 -9.15 20.01
C PRO B 262 16.72 -7.63 20.11
N THR B 263 17.10 -7.07 21.26
CA THR B 263 17.00 -5.62 21.46
C THR B 263 18.38 -5.03 21.80
N PRO B 264 18.52 -3.70 21.72
CA PRO B 264 19.80 -3.04 22.00
C PRO B 264 20.50 -3.50 23.28
N ASP B 265 19.79 -3.60 24.41
CA ASP B 265 20.45 -4.05 25.64
C ASP B 265 20.04 -5.46 26.08
N GLY B 266 19.28 -6.15 25.24
CA GLY B 266 18.87 -7.51 25.56
C GLY B 266 17.58 -7.69 26.31
N THR B 267 17.01 -6.61 26.83
CA THR B 267 15.76 -6.70 27.58
C THR B 267 14.61 -6.15 26.75
N CYS B 268 13.40 -6.61 27.05
CA CYS B 268 12.20 -6.19 26.34
C CYS B 268 12.00 -4.69 26.33
N VAL B 269 11.59 -4.16 25.19
CA VAL B 269 11.33 -2.73 25.02
C VAL B 269 9.82 -2.53 24.96
N ARG B 270 9.34 -1.54 25.71
CA ARG B 270 7.92 -1.25 25.76
C ARG B 270 7.66 0.25 25.65
N ASP B 271 6.41 0.60 25.38
CA ASP B 271 5.96 1.97 25.21
C ASP B 271 5.05 2.28 26.40
N TYR B 272 5.55 3.06 27.35
CA TYR B 272 4.78 3.39 28.54
C TYR B 272 3.93 4.65 28.38
N VAL B 273 2.62 4.44 28.31
CA VAL B 273 1.65 5.51 28.11
C VAL B 273 0.84 5.77 29.39
N HIS B 274 0.75 7.04 29.78
CA HIS B 274 0.04 7.43 30.99
C HIS B 274 -1.46 7.12 30.92
N VAL B 275 -1.99 6.54 32.01
CA VAL B 275 -3.40 6.19 32.10
C VAL B 275 -4.35 7.37 31.90
N CYS B 276 -3.88 8.59 32.17
CA CYS B 276 -4.72 9.77 31.98
C CYS B 276 -4.80 10.11 30.50
N ASP B 277 -3.76 9.77 29.74
CA ASP B 277 -3.78 10.04 28.32
C ASP B 277 -4.65 8.98 27.65
N LEU B 278 -4.65 7.76 28.19
CA LEU B 278 -5.47 6.69 27.66
C LEU B 278 -6.92 7.09 27.91
N ALA B 279 -7.19 7.65 29.08
CA ALA B 279 -8.54 8.08 29.44
C ALA B 279 -9.09 9.13 28.46
N SER B 280 -8.29 10.13 28.11
CA SER B 280 -8.76 11.16 27.19
C SER B 280 -9.04 10.58 25.81
N ALA B 281 -8.32 9.52 25.44
CA ALA B 281 -8.51 8.88 24.14
C ALA B 281 -9.90 8.23 24.06
N HIS B 282 -10.39 7.71 25.18
CA HIS B 282 -11.70 7.05 25.25
C HIS B 282 -12.80 8.08 25.09
N ILE B 283 -12.59 9.27 25.65
CA ILE B 283 -13.59 10.32 25.56
C ILE B 283 -13.67 10.76 24.10
N LEU B 284 -12.52 10.83 23.43
CA LEU B 284 -12.47 11.21 22.03
C LEU B 284 -13.09 10.11 21.18
N ALA B 285 -12.88 8.86 21.59
CA ALA B 285 -13.43 7.73 20.85
C ALA B 285 -14.95 7.72 20.96
N LEU B 286 -15.47 8.04 22.14
CA LEU B 286 -16.91 8.09 22.35
C LEU B 286 -17.53 9.14 21.44
N ASP B 287 -16.86 10.28 21.31
CA ASP B 287 -17.38 11.34 20.47
C ASP B 287 -17.37 10.90 19.01
N TYR B 288 -16.32 10.17 18.62
CA TYR B 288 -16.21 9.71 17.25
C TYR B 288 -17.34 8.79 16.83
N VAL B 289 -17.66 7.78 17.65
CA VAL B 289 -18.75 6.86 17.30
C VAL B 289 -20.12 7.53 17.37
N GLU B 290 -20.28 8.45 18.32
CA GLU B 290 -21.56 9.12 18.46
C GLU B 290 -21.92 9.97 17.24
N LYS B 291 -20.91 10.45 16.53
CA LYS B 291 -21.13 11.29 15.35
C LYS B 291 -21.29 10.49 14.06
N LEU B 292 -21.09 9.17 14.14
CA LEU B 292 -21.22 8.33 12.96
C LEU B 292 -22.68 8.19 12.56
N GLY B 293 -22.90 8.16 11.24
CA GLY B 293 -24.25 8.01 10.70
C GLY B 293 -24.29 7.03 9.53
N PRO B 294 -25.50 6.71 9.01
CA PRO B 294 -25.72 5.80 7.90
C PRO B 294 -24.75 5.87 6.72
N ASN B 295 -24.23 7.07 6.42
CA ASN B 295 -23.30 7.24 5.33
C ASN B 295 -21.88 6.76 5.68
N ASP B 296 -21.60 6.64 6.97
CA ASP B 296 -20.27 6.25 7.43
C ASP B 296 -20.11 4.77 7.75
N LYS B 297 -20.61 3.90 6.87
CA LYS B 297 -20.52 2.47 7.09
C LYS B 297 -19.09 1.97 7.22
N SER B 298 -18.20 2.48 6.38
CA SER B 298 -16.79 2.07 6.39
C SER B 298 -16.07 2.48 7.65
N LYS B 299 -16.71 3.34 8.43
CA LYS B 299 -16.14 3.84 9.67
C LYS B 299 -16.83 3.26 10.90
N TYR B 300 -17.70 2.27 10.69
CA TYR B 300 -18.36 1.66 11.83
C TYR B 300 -17.40 0.85 12.68
N PHE B 301 -16.35 0.32 12.07
CA PHE B 301 -15.34 -0.41 12.82
C PHE B 301 -13.98 0.26 12.63
N SER B 302 -13.38 0.69 13.74
CA SER B 302 -12.09 1.37 13.69
C SER B 302 -11.14 0.89 14.79
N VAL B 303 -9.85 0.99 14.54
CA VAL B 303 -8.83 0.58 15.52
C VAL B 303 -7.77 1.68 15.64
N PHE B 304 -7.23 1.85 16.85
CA PHE B 304 -6.21 2.86 17.09
C PHE B 304 -5.18 2.33 18.09
N ASN B 305 -3.90 2.60 17.82
CA ASN B 305 -2.82 2.19 18.72
C ASN B 305 -2.51 3.37 19.63
N LEU B 306 -2.56 3.15 20.94
CA LEU B 306 -2.29 4.22 21.90
C LEU B 306 -0.97 4.05 22.65
N GLY B 307 0.01 4.87 22.29
CA GLY B 307 1.31 4.84 22.93
C GLY B 307 2.00 6.18 22.78
N THR B 308 3.18 6.34 23.37
CA THR B 308 3.92 7.59 23.25
C THR B 308 4.88 7.56 22.06
N SER B 309 5.04 6.39 21.45
CA SER B 309 5.94 6.22 20.31
C SER B 309 7.39 6.13 20.79
N ARG B 310 7.61 6.27 22.10
CA ARG B 310 8.94 6.16 22.68
C ARG B 310 9.06 4.79 23.34
N GLY B 311 10.22 4.17 23.22
CA GLY B 311 10.42 2.88 23.86
C GLY B 311 11.49 2.92 24.93
N TYR B 312 11.27 2.14 25.99
CA TYR B 312 12.23 2.02 27.09
C TYR B 312 12.39 0.54 27.39
N SER B 313 13.63 0.08 27.55
CA SER B 313 13.89 -1.32 27.85
C SER B 313 13.65 -1.51 29.34
N VAL B 314 13.63 -2.75 29.80
CA VAL B 314 13.42 -3.02 31.21
C VAL B 314 14.53 -2.36 32.02
N ARG B 315 15.75 -2.44 31.53
CA ARG B 315 16.91 -1.83 32.20
C ARG B 315 16.73 -0.32 32.35
N GLU B 316 16.29 0.34 31.27
CA GLU B 316 16.07 1.78 31.26
C GLU B 316 14.95 2.22 32.21
N VAL B 317 13.90 1.41 32.31
CA VAL B 317 12.78 1.71 33.20
C VAL B 317 13.27 1.67 34.64
N ILE B 318 14.06 0.66 34.98
CA ILE B 318 14.59 0.53 36.33
C ILE B 318 15.50 1.71 36.67
N GLU B 319 16.27 2.11 35.67
CA GLU B 319 17.17 3.25 35.79
C GLU B 319 16.36 4.53 36.12
N VAL B 320 15.20 4.71 35.47
CA VAL B 320 14.34 5.87 35.71
C VAL B 320 13.74 5.79 37.11
N ALA B 321 13.37 4.59 37.55
CA ALA B 321 12.79 4.40 38.87
C ALA B 321 13.81 4.75 39.95
N ARG B 322 15.08 4.39 39.71
CA ARG B 322 16.15 4.69 40.67
C ARG B 322 16.28 6.19 40.89
N LYS B 323 16.31 6.94 39.81
CA LYS B 323 16.42 8.38 39.92
C LYS B 323 15.16 8.97 40.56
N THR B 324 14.00 8.49 40.15
CA THR B 324 12.73 9.01 40.66
C THR B 324 12.57 8.80 42.17
N THR B 325 12.93 7.61 42.63
CA THR B 325 12.80 7.24 44.04
C THR B 325 14.02 7.52 44.90
N GLY B 326 15.20 7.37 44.31
CA GLY B 326 16.42 7.58 45.05
C GLY B 326 16.87 6.30 45.74
N HIS B 327 16.20 5.20 45.42
CA HIS B 327 16.53 3.90 46.01
C HIS B 327 17.44 3.14 45.05
N PRO B 328 18.43 2.41 45.58
CA PRO B 328 19.38 1.62 44.79
C PRO B 328 18.72 0.64 43.83
N ILE B 329 17.64 0.02 44.30
CA ILE B 329 16.89 -0.98 43.52
C ILE B 329 17.80 -2.06 42.93
N PRO B 330 18.41 -2.89 43.79
CA PRO B 330 19.30 -3.98 43.38
C PRO B 330 18.57 -4.92 42.44
N VAL B 331 19.27 -5.47 41.47
CA VAL B 331 18.62 -6.34 40.49
C VAL B 331 19.23 -7.75 40.36
N ARG B 332 18.47 -8.66 39.76
CA ARG B 332 18.93 -10.02 39.51
C ARG B 332 18.35 -10.46 38.16
N GLU B 333 19.21 -10.79 37.21
CA GLU B 333 18.77 -11.20 35.89
C GLU B 333 18.23 -12.63 35.89
N CYS B 334 17.05 -12.81 35.32
CA CYS B 334 16.39 -14.10 35.25
C CYS B 334 16.11 -14.48 33.81
N GLY B 335 15.49 -15.64 33.63
CA GLY B 335 15.15 -16.09 32.29
C GLY B 335 13.89 -15.41 31.79
N ARG B 336 13.63 -15.55 30.49
CA ARG B 336 12.46 -14.97 29.86
C ARG B 336 11.14 -15.40 30.49
N ARG B 337 10.16 -14.52 30.43
CA ARG B 337 8.83 -14.86 30.91
C ARG B 337 8.12 -15.22 29.61
N GLU B 338 7.74 -16.48 29.45
CA GLU B 338 7.06 -16.89 28.21
C GLU B 338 5.80 -16.09 27.89
N GLY B 339 5.69 -15.70 26.62
CA GLY B 339 4.54 -14.94 26.17
C GLY B 339 4.92 -13.50 25.81
N ASP B 340 6.15 -13.12 26.15
CA ASP B 340 6.63 -11.76 25.89
C ASP B 340 7.30 -11.49 24.55
N PRO B 341 6.78 -10.49 23.79
CA PRO B 341 7.37 -10.14 22.50
C PRO B 341 8.60 -9.31 22.89
N ALA B 342 9.61 -9.26 22.03
CA ALA B 342 10.81 -8.51 22.33
C ALA B 342 10.60 -7.00 22.33
N TYR B 343 9.81 -6.52 21.39
CA TYR B 343 9.59 -5.09 21.24
C TYR B 343 8.15 -4.72 20.93
N LEU B 344 7.63 -3.74 21.65
CA LEU B 344 6.27 -3.26 21.46
C LEU B 344 6.19 -1.76 21.70
N VAL B 345 6.30 -0.99 20.63
CA VAL B 345 6.24 0.48 20.68
C VAL B 345 5.18 0.90 19.65
N ALA B 346 4.37 1.89 20.01
CA ALA B 346 3.29 2.33 19.15
C ALA B 346 3.48 3.55 18.24
N ALA B 347 2.91 3.44 17.05
CA ALA B 347 2.88 4.54 16.09
C ALA B 347 1.43 4.97 16.29
N SER B 348 1.21 6.20 16.75
CA SER B 348 -0.15 6.65 17.00
C SER B 348 -0.65 7.73 16.07
N ASP B 349 -0.24 7.65 14.81
CA ASP B 349 -0.63 8.61 13.79
C ASP B 349 -2.14 8.72 13.62
N LYS B 350 -2.82 7.59 13.44
CA LYS B 350 -4.27 7.60 13.27
C LYS B 350 -5.00 8.16 14.49
N ALA B 351 -4.58 7.76 15.69
CA ALA B 351 -5.25 8.28 16.89
C ALA B 351 -5.13 9.79 16.93
N ARG B 352 -3.94 10.29 16.62
CA ARG B 352 -3.68 11.73 16.62
C ARG B 352 -4.43 12.43 15.50
N GLU B 353 -4.37 11.87 14.29
CA GLU B 353 -5.02 12.43 13.11
C GLU B 353 -6.55 12.31 13.04
N VAL B 354 -7.09 11.16 13.41
CA VAL B 354 -8.54 10.93 13.35
C VAL B 354 -9.29 11.29 14.64
N LEU B 355 -8.75 10.90 15.79
CA LEU B 355 -9.41 11.21 17.05
C LEU B 355 -8.99 12.55 17.63
N GLY B 356 -7.84 13.04 17.17
CA GLY B 356 -7.34 14.31 17.67
C GLY B 356 -6.73 14.12 19.05
N TRP B 357 -6.20 12.92 19.29
CA TRP B 357 -5.60 12.57 20.56
C TRP B 357 -4.29 13.33 20.78
N LYS B 358 -4.18 13.97 21.94
CA LYS B 358 -2.97 14.72 22.25
C LYS B 358 -2.50 14.35 23.64
N PRO B 359 -1.57 13.39 23.72
CA PRO B 359 -1.01 12.91 24.99
C PRO B 359 -0.24 14.01 25.69
N LYS B 360 -0.45 14.16 27.00
CA LYS B 360 0.25 15.19 27.76
C LYS B 360 1.57 14.68 28.33
N TYR B 361 1.70 13.37 28.46
CA TYR B 361 2.94 12.78 28.98
C TYR B 361 3.74 12.15 27.85
N ASP B 362 5.01 12.52 27.77
CA ASP B 362 5.89 11.99 26.72
C ASP B 362 6.94 11.07 27.31
N THR B 363 7.87 11.64 28.07
CA THR B 363 8.94 10.86 28.68
C THR B 363 8.48 10.15 29.94
N LEU B 364 9.18 9.07 30.26
CA LEU B 364 8.85 8.23 31.40
C LEU B 364 9.11 8.89 32.76
N GLU B 365 10.03 9.85 32.81
CA GLU B 365 10.34 10.53 34.06
C GLU B 365 9.10 11.13 34.71
N ALA B 366 8.35 11.92 33.94
CA ALA B 366 7.13 12.56 34.43
C ALA B 366 6.07 11.53 34.82
N ILE B 367 5.95 10.48 34.01
CA ILE B 367 4.98 9.42 34.25
C ILE B 367 5.33 8.70 35.56
N MET B 368 6.60 8.30 35.67
CA MET B 368 7.11 7.60 36.85
C MET B 368 6.89 8.42 38.12
N GLU B 369 7.00 9.74 37.98
CA GLU B 369 6.80 10.62 39.12
C GLU B 369 5.38 10.47 39.68
N THR B 370 4.38 10.38 38.80
CA THR B 370 3.00 10.22 39.25
C THR B 370 2.76 8.83 39.85
N SER B 371 3.44 7.82 39.31
CA SER B 371 3.32 6.45 39.83
C SER B 371 3.90 6.37 41.23
N TRP B 372 5.06 7.00 41.42
CA TRP B 372 5.71 6.99 42.72
C TRP B 372 4.93 7.79 43.76
N LYS B 373 4.38 8.93 43.36
CA LYS B 373 3.59 9.78 44.25
C LYS B 373 2.43 8.97 44.84
N PHE B 374 1.75 8.19 44.01
CA PHE B 374 0.64 7.37 44.46
C PHE B 374 1.13 6.24 45.37
N GLN B 375 2.11 5.46 44.89
CA GLN B 375 2.60 4.33 45.67
C GLN B 375 3.23 4.67 47.02
N ARG B 376 4.11 5.66 47.05
CA ARG B 376 4.75 5.99 48.32
C ARG B 376 3.76 6.42 49.40
N THR B 377 2.61 6.97 48.99
CA THR B 377 1.62 7.40 49.97
C THR B 377 0.60 6.31 50.27
N HIS B 378 0.73 5.16 49.61
CA HIS B 378 -0.19 4.04 49.84
C HIS B 378 0.53 2.73 50.15
N PRO B 379 1.13 2.63 51.34
CA PRO B 379 1.86 1.42 51.75
C PRO B 379 0.98 0.17 51.74
N ASN B 380 -0.32 0.37 51.93
CA ASN B 380 -1.25 -0.75 51.97
C ASN B 380 -2.32 -0.64 50.89
N GLY B 381 -2.00 0.06 49.80
CA GLY B 381 -2.96 0.24 48.73
C GLY B 381 -4.13 1.06 49.23
N TYR B 382 -5.34 0.72 48.78
CA TYR B 382 -6.54 1.43 49.22
C TYR B 382 -6.97 0.95 50.61
N ALA B 383 -6.49 -0.23 51.00
CA ALA B 383 -6.81 -0.81 52.29
C ALA B 383 -6.51 0.18 53.42
N SER C 1 -12.29 40.67 -28.87
CA SER C 1 -10.94 40.95 -29.46
C SER C 1 -10.41 39.71 -30.16
N HIS C 2 -10.81 39.55 -31.42
CA HIS C 2 -10.42 38.40 -32.23
C HIS C 2 -8.94 38.00 -32.14
N MET C 3 -8.72 36.69 -32.12
CA MET C 3 -7.39 36.13 -32.04
C MET C 3 -7.50 34.73 -32.64
N ARG C 4 -6.52 34.31 -33.43
CA ARG C 4 -6.57 32.98 -34.03
C ARG C 4 -5.89 32.02 -33.06
N VAL C 5 -6.67 31.07 -32.54
CA VAL C 5 -6.16 30.12 -31.55
C VAL C 5 -5.98 28.68 -32.05
N LEU C 6 -4.79 28.14 -31.84
CA LEU C 6 -4.49 26.77 -32.23
C LEU C 6 -4.63 25.90 -30.98
N VAL C 7 -5.58 24.98 -30.99
CA VAL C 7 -5.82 24.11 -29.83
C VAL C 7 -5.34 22.68 -30.06
N CYS C 8 -4.17 22.36 -29.52
CA CYS C 8 -3.61 21.02 -29.65
C CYS C 8 -4.36 20.10 -28.67
N GLY C 9 -4.83 18.97 -29.16
CA GLY C 9 -5.59 18.05 -28.32
C GLY C 9 -7.01 18.55 -28.15
N GLY C 10 -7.42 19.43 -29.07
CA GLY C 10 -8.75 20.02 -29.02
C GLY C 10 -9.94 19.10 -29.23
N ALA C 11 -9.71 17.88 -29.71
CA ALA C 11 -10.80 16.94 -29.94
C ALA C 11 -11.07 16.09 -28.70
N GLY C 12 -10.28 16.32 -27.65
CA GLY C 12 -10.42 15.56 -26.42
C GLY C 12 -11.55 15.99 -25.52
N TYR C 13 -11.60 15.38 -24.34
CA TYR C 13 -12.62 15.66 -23.34
C TYR C 13 -12.65 17.12 -22.91
N ILE C 14 -11.54 17.60 -22.35
CA ILE C 14 -11.46 18.97 -21.90
C ILE C 14 -11.37 19.92 -23.10
N GLY C 15 -10.68 19.48 -24.15
CA GLY C 15 -10.55 20.31 -25.34
C GLY C 15 -11.89 20.64 -25.99
N SER C 16 -12.78 19.65 -26.06
CA SER C 16 -14.09 19.86 -26.67
C SER C 16 -14.89 20.90 -25.90
N HIS C 17 -14.78 20.89 -24.57
CA HIS C 17 -15.49 21.86 -23.76
C HIS C 17 -14.88 23.25 -23.89
N PHE C 18 -13.56 23.31 -24.07
CA PHE C 18 -12.88 24.59 -24.23
C PHE C 18 -13.24 25.17 -25.59
N VAL C 19 -13.21 24.33 -26.62
CA VAL C 19 -13.55 24.78 -27.97
C VAL C 19 -14.98 25.34 -28.00
N ARG C 20 -15.93 24.63 -27.41
CA ARG C 20 -17.31 25.09 -27.39
C ARG C 20 -17.42 26.46 -26.74
N ALA C 21 -16.68 26.67 -25.66
CA ALA C 21 -16.69 27.95 -24.97
C ALA C 21 -16.08 29.05 -25.85
N LEU C 22 -15.06 28.68 -26.64
CA LEU C 22 -14.43 29.64 -27.55
C LEU C 22 -15.44 30.03 -28.61
N LEU C 23 -16.13 29.04 -29.17
CA LEU C 23 -17.13 29.27 -30.21
C LEU C 23 -18.37 30.02 -29.77
N ARG C 24 -18.81 29.80 -28.54
CA ARG C 24 -20.02 30.47 -28.04
C ARG C 24 -19.79 31.71 -27.21
N ASP C 25 -18.65 31.82 -26.55
CA ASP C 25 -18.40 32.98 -25.71
C ASP C 25 -17.34 33.95 -26.20
N THR C 26 -16.74 33.69 -27.36
CA THR C 26 -15.71 34.60 -27.88
C THR C 26 -15.83 34.73 -29.38
N ASN C 27 -15.03 35.61 -29.97
CA ASN C 27 -15.03 35.81 -31.41
C ASN C 27 -13.72 35.32 -32.03
N HIS C 28 -12.95 34.53 -31.26
CA HIS C 28 -11.69 34.00 -31.72
C HIS C 28 -11.90 32.96 -32.84
N SER C 29 -10.92 32.84 -33.73
CA SER C 29 -10.98 31.84 -34.80
C SER C 29 -10.30 30.61 -34.18
N VAL C 30 -10.86 29.43 -34.39
CA VAL C 30 -10.33 28.22 -33.79
C VAL C 30 -9.83 27.16 -34.77
N VAL C 31 -8.60 26.71 -34.54
CA VAL C 31 -7.99 25.66 -35.34
C VAL C 31 -7.62 24.54 -34.37
N ILE C 32 -8.15 23.35 -34.62
CA ILE C 32 -7.87 22.21 -33.76
C ILE C 32 -6.87 21.27 -34.42
N VAL C 33 -5.87 20.83 -33.66
CA VAL C 33 -4.89 19.88 -34.15
C VAL C 33 -4.96 18.71 -33.19
N ASP C 34 -5.33 17.54 -33.70
CA ASP C 34 -5.47 16.37 -32.85
C ASP C 34 -5.21 15.12 -33.71
N SER C 35 -4.52 14.14 -33.12
CA SER C 35 -4.20 12.90 -33.82
C SER C 35 -5.36 11.90 -33.71
N LEU C 36 -6.30 12.21 -32.83
CA LEU C 36 -7.47 11.37 -32.57
C LEU C 36 -7.08 10.07 -31.87
N VAL C 37 -5.90 10.03 -31.27
CA VAL C 37 -5.43 8.85 -30.57
C VAL C 37 -6.23 8.67 -29.28
N GLY C 38 -6.76 9.77 -28.76
CA GLY C 38 -7.54 9.71 -27.53
C GLY C 38 -9.04 9.76 -27.78
N THR C 39 -9.44 9.67 -29.05
CA THR C 39 -10.86 9.71 -29.39
C THR C 39 -11.26 8.53 -30.29
N HIS C 40 -10.53 7.43 -30.16
CA HIS C 40 -10.82 6.22 -30.94
C HIS C 40 -10.70 6.46 -32.44
N GLY C 41 -9.91 7.45 -32.81
CA GLY C 41 -9.72 7.76 -34.21
C GLY C 41 -10.92 8.41 -34.89
N LYS C 42 -11.88 8.87 -34.11
CA LYS C 42 -13.08 9.51 -34.66
C LYS C 42 -13.22 10.94 -34.20
N SER C 43 -13.96 11.74 -34.97
CA SER C 43 -14.17 13.15 -34.66
C SER C 43 -15.58 13.66 -34.93
N ASP C 44 -16.56 12.76 -34.86
CA ASP C 44 -17.96 13.11 -35.09
C ASP C 44 -18.47 14.17 -34.13
N HIS C 45 -17.87 14.22 -32.94
CA HIS C 45 -18.25 15.16 -31.90
C HIS C 45 -17.63 16.53 -32.06
N VAL C 46 -16.56 16.63 -32.87
CA VAL C 46 -15.88 17.90 -33.06
C VAL C 46 -16.77 18.87 -33.81
N GLU C 47 -16.83 20.11 -33.34
CA GLU C 47 -17.69 21.10 -33.97
C GLU C 47 -17.08 21.73 -35.21
N THR C 48 -16.88 20.90 -36.23
CA THR C 48 -16.34 21.35 -37.51
C THR C 48 -17.51 21.96 -38.27
N ARG C 49 -17.28 22.40 -39.50
CA ARG C 49 -18.39 22.97 -40.23
C ARG C 49 -19.39 21.90 -40.68
N GLU C 50 -18.90 20.72 -41.03
CA GLU C 50 -19.78 19.63 -41.48
C GLU C 50 -20.68 19.09 -40.34
N ASN C 51 -20.16 19.14 -39.11
CA ASN C 51 -20.87 18.65 -37.93
C ASN C 51 -21.84 19.69 -37.40
N VAL C 52 -21.42 20.95 -37.45
CA VAL C 52 -22.30 22.02 -37.02
C VAL C 52 -23.45 22.10 -38.04
N ALA C 53 -23.13 21.95 -39.33
CA ALA C 53 -24.12 22.00 -40.39
C ALA C 53 -25.12 20.84 -40.26
N ARG C 54 -24.59 19.62 -40.16
CA ARG C 54 -25.42 18.43 -40.02
C ARG C 54 -26.33 18.49 -38.80
N LYS C 55 -25.84 19.09 -37.72
CA LYS C 55 -26.65 19.24 -36.52
C LYS C 55 -27.74 20.27 -36.75
N LEU C 56 -27.36 21.35 -37.42
CA LEU C 56 -28.23 22.46 -37.75
C LEU C 56 -29.39 22.03 -38.65
N GLN C 57 -29.15 21.05 -39.52
CA GLN C 57 -30.16 20.56 -40.44
C GLN C 57 -31.11 19.55 -39.78
N GLN C 58 -30.85 19.20 -38.53
CA GLN C 58 -31.67 18.23 -37.83
C GLN C 58 -32.81 18.86 -37.02
N SER C 59 -32.84 20.18 -36.93
CA SER C 59 -33.88 20.88 -36.18
C SER C 59 -34.28 22.17 -36.91
N ASP C 60 -35.57 22.48 -36.88
CA ASP C 60 -36.09 23.66 -37.55
C ASP C 60 -36.20 24.85 -36.60
N GLY C 61 -36.78 25.93 -37.08
CA GLY C 61 -36.97 27.13 -36.29
C GLY C 61 -35.73 28.01 -36.15
N PRO C 62 -35.82 29.09 -35.35
CA PRO C 62 -34.70 30.02 -35.13
C PRO C 62 -33.61 29.32 -34.30
N LYS C 63 -32.37 29.77 -34.45
CA LYS C 63 -31.27 29.18 -33.72
C LYS C 63 -30.49 30.23 -32.94
N PRO C 64 -29.66 29.81 -31.97
CA PRO C 64 -28.87 30.72 -31.16
C PRO C 64 -27.84 31.45 -32.04
N PRO C 65 -27.34 32.61 -31.57
CA PRO C 65 -26.36 33.38 -32.34
C PRO C 65 -25.10 32.59 -32.71
N TRP C 66 -24.72 31.64 -31.85
CA TRP C 66 -23.53 30.81 -32.06
C TRP C 66 -23.81 29.54 -32.84
N ALA C 67 -25.05 29.37 -33.29
CA ALA C 67 -25.45 28.17 -34.01
C ALA C 67 -24.59 27.77 -35.22
N ASP C 68 -24.04 28.75 -35.93
CA ASP C 68 -23.23 28.45 -37.11
C ASP C 68 -21.71 28.63 -36.93
N ARG C 69 -21.28 28.72 -35.67
CA ARG C 69 -19.88 28.87 -35.32
C ARG C 69 -19.20 27.53 -35.45
N TYR C 70 -17.94 27.52 -35.90
CA TYR C 70 -17.27 26.24 -36.03
C TYR C 70 -15.76 26.38 -35.98
N ALA C 71 -15.08 25.25 -35.83
CA ALA C 71 -13.63 25.24 -35.77
C ALA C 71 -13.06 24.38 -36.90
N ALA C 72 -11.85 24.69 -37.31
CA ALA C 72 -11.18 23.91 -38.35
C ALA C 72 -10.53 22.74 -37.62
N LEU C 73 -10.42 21.60 -38.30
CA LEU C 73 -9.82 20.42 -37.70
C LEU C 73 -8.69 19.87 -38.57
N GLU C 74 -7.49 19.82 -37.99
CA GLU C 74 -6.31 19.28 -38.66
C GLU C 74 -5.97 17.98 -37.94
N VAL C 75 -6.08 16.86 -38.63
CA VAL C 75 -5.79 15.56 -38.00
C VAL C 75 -4.35 15.13 -38.21
N GLY C 76 -3.60 15.03 -37.11
CA GLY C 76 -2.20 14.62 -37.18
C GLY C 76 -1.52 14.76 -35.83
N ASP C 77 -0.31 14.24 -35.74
CA ASP C 77 0.48 14.29 -34.51
C ASP C 77 1.32 15.57 -34.46
N VAL C 78 1.28 16.29 -33.35
CA VAL C 78 2.05 17.52 -33.23
C VAL C 78 3.56 17.24 -33.33
N ARG C 79 3.98 16.01 -33.04
CA ARG C 79 5.38 15.62 -33.09
C ARG C 79 5.85 15.47 -34.54
N ASN C 80 4.90 15.50 -35.46
CA ASN C 80 5.21 15.39 -36.89
C ASN C 80 5.47 16.82 -37.40
N GLU C 81 6.74 17.16 -37.57
CA GLU C 81 7.18 18.49 -38.03
C GLU C 81 6.59 19.07 -39.32
N ASP C 82 6.55 18.29 -40.38
CA ASP C 82 5.97 18.78 -41.64
C ASP C 82 4.50 19.07 -41.45
N PHE C 83 3.84 18.22 -40.66
CA PHE C 83 2.41 18.41 -40.40
C PHE C 83 2.19 19.68 -39.59
N LEU C 84 2.88 19.80 -38.46
CA LEU C 84 2.73 20.96 -37.62
C LEU C 84 3.04 22.26 -38.36
N ASN C 85 4.13 22.27 -39.13
CA ASN C 85 4.51 23.47 -39.88
C ASN C 85 3.44 23.83 -40.90
N GLY C 86 2.90 22.83 -41.55
CA GLY C 86 1.86 23.08 -42.53
C GLY C 86 0.64 23.70 -41.89
N VAL C 87 0.30 23.27 -40.67
CA VAL C 87 -0.86 23.81 -39.96
C VAL C 87 -0.64 25.29 -39.63
N PHE C 88 0.55 25.63 -39.13
CA PHE C 88 0.86 27.02 -38.79
C PHE C 88 0.85 27.91 -40.03
N THR C 89 1.34 27.37 -41.14
CA THR C 89 1.42 28.12 -42.39
C THR C 89 0.06 28.37 -43.03
N ARG C 90 -0.73 27.32 -43.17
CA ARG C 90 -2.05 27.40 -43.80
C ARG C 90 -3.14 28.09 -42.97
N HIS C 91 -3.01 28.07 -41.66
CA HIS C 91 -3.99 28.71 -40.78
C HIS C 91 -3.39 29.95 -40.13
N GLY C 92 -2.14 30.24 -40.46
CA GLY C 92 -1.48 31.39 -39.89
C GLY C 92 -2.07 32.71 -40.31
N PRO C 93 -1.76 33.81 -39.59
CA PRO C 93 -0.88 33.81 -38.41
C PRO C 93 -1.59 33.27 -37.16
N ILE C 94 -0.92 32.39 -36.43
CA ILE C 94 -1.49 31.83 -35.20
C ILE C 94 -1.09 32.80 -34.08
N ASP C 95 -2.07 33.31 -33.35
CA ASP C 95 -1.78 34.26 -32.27
C ASP C 95 -1.45 33.59 -30.94
N ALA C 96 -2.15 32.50 -30.64
CA ALA C 96 -1.94 31.80 -29.40
C ALA C 96 -2.12 30.30 -29.56
N VAL C 97 -1.38 29.56 -28.75
CA VAL C 97 -1.45 28.11 -28.77
C VAL C 97 -1.98 27.65 -27.41
N VAL C 98 -2.92 26.72 -27.44
CA VAL C 98 -3.44 26.13 -26.21
C VAL C 98 -3.07 24.66 -26.34
N HIS C 99 -2.02 24.28 -25.61
CA HIS C 99 -1.47 22.92 -25.66
C HIS C 99 -2.14 21.95 -24.70
N MET C 100 -3.08 21.16 -25.22
CA MET C 100 -3.81 20.20 -24.40
C MET C 100 -3.54 18.73 -24.72
N CYS C 101 -2.77 18.44 -25.76
CA CYS C 101 -2.50 17.05 -26.10
C CYS C 101 -1.52 16.36 -25.15
N ALA C 102 -1.73 15.08 -24.91
CA ALA C 102 -0.88 14.29 -24.03
C ALA C 102 -1.51 12.95 -23.67
N PHE C 103 -0.76 12.12 -22.96
CA PHE C 103 -1.26 10.83 -22.47
C PHE C 103 -1.41 11.18 -21.01
N LEU C 104 -2.49 10.74 -20.36
CA LEU C 104 -2.71 11.13 -18.97
C LEU C 104 -3.17 10.08 -17.95
N ALA C 105 -2.80 8.82 -18.18
CA ALA C 105 -3.18 7.78 -17.23
C ALA C 105 -2.01 7.64 -16.25
N VAL C 106 -2.12 8.27 -15.08
CA VAL C 106 -1.06 8.22 -14.08
C VAL C 106 -0.55 6.82 -13.81
N GLY C 107 -1.48 5.87 -13.67
CA GLY C 107 -1.09 4.49 -13.40
C GLY C 107 -0.28 3.89 -14.52
N GLU C 108 -0.65 4.20 -15.76
CA GLU C 108 0.08 3.69 -16.92
C GLU C 108 1.45 4.33 -17.10
N SER C 109 1.60 5.59 -16.68
CA SER C 109 2.88 6.27 -16.84
C SER C 109 3.96 5.60 -16.00
N VAL C 110 3.57 5.06 -14.85
CA VAL C 110 4.51 4.37 -13.97
C VAL C 110 5.02 3.08 -14.61
N ARG C 111 4.14 2.38 -15.31
CA ARG C 111 4.48 1.12 -15.98
C ARG C 111 5.19 1.31 -17.32
N ASP C 112 4.92 2.45 -17.97
CA ASP C 112 5.52 2.72 -19.27
C ASP C 112 5.91 4.19 -19.39
N PRO C 113 6.98 4.62 -18.68
CA PRO C 113 7.50 5.99 -18.65
C PRO C 113 7.84 6.60 -20.00
N LEU C 114 8.56 5.85 -20.84
CA LEU C 114 8.99 6.35 -22.13
C LEU C 114 7.85 6.78 -23.05
N LYS C 115 6.70 6.13 -22.91
CA LYS C 115 5.55 6.50 -23.73
C LYS C 115 5.10 7.90 -23.35
N TYR C 116 5.16 8.20 -22.06
CA TYR C 116 4.76 9.50 -21.54
C TYR C 116 5.81 10.59 -21.74
N TYR C 117 7.07 10.28 -21.52
CA TYR C 117 8.11 11.27 -21.71
C TYR C 117 8.17 11.65 -23.18
N ASP C 118 8.00 10.67 -24.06
CA ASP C 118 8.03 10.95 -25.48
C ASP C 118 6.89 11.88 -25.89
N ASN C 119 5.66 11.41 -25.76
CA ASN C 119 4.51 12.21 -26.17
C ASN C 119 4.36 13.53 -25.42
N ASN C 120 4.43 13.47 -24.09
CA ASN C 120 4.25 14.67 -23.30
C ASN C 120 5.37 15.69 -23.37
N VAL C 121 6.62 15.25 -23.34
CA VAL C 121 7.74 16.19 -23.39
C VAL C 121 8.15 16.59 -24.81
N VAL C 122 8.19 15.62 -25.73
CA VAL C 122 8.56 15.97 -27.10
C VAL C 122 7.43 16.76 -27.77
N GLY C 123 6.20 16.51 -27.33
CA GLY C 123 5.07 17.23 -27.90
C GLY C 123 5.14 18.73 -27.63
N ILE C 124 5.40 19.10 -26.38
CA ILE C 124 5.49 20.51 -26.03
C ILE C 124 6.75 21.14 -26.63
N LEU C 125 7.80 20.34 -26.78
CA LEU C 125 9.04 20.83 -27.37
C LEU C 125 8.78 21.27 -28.82
N ARG C 126 8.08 20.43 -29.58
CA ARG C 126 7.80 20.73 -30.98
C ARG C 126 6.92 21.97 -31.15
N LEU C 127 5.94 22.15 -30.27
CA LEU C 127 5.08 23.32 -30.35
C LEU C 127 5.87 24.60 -30.04
N LEU C 128 6.73 24.53 -29.03
CA LEU C 128 7.53 25.69 -28.67
C LEU C 128 8.48 26.04 -29.81
N GLN C 129 9.01 25.03 -30.49
CA GLN C 129 9.91 25.27 -31.61
C GLN C 129 9.13 25.87 -32.78
N ALA C 130 7.91 25.39 -33.00
CA ALA C 130 7.06 25.90 -34.09
C ALA C 130 6.65 27.34 -33.81
N MET C 131 6.33 27.64 -32.56
CA MET C 131 5.93 28.99 -32.18
C MET C 131 7.07 29.96 -32.49
N LEU C 132 8.29 29.56 -32.17
CA LEU C 132 9.46 30.39 -32.41
C LEU C 132 9.64 30.61 -33.91
N LEU C 133 9.53 29.52 -34.67
CA LEU C 133 9.68 29.57 -36.12
C LEU C 133 8.60 30.41 -36.80
N HIS C 134 7.36 30.33 -36.32
CA HIS C 134 6.26 31.08 -36.91
C HIS C 134 5.87 32.37 -36.20
N LYS C 135 6.75 32.88 -35.35
CA LYS C 135 6.47 34.13 -34.65
C LYS C 135 5.21 34.13 -33.80
N CYS C 136 4.97 33.06 -33.05
CA CYS C 136 3.82 33.00 -32.16
C CYS C 136 4.41 33.17 -30.76
N ASP C 137 3.93 34.14 -29.99
CA ASP C 137 4.49 34.40 -28.66
C ASP C 137 3.55 34.17 -27.48
N LYS C 138 2.48 33.41 -27.68
CA LYS C 138 1.54 33.15 -26.59
C LYS C 138 1.12 31.69 -26.49
N ILE C 139 1.25 31.11 -25.30
CA ILE C 139 0.85 29.72 -25.09
C ILE C 139 0.20 29.47 -23.73
N ILE C 140 -0.89 28.70 -23.75
CA ILE C 140 -1.59 28.30 -22.53
C ILE C 140 -1.36 26.78 -22.48
N PHE C 141 -0.77 26.30 -21.40
CA PHE C 141 -0.44 24.87 -21.28
C PHE C 141 -1.29 24.13 -20.24
N SER C 142 -1.74 22.93 -20.61
CA SER C 142 -2.54 22.09 -19.71
C SER C 142 -1.62 21.35 -18.75
N SER C 143 -1.48 21.87 -17.54
CA SER C 143 -0.63 21.20 -16.56
C SER C 143 -1.53 20.40 -15.63
N SER C 144 -0.95 19.87 -14.55
CA SER C 144 -1.72 19.04 -13.63
C SER C 144 -1.28 19.11 -12.17
N ALA C 145 -2.20 18.72 -11.28
CA ALA C 145 -1.94 18.68 -9.85
C ALA C 145 -0.88 17.59 -9.57
N ALA C 146 -0.67 16.70 -10.55
CA ALA C 146 0.31 15.62 -10.43
C ALA C 146 1.75 16.11 -10.27
N ILE C 147 2.02 17.37 -10.59
CA ILE C 147 3.38 17.90 -10.45
C ILE C 147 3.75 18.08 -8.98
N PHE C 148 2.76 18.17 -8.11
CA PHE C 148 3.00 18.37 -6.69
C PHE C 148 3.35 17.11 -5.90
N GLY C 149 2.63 16.03 -6.15
CA GLY C 149 2.90 14.80 -5.44
C GLY C 149 2.53 14.93 -3.98
N ASN C 150 3.16 14.11 -3.14
CA ASN C 150 2.93 14.11 -1.70
C ASN C 150 3.74 15.19 -0.98
N PRO C 151 3.25 15.65 0.17
CA PRO C 151 3.92 16.68 0.97
C PRO C 151 5.32 16.21 1.38
N THR C 152 6.27 17.14 1.40
CA THR C 152 7.64 16.82 1.78
C THR C 152 7.68 16.16 3.17
N MET C 153 7.90 14.85 3.19
CA MET C 153 7.96 14.11 4.45
C MET C 153 9.11 13.11 4.45
N ASN C 159 -0.29 18.38 7.90
CA ASN C 159 -1.69 18.63 7.58
C ASN C 159 -1.97 18.49 6.09
N ALA C 160 -3.23 18.69 5.71
CA ALA C 160 -3.65 18.60 4.32
C ALA C 160 -4.47 19.84 3.96
N GLU C 161 -3.77 20.87 3.50
CA GLU C 161 -4.42 22.13 3.13
C GLU C 161 -4.46 22.26 1.62
N PRO C 162 -5.37 23.09 1.09
CA PRO C 162 -5.44 23.27 -0.36
C PRO C 162 -4.04 23.66 -0.83
N ILE C 163 -3.62 23.08 -1.94
CA ILE C 163 -2.29 23.33 -2.48
C ILE C 163 -2.14 24.65 -3.25
N ASP C 164 -1.13 25.44 -2.91
CA ASP C 164 -0.93 26.70 -3.58
C ASP C 164 -0.04 26.54 -4.81
N ILE C 165 -0.07 27.52 -5.71
CA ILE C 165 0.71 27.48 -6.94
C ILE C 165 2.19 27.22 -6.76
N ASN C 166 2.76 27.73 -5.68
CA ASN C 166 4.19 27.55 -5.47
C ASN C 166 4.59 26.49 -4.45
N ALA C 167 3.71 25.54 -4.17
CA ALA C 167 4.03 24.47 -3.24
C ALA C 167 5.14 23.64 -3.87
N LYS C 168 5.91 22.94 -3.04
CA LYS C 168 7.01 22.11 -3.55
C LYS C 168 6.54 21.09 -4.58
N LYS C 169 7.36 20.87 -5.61
CA LYS C 169 7.04 19.92 -6.67
C LYS C 169 7.77 18.60 -6.44
N SER C 170 7.01 17.55 -6.11
CA SER C 170 7.60 16.23 -5.87
C SER C 170 6.72 15.20 -6.58
N PRO C 171 6.78 15.16 -7.91
CA PRO C 171 5.99 14.25 -8.73
C PRO C 171 6.05 12.80 -8.23
N GLU C 172 4.89 12.19 -8.14
CA GLU C 172 4.78 10.81 -7.68
C GLU C 172 4.72 9.83 -8.87
N SER C 173 4.75 10.37 -10.09
CA SER C 173 4.67 9.54 -11.29
C SER C 173 5.35 10.19 -12.49
N PRO C 174 5.69 9.39 -13.52
CA PRO C 174 6.34 9.93 -14.72
C PRO C 174 5.42 10.94 -15.41
N TYR C 175 4.10 10.74 -15.29
CA TYR C 175 3.15 11.66 -15.87
C TYR C 175 3.37 13.04 -15.25
N GLY C 176 3.46 13.07 -13.92
CA GLY C 176 3.69 14.31 -13.21
C GLY C 176 5.02 14.94 -13.61
N GLU C 177 6.03 14.10 -13.79
CA GLU C 177 7.36 14.59 -14.18
C GLU C 177 7.32 15.25 -15.56
N SER C 178 6.58 14.65 -16.47
CA SER C 178 6.47 15.16 -17.83
C SER C 178 5.77 16.52 -17.89
N LYS C 179 4.82 16.73 -16.98
CA LYS C 179 4.10 18.01 -16.94
C LYS C 179 4.99 19.07 -16.31
N LEU C 180 5.77 18.66 -15.31
CA LEU C 180 6.67 19.59 -14.63
C LEU C 180 7.81 20.07 -15.55
N ILE C 181 8.40 19.16 -16.31
CA ILE C 181 9.48 19.57 -17.20
C ILE C 181 8.95 20.51 -18.28
N ALA C 182 7.71 20.30 -18.69
CA ALA C 182 7.10 21.16 -19.70
C ALA C 182 7.00 22.59 -19.14
N GLU C 183 6.66 22.73 -17.86
CA GLU C 183 6.55 24.05 -17.24
C GLU C 183 7.93 24.73 -17.20
N ARG C 184 8.97 23.94 -16.97
CA ARG C 184 10.35 24.41 -16.91
C ARG C 184 10.78 24.94 -18.27
N MET C 185 10.39 24.21 -19.30
CA MET C 185 10.73 24.56 -20.67
C MET C 185 10.02 25.84 -21.11
N ILE C 186 8.73 25.94 -20.80
CA ILE C 186 7.95 27.12 -21.16
C ILE C 186 8.49 28.35 -20.43
N ARG C 187 8.80 28.20 -19.15
CA ARG C 187 9.36 29.28 -18.34
C ARG C 187 10.65 29.80 -18.97
N ASP C 188 11.56 28.90 -19.31
CA ASP C 188 12.84 29.29 -19.90
C ASP C 188 12.69 29.98 -21.26
N CYS C 189 11.59 29.69 -21.96
CA CYS C 189 11.36 30.30 -23.26
C CYS C 189 10.88 31.73 -23.11
N ALA C 190 10.34 32.06 -21.94
CA ALA C 190 9.87 33.41 -21.68
C ALA C 190 11.09 34.33 -21.63
N GLU C 191 12.03 34.03 -20.75
CA GLU C 191 13.23 34.83 -20.62
C GLU C 191 14.06 34.82 -21.90
N ALA C 192 14.20 33.67 -22.54
CA ALA C 192 15.01 33.57 -23.75
C ALA C 192 14.43 34.13 -25.04
N TYR C 193 13.16 33.87 -25.30
CA TYR C 193 12.56 34.33 -26.55
C TYR C 193 11.38 35.28 -26.40
N GLY C 194 11.01 35.61 -25.16
CA GLY C 194 9.88 36.50 -24.96
C GLY C 194 8.52 35.82 -25.14
N ILE C 195 8.51 34.50 -25.07
CA ILE C 195 7.25 33.78 -25.19
C ILE C 195 6.46 33.95 -23.90
N LYS C 196 5.21 34.37 -24.02
CA LYS C 196 4.33 34.58 -22.87
C LYS C 196 3.57 33.28 -22.62
N GLY C 197 3.79 32.68 -21.46
CA GLY C 197 3.09 31.43 -21.19
C GLY C 197 2.38 31.33 -19.86
N ILE C 198 1.28 30.60 -19.87
CA ILE C 198 0.50 30.36 -18.66
C ILE C 198 0.29 28.86 -18.54
N CYS C 199 0.64 28.33 -17.36
CA CYS C 199 0.47 26.92 -17.09
C CYS C 199 -0.71 26.77 -16.14
N LEU C 200 -1.76 26.12 -16.60
CA LEU C 200 -2.95 25.92 -15.80
C LEU C 200 -2.94 24.50 -15.21
N ARG C 201 -2.80 24.41 -13.90
CA ARG C 201 -2.79 23.10 -13.25
C ARG C 201 -4.22 22.67 -12.98
N TYR C 202 -4.79 21.83 -13.84
CA TYR C 202 -6.15 21.41 -13.58
C TYR C 202 -6.03 20.35 -12.51
N PHE C 203 -7.03 20.27 -11.64
CA PHE C 203 -7.01 19.23 -10.65
C PHE C 203 -7.85 18.08 -11.23
N ASN C 204 -8.89 17.59 -10.57
CA ASN C 204 -9.64 16.51 -11.22
C ASN C 204 -10.82 16.93 -12.07
N ALA C 205 -10.57 17.05 -13.37
CA ALA C 205 -11.61 17.46 -14.31
C ALA C 205 -12.76 16.47 -14.35
N CYS C 206 -13.98 16.99 -14.35
CA CYS C 206 -15.17 16.14 -14.39
C CYS C 206 -16.38 16.95 -14.86
N GLY C 207 -17.51 16.26 -14.95
CA GLY C 207 -18.73 16.90 -15.41
C GLY C 207 -18.82 16.86 -16.91
N ALA C 208 -19.87 17.48 -17.44
CA ALA C 208 -20.09 17.54 -18.87
C ALA C 208 -20.91 18.77 -19.15
N HIS C 209 -20.85 19.26 -20.38
CA HIS C 209 -21.59 20.44 -20.78
C HIS C 209 -23.09 20.22 -20.48
N GLU C 210 -23.77 21.28 -20.07
CA GLU C 210 -25.20 21.21 -19.74
C GLU C 210 -26.05 20.65 -20.88
N ASP C 211 -25.60 20.80 -22.11
CA ASP C 211 -26.35 20.28 -23.26
C ASP C 211 -26.48 18.75 -23.21
N GLY C 212 -25.56 18.10 -22.51
CA GLY C 212 -25.59 16.64 -22.39
C GLY C 212 -25.13 15.87 -23.61
N ASP C 213 -24.50 16.55 -24.56
CA ASP C 213 -24.05 15.90 -25.79
C ASP C 213 -22.57 15.55 -25.84
N ILE C 214 -21.76 16.14 -24.96
CA ILE C 214 -20.32 15.84 -24.95
C ILE C 214 -19.80 15.53 -23.54
N GLY C 215 -18.83 14.62 -23.46
CA GLY C 215 -18.26 14.25 -22.17
C GLY C 215 -17.28 13.10 -22.29
N GLU C 216 -16.91 12.52 -21.14
CA GLU C 216 -15.98 11.40 -21.12
C GLU C 216 -16.71 10.07 -20.97
N HIS C 217 -16.84 9.33 -22.07
CA HIS C 217 -17.52 8.03 -22.06
C HIS C 217 -16.70 7.06 -21.23
N TYR C 218 -17.39 6.17 -20.50
CA TYR C 218 -16.71 5.23 -19.62
C TYR C 218 -15.85 4.19 -20.31
N GLN C 219 -16.20 3.80 -21.53
CA GLN C 219 -15.43 2.81 -22.24
C GLN C 219 -14.01 3.25 -22.49
N GLY C 220 -13.08 2.53 -21.90
CA GLY C 220 -11.68 2.86 -22.11
C GLY C 220 -11.17 3.96 -21.21
N SER C 221 -12.01 4.44 -20.30
CA SER C 221 -11.61 5.51 -19.39
C SER C 221 -10.82 4.95 -18.20
N THR C 222 -9.90 5.75 -17.69
CA THR C 222 -9.10 5.35 -16.54
C THR C 222 -9.48 6.21 -15.33
N HIS C 223 -10.40 7.15 -15.52
CA HIS C 223 -10.81 8.04 -14.44
C HIS C 223 -11.97 7.56 -13.59
N LEU C 224 -11.89 7.88 -12.30
CA LEU C 224 -12.89 7.48 -11.30
C LEU C 224 -14.37 7.59 -11.64
N ILE C 225 -14.87 8.81 -11.79
CA ILE C 225 -16.28 9.00 -12.08
C ILE C 225 -16.75 8.30 -13.37
N PRO C 226 -16.03 8.46 -14.49
CA PRO C 226 -16.51 7.75 -15.68
C PRO C 226 -16.61 6.23 -15.43
N ILE C 227 -15.66 5.70 -14.67
CA ILE C 227 -15.67 4.28 -14.37
C ILE C 227 -16.86 3.91 -13.47
N ILE C 228 -17.15 4.73 -12.46
CA ILE C 228 -18.29 4.48 -11.59
C ILE C 228 -19.58 4.48 -12.40
N LEU C 229 -19.78 5.50 -13.23
CA LEU C 229 -20.98 5.60 -14.05
C LEU C 229 -21.06 4.45 -15.05
N GLY C 230 -19.90 3.95 -15.45
CA GLY C 230 -19.86 2.82 -16.37
C GLY C 230 -20.37 1.56 -15.67
N ARG C 231 -20.12 1.45 -14.37
CA ARG C 231 -20.57 0.30 -13.61
C ARG C 231 -22.10 0.34 -13.52
N VAL C 232 -22.66 1.56 -13.47
CA VAL C 232 -24.10 1.73 -13.41
C VAL C 232 -24.69 1.39 -14.78
N MET C 233 -23.99 1.78 -15.84
CA MET C 233 -24.44 1.48 -17.20
C MET C 233 -24.49 -0.03 -17.41
N SER C 234 -23.59 -0.75 -16.74
CA SER C 234 -23.56 -2.21 -16.83
C SER C 234 -24.73 -2.79 -16.02
N ASP C 235 -25.12 -2.06 -14.97
CA ASP C 235 -26.22 -2.47 -14.11
C ASP C 235 -27.58 -2.23 -14.80
N ILE C 236 -27.59 -1.29 -15.75
CA ILE C 236 -28.79 -0.96 -16.49
C ILE C 236 -29.01 -2.01 -17.58
N ALA C 237 -27.90 -2.45 -18.18
CA ALA C 237 -27.93 -3.45 -19.25
C ALA C 237 -28.63 -4.74 -18.80
N PRO C 238 -29.25 -5.46 -19.76
CA PRO C 238 -29.95 -6.72 -19.49
C PRO C 238 -29.01 -7.79 -18.92
N ASP C 239 -29.58 -8.74 -18.17
CA ASP C 239 -28.81 -9.82 -17.55
C ASP C 239 -27.59 -10.20 -18.38
N ALA C 248 -17.78 -17.34 -17.08
CA ALA C 248 -17.28 -16.44 -16.04
C ALA C 248 -17.70 -15.00 -16.33
N SER C 249 -18.51 -14.42 -15.44
CA SER C 249 -18.98 -13.05 -15.60
C SER C 249 -17.98 -12.03 -15.07
N THR C 250 -18.25 -10.76 -15.35
CA THR C 250 -17.39 -9.66 -14.91
C THR C 250 -17.82 -9.18 -13.53
N ASP C 251 -16.85 -9.04 -12.64
CA ASP C 251 -17.11 -8.55 -11.29
C ASP C 251 -17.45 -7.07 -11.44
N LYS C 252 -18.74 -6.75 -11.40
CA LYS C 252 -19.18 -5.37 -11.58
C LYS C 252 -19.04 -4.47 -10.35
N ARG C 253 -18.42 -4.98 -9.30
CA ARG C 253 -18.22 -4.18 -8.10
C ARG C 253 -17.25 -3.05 -8.38
N MET C 254 -17.55 -1.87 -7.85
CA MET C 254 -16.73 -0.70 -8.04
C MET C 254 -15.43 -0.77 -7.22
N PRO C 255 -14.28 -0.86 -7.90
CA PRO C 255 -12.95 -0.94 -7.30
C PRO C 255 -12.51 0.34 -6.61
N ILE C 256 -11.97 0.19 -5.42
CA ILE C 256 -11.43 1.34 -4.69
C ILE C 256 -9.93 1.07 -4.60
N PHE C 257 -9.11 1.87 -5.28
CA PHE C 257 -7.67 1.66 -5.26
C PHE C 257 -7.01 2.20 -4.01
N GLY C 258 -6.85 1.33 -3.01
CA GLY C 258 -6.21 1.72 -1.79
C GLY C 258 -7.12 2.28 -0.71
N THR C 259 -6.98 1.74 0.49
CA THR C 259 -7.80 2.18 1.60
C THR C 259 -6.95 2.49 2.83
N ASP C 260 -5.63 2.52 2.69
CA ASP C 260 -4.75 2.79 3.84
C ASP C 260 -4.00 4.12 3.74
N TYR C 261 -4.48 5.01 2.87
CA TYR C 261 -3.83 6.30 2.68
C TYR C 261 -3.96 7.17 3.92
N PRO C 262 -3.03 8.13 4.10
CA PRO C 262 -3.00 9.05 5.24
C PRO C 262 -4.14 10.07 5.17
N THR C 263 -5.36 9.61 4.89
CA THR C 263 -6.51 10.51 4.79
C THR C 263 -7.59 10.11 5.80
N PRO C 264 -8.57 10.99 6.04
CA PRO C 264 -9.63 10.71 6.99
C PRO C 264 -10.30 9.33 6.87
N ASP C 265 -10.65 8.91 5.66
CA ASP C 265 -11.26 7.58 5.52
C ASP C 265 -10.37 6.55 4.83
N GLY C 266 -9.10 6.90 4.62
CA GLY C 266 -8.18 5.97 4.02
C GLY C 266 -8.07 5.96 2.50
N THR C 267 -8.97 6.66 1.82
CA THR C 267 -8.93 6.70 0.36
C THR C 267 -8.47 8.06 -0.13
N CYS C 268 -7.91 8.09 -1.34
CA CYS C 268 -7.40 9.33 -1.92
C CYS C 268 -8.44 10.44 -1.98
N VAL C 269 -8.01 11.66 -1.66
CA VAL C 269 -8.88 12.83 -1.70
C VAL C 269 -8.50 13.65 -2.92
N ARG C 270 -9.51 14.10 -3.67
CA ARG C 270 -9.27 14.87 -4.87
C ARG C 270 -10.22 16.07 -4.93
N ASP C 271 -9.90 17.01 -5.80
CA ASP C 271 -10.66 18.24 -6.01
C ASP C 271 -11.29 18.13 -7.41
N TYR C 272 -12.60 17.87 -7.46
CA TYR C 272 -13.30 17.72 -8.72
C TYR C 272 -13.85 19.04 -9.27
N VAL C 273 -13.22 19.51 -10.35
CA VAL C 273 -13.57 20.78 -10.99
C VAL C 273 -14.25 20.55 -12.34
N HIS C 274 -15.37 21.22 -12.55
CA HIS C 274 -16.14 21.07 -13.79
C HIS C 274 -15.37 21.56 -15.02
N VAL C 275 -15.39 20.76 -16.10
CA VAL C 275 -14.70 21.13 -17.34
C VAL C 275 -15.19 22.47 -17.93
N CYS C 276 -16.41 22.86 -17.62
CA CYS C 276 -16.89 24.14 -18.15
C CYS C 276 -16.24 25.28 -17.38
N ASP C 277 -15.89 25.04 -16.12
CA ASP C 277 -15.22 26.08 -15.34
C ASP C 277 -13.75 26.15 -15.77
N LEU C 278 -13.19 24.99 -16.14
CA LEU C 278 -11.83 24.94 -16.62
C LEU C 278 -11.78 25.70 -17.94
N ALA C 279 -12.80 25.50 -18.77
CA ALA C 279 -12.89 26.18 -20.07
C ALA C 279 -12.88 27.70 -19.92
N SER C 280 -13.68 28.24 -19.01
CA SER C 280 -13.74 29.69 -18.83
C SER C 280 -12.40 30.24 -18.34
N ALA C 281 -11.64 29.43 -17.63
CA ALA C 281 -10.33 29.86 -17.13
C ALA C 281 -9.34 30.06 -18.28
N HIS C 282 -9.48 29.25 -19.33
CA HIS C 282 -8.61 29.35 -20.50
C HIS C 282 -8.90 30.61 -21.29
N ILE C 283 -10.17 30.99 -21.34
CA ILE C 283 -10.56 32.19 -22.05
C ILE C 283 -10.00 33.39 -21.30
N LEU C 284 -10.02 33.33 -19.96
CA LEU C 284 -9.48 34.40 -19.14
C LEU C 284 -7.97 34.44 -19.25
N ALA C 285 -7.36 33.26 -19.39
CA ALA C 285 -5.91 33.17 -19.52
C ALA C 285 -5.48 33.77 -20.85
N LEU C 286 -6.24 33.51 -21.91
CA LEU C 286 -5.93 34.05 -23.22
C LEU C 286 -5.97 35.58 -23.20
N ASP C 287 -6.97 36.14 -22.53
CA ASP C 287 -7.12 37.58 -22.44
C ASP C 287 -5.97 38.18 -21.64
N TYR C 288 -5.48 37.43 -20.67
CA TYR C 288 -4.36 37.88 -19.85
C TYR C 288 -3.08 38.01 -20.66
N VAL C 289 -2.64 36.93 -21.31
CA VAL C 289 -1.41 36.98 -22.10
C VAL C 289 -1.51 37.95 -23.28
N GLU C 290 -2.70 38.16 -23.82
CA GLU C 290 -2.85 39.08 -24.94
C GLU C 290 -2.63 40.54 -24.53
N LYS C 291 -2.89 40.85 -23.27
CA LYS C 291 -2.73 42.20 -22.76
C LYS C 291 -1.33 42.49 -22.25
N LEU C 292 -0.47 41.48 -22.19
CA LEU C 292 0.90 41.66 -21.72
C LEU C 292 1.70 42.44 -22.76
N GLY C 293 2.55 43.35 -22.31
CA GLY C 293 3.34 44.14 -23.24
C GLY C 293 4.83 44.02 -23.06
N PRO C 294 5.61 44.68 -23.93
CA PRO C 294 7.08 44.67 -23.90
C PRO C 294 7.67 45.11 -22.56
N ASN C 295 6.85 45.66 -21.68
CA ASN C 295 7.32 46.12 -20.38
C ASN C 295 6.81 45.22 -19.26
N ASP C 296 6.09 44.17 -19.64
CA ASP C 296 5.52 43.24 -18.67
C ASP C 296 6.28 41.91 -18.67
N LYS C 297 7.54 41.97 -19.05
CA LYS C 297 8.42 40.80 -19.15
C LYS C 297 8.42 39.88 -17.91
N SER C 298 8.39 40.46 -16.72
CA SER C 298 8.42 39.67 -15.49
C SER C 298 7.14 38.86 -15.25
N LYS C 299 6.09 39.18 -16.01
CA LYS C 299 4.82 38.48 -15.89
C LYS C 299 4.57 37.59 -17.10
N TYR C 300 5.60 37.41 -17.92
CA TYR C 300 5.53 36.59 -19.12
C TYR C 300 5.29 35.10 -18.84
N PHE C 301 5.70 34.64 -17.66
CA PHE C 301 5.46 33.26 -17.27
C PHE C 301 4.67 33.23 -15.96
N SER C 302 3.50 32.61 -15.99
CA SER C 302 2.69 32.50 -14.79
C SER C 302 2.00 31.13 -14.71
N VAL C 303 1.62 30.77 -13.50
CA VAL C 303 0.97 29.49 -13.23
C VAL C 303 -0.24 29.70 -12.34
N PHE C 304 -1.26 28.87 -12.52
CA PHE C 304 -2.49 28.97 -11.74
C PHE C 304 -3.03 27.57 -11.45
N ASN C 305 -3.50 27.35 -10.22
CA ASN C 305 -4.08 26.07 -9.83
C ASN C 305 -5.58 26.19 -9.98
N LEU C 306 -6.19 25.28 -10.76
CA LEU C 306 -7.62 25.32 -10.99
C LEU C 306 -8.37 24.18 -10.30
N GLY C 307 -9.09 24.52 -9.23
CA GLY C 307 -9.88 23.54 -8.50
C GLY C 307 -11.00 24.25 -7.75
N THR C 308 -11.85 23.49 -7.07
CA THR C 308 -12.96 24.09 -6.31
C THR C 308 -12.54 24.36 -4.87
N SER C 309 -11.35 23.88 -4.52
CA SER C 309 -10.81 24.04 -3.18
C SER C 309 -11.54 23.20 -2.16
N ARG C 310 -12.40 22.30 -2.63
CA ARG C 310 -13.12 21.37 -1.77
C ARG C 310 -12.70 19.95 -2.19
N GLY C 311 -12.47 19.08 -1.22
CA GLY C 311 -12.03 17.72 -1.51
C GLY C 311 -13.02 16.63 -1.18
N TYR C 312 -13.00 15.57 -1.98
CA TYR C 312 -13.87 14.41 -1.78
C TYR C 312 -13.02 13.16 -1.91
N SER C 313 -13.20 12.23 -0.97
CA SER C 313 -12.44 10.98 -1.01
C SER C 313 -13.10 10.08 -2.03
N VAL C 314 -12.45 8.97 -2.37
CA VAL C 314 -13.02 8.04 -3.33
C VAL C 314 -14.36 7.53 -2.81
N ARG C 315 -14.44 7.27 -1.50
CA ARG C 315 -15.67 6.76 -0.89
C ARG C 315 -16.80 7.77 -1.01
N GLU C 316 -16.48 9.03 -0.77
CA GLU C 316 -17.47 10.10 -0.85
C GLU C 316 -17.97 10.32 -2.28
N VAL C 317 -17.09 10.17 -3.26
CA VAL C 317 -17.47 10.34 -4.66
C VAL C 317 -18.46 9.25 -5.04
N ILE C 318 -18.18 8.01 -4.62
CA ILE C 318 -19.05 6.90 -4.93
C ILE C 318 -20.44 7.09 -4.29
N GLU C 319 -20.48 7.63 -3.09
CA GLU C 319 -21.74 7.86 -2.43
C GLU C 319 -22.52 8.91 -3.22
N VAL C 320 -21.84 9.96 -3.68
CA VAL C 320 -22.53 10.99 -4.46
C VAL C 320 -23.11 10.37 -5.73
N ALA C 321 -22.36 9.45 -6.36
CA ALA C 321 -22.83 8.79 -7.56
C ALA C 321 -24.06 7.93 -7.27
N ARG C 322 -24.08 7.29 -6.11
CA ARG C 322 -25.20 6.46 -5.71
C ARG C 322 -26.49 7.29 -5.64
N LYS C 323 -26.40 8.45 -5.00
CA LYS C 323 -27.55 9.33 -4.84
C LYS C 323 -27.94 10.01 -6.15
N THR C 324 -26.96 10.26 -7.00
CA THR C 324 -27.24 10.88 -8.29
C THR C 324 -27.92 9.91 -9.26
N THR C 325 -27.44 8.67 -9.30
CA THR C 325 -27.97 7.66 -10.19
C THR C 325 -29.14 6.85 -9.63
N GLY C 326 -29.21 6.70 -8.32
CA GLY C 326 -30.28 5.89 -7.75
C GLY C 326 -29.97 4.41 -7.85
N HIS C 327 -28.71 4.07 -8.09
CA HIS C 327 -28.26 2.67 -8.20
C HIS C 327 -27.39 2.35 -6.96
N PRO C 328 -27.25 1.05 -6.61
CA PRO C 328 -26.47 0.55 -5.44
C PRO C 328 -24.96 0.74 -5.52
N ILE C 329 -24.42 0.51 -6.71
CA ILE C 329 -22.99 0.61 -6.98
C ILE C 329 -22.16 -0.16 -5.95
N PRO C 330 -22.25 -1.51 -5.97
CA PRO C 330 -21.51 -2.38 -5.05
C PRO C 330 -20.01 -2.09 -5.20
N VAL C 331 -19.31 -1.95 -4.08
CA VAL C 331 -17.87 -1.67 -4.12
C VAL C 331 -17.02 -2.81 -3.58
N ARG C 332 -15.75 -2.80 -3.97
CA ARG C 332 -14.79 -3.77 -3.49
C ARG C 332 -13.50 -2.99 -3.29
N GLU C 333 -12.78 -3.30 -2.22
CA GLU C 333 -11.54 -2.60 -1.91
C GLU C 333 -10.32 -3.33 -2.46
N CYS C 334 -9.47 -2.59 -3.16
CA CYS C 334 -8.26 -3.14 -3.75
C CYS C 334 -7.02 -2.42 -3.23
N GLY C 335 -5.86 -2.82 -3.72
CA GLY C 335 -4.63 -2.19 -3.31
C GLY C 335 -4.42 -0.87 -4.03
N ARG C 336 -3.51 -0.04 -3.51
CA ARG C 336 -3.20 1.26 -4.10
C ARG C 336 -2.74 1.16 -5.56
N ARG C 337 -3.06 2.17 -6.36
CA ARG C 337 -2.63 2.22 -7.76
C ARG C 337 -1.36 3.05 -7.69
N GLU C 338 -0.22 2.48 -8.07
CA GLU C 338 1.05 3.19 -8.01
C GLU C 338 1.09 4.49 -8.82
N GLY C 339 1.55 5.55 -8.17
CA GLY C 339 1.65 6.85 -8.80
C GLY C 339 0.68 7.87 -8.20
N ASP C 340 -0.20 7.39 -7.32
CA ASP C 340 -1.21 8.25 -6.68
C ASP C 340 -0.83 8.95 -5.38
N PRO C 341 -0.94 10.29 -5.35
CA PRO C 341 -0.63 11.04 -4.13
C PRO C 341 -1.87 10.84 -3.26
N ALA C 342 -1.71 10.94 -1.94
CA ALA C 342 -2.86 10.74 -1.04
C ALA C 342 -3.91 11.85 -1.12
N TYR C 343 -3.43 13.09 -1.25
CA TYR C 343 -4.33 14.24 -1.25
C TYR C 343 -3.93 15.30 -2.27
N LEU C 344 -4.92 15.76 -3.04
CA LEU C 344 -4.69 16.79 -4.04
C LEU C 344 -5.92 17.68 -4.13
N VAL C 345 -5.89 18.80 -3.42
CA VAL C 345 -6.97 19.78 -3.40
C VAL C 345 -6.33 21.14 -3.72
N ALA C 346 -7.01 21.95 -4.53
CA ALA C 346 -6.45 23.24 -4.94
C ALA C 346 -6.86 24.51 -4.20
N ALA C 347 -5.90 25.41 -4.06
CA ALA C 347 -6.11 26.72 -3.48
C ALA C 347 -6.08 27.53 -4.78
N SER C 348 -7.19 28.18 -5.12
CA SER C 348 -7.22 28.93 -6.37
C SER C 348 -7.29 30.44 -6.23
N ASP C 349 -6.64 30.96 -5.19
CA ASP C 349 -6.62 32.39 -4.93
C ASP C 349 -6.06 33.20 -6.10
N LYS C 350 -4.92 32.75 -6.62
CA LYS C 350 -4.27 33.43 -7.72
C LYS C 350 -5.16 33.50 -8.96
N ALA C 351 -5.79 32.39 -9.31
CA ALA C 351 -6.65 32.34 -10.48
C ALA C 351 -7.83 33.29 -10.31
N ARG C 352 -8.41 33.26 -9.11
CA ARG C 352 -9.56 34.12 -8.81
C ARG C 352 -9.16 35.59 -8.80
N GLU C 353 -8.06 35.90 -8.13
CA GLU C 353 -7.58 37.26 -8.03
C GLU C 353 -7.03 37.86 -9.33
N VAL C 354 -6.07 37.17 -9.94
CA VAL C 354 -5.42 37.65 -11.16
C VAL C 354 -6.20 37.46 -12.47
N LEU C 355 -6.78 36.29 -12.66
CA LEU C 355 -7.54 36.03 -13.88
C LEU C 355 -9.00 36.41 -13.74
N GLY C 356 -9.48 36.51 -12.50
CA GLY C 356 -10.87 36.85 -12.27
C GLY C 356 -11.75 35.64 -12.53
N TRP C 357 -11.19 34.45 -12.30
CA TRP C 357 -11.89 33.20 -12.51
C TRP C 357 -13.02 33.01 -11.48
N LYS C 358 -14.22 32.74 -12.00
CA LYS C 358 -15.41 32.54 -11.16
C LYS C 358 -16.08 31.20 -11.49
N PRO C 359 -15.67 30.12 -10.80
CA PRO C 359 -16.26 28.80 -11.03
C PRO C 359 -17.75 28.80 -10.70
N LYS C 360 -18.56 28.20 -11.58
CA LYS C 360 -19.99 28.13 -11.35
C LYS C 360 -20.39 26.89 -10.57
N TYR C 361 -19.56 25.86 -10.62
CA TYR C 361 -19.83 24.61 -9.91
C TYR C 361 -18.97 24.49 -8.67
N ASP C 362 -19.58 24.21 -7.52
CA ASP C 362 -18.81 24.06 -6.30
C ASP C 362 -19.01 22.69 -5.64
N THR C 363 -20.26 22.23 -5.57
CA THR C 363 -20.57 20.93 -4.98
C THR C 363 -20.48 19.82 -6.03
N LEU C 364 -19.99 18.65 -5.63
CA LEU C 364 -19.88 17.53 -6.55
C LEU C 364 -21.26 17.05 -7.04
N GLU C 365 -22.30 17.27 -6.23
CA GLU C 365 -23.64 16.86 -6.61
C GLU C 365 -24.07 17.43 -7.97
N ALA C 366 -23.93 18.73 -8.13
CA ALA C 366 -24.30 19.40 -9.38
C ALA C 366 -23.42 18.93 -10.53
N ILE C 367 -22.13 18.76 -10.26
CA ILE C 367 -21.18 18.32 -11.27
C ILE C 367 -21.54 16.90 -11.73
N MET C 368 -21.74 16.02 -10.77
CA MET C 368 -22.09 14.63 -11.01
C MET C 368 -23.37 14.50 -11.85
N GLU C 369 -24.34 15.38 -11.62
CA GLU C 369 -25.56 15.31 -12.40
C GLU C 369 -25.28 15.57 -13.87
N THR C 370 -24.36 16.50 -14.19
CA THR C 370 -24.07 16.76 -15.60
C THR C 370 -23.32 15.58 -16.21
N SER C 371 -22.48 14.91 -15.42
CA SER C 371 -21.74 13.74 -15.89
C SER C 371 -22.71 12.60 -16.18
N TRP C 372 -23.67 12.40 -15.28
CA TRP C 372 -24.65 11.34 -15.42
C TRP C 372 -25.60 11.59 -16.60
N LYS C 373 -26.00 12.83 -16.81
CA LYS C 373 -26.89 13.16 -17.91
C LYS C 373 -26.24 12.74 -19.21
N PHE C 374 -24.98 13.10 -19.37
CA PHE C 374 -24.27 12.75 -20.59
C PHE C 374 -24.14 11.24 -20.75
N GLN C 375 -23.61 10.57 -19.72
CA GLN C 375 -23.41 9.13 -19.79
C GLN C 375 -24.67 8.28 -19.99
N ARG C 376 -25.71 8.56 -19.20
CA ARG C 376 -26.94 7.78 -19.31
C ARG C 376 -27.59 7.89 -20.69
N THR C 377 -27.32 8.96 -21.43
CA THR C 377 -27.90 9.10 -22.76
C THR C 377 -26.94 8.63 -23.85
N HIS C 378 -25.76 8.18 -23.45
CA HIS C 378 -24.77 7.69 -24.41
C HIS C 378 -24.23 6.31 -24.05
N PRO C 379 -25.05 5.26 -24.20
CA PRO C 379 -24.65 3.89 -23.89
C PRO C 379 -23.44 3.43 -24.71
N ASN C 380 -23.27 4.01 -25.89
CA ASN C 380 -22.16 3.64 -26.76
C ASN C 380 -21.24 4.82 -27.06
N GLY C 381 -21.17 5.81 -26.17
CA GLY C 381 -20.31 6.95 -26.41
C GLY C 381 -20.78 7.73 -27.62
N TYR C 382 -19.84 8.27 -28.39
CA TYR C 382 -20.20 9.05 -29.59
C TYR C 382 -20.58 8.15 -30.76
N ALA C 383 -20.30 6.86 -30.64
CA ALA C 383 -20.63 5.89 -31.68
C ALA C 383 -22.11 5.96 -32.01
N SER D 1 36.27 -7.83 -19.18
CA SER D 1 35.21 -8.86 -19.38
C SER D 1 34.44 -8.59 -20.67
N HIS D 2 35.14 -8.72 -21.78
CA HIS D 2 34.62 -8.49 -23.13
C HIS D 2 33.12 -8.15 -23.19
N MET D 3 32.86 -6.85 -23.31
CA MET D 3 31.51 -6.31 -23.39
C MET D 3 31.52 -5.33 -24.56
N ARG D 4 30.45 -5.31 -25.34
CA ARG D 4 30.39 -4.40 -26.48
C ARG D 4 29.80 -3.07 -26.00
N VAL D 5 30.60 -2.02 -26.06
CA VAL D 5 30.17 -0.71 -25.59
C VAL D 5 29.91 0.32 -26.69
N LEU D 6 28.72 0.93 -26.65
CA LEU D 6 28.35 1.97 -27.61
C LEU D 6 28.56 3.30 -26.90
N VAL D 7 29.48 4.11 -27.41
CA VAL D 7 29.78 5.40 -26.79
C VAL D 7 29.25 6.57 -27.62
N CYS D 8 28.13 7.13 -27.18
CA CYS D 8 27.52 8.27 -27.87
C CYS D 8 28.30 9.51 -27.48
N GLY D 9 28.71 10.30 -28.47
CA GLY D 9 29.49 11.50 -28.19
C GLY D 9 30.94 11.10 -27.92
N GLY D 10 31.32 9.91 -28.37
CA GLY D 10 32.66 9.41 -28.15
C GLY D 10 33.80 10.11 -28.85
N ALA D 11 33.50 10.96 -29.82
CA ALA D 11 34.55 11.70 -30.53
C ALA D 11 34.88 13.01 -29.84
N GLY D 12 34.18 13.29 -28.75
CA GLY D 12 34.39 14.54 -28.02
C GLY D 12 35.59 14.55 -27.10
N TYR D 13 35.72 15.64 -26.34
CA TYR D 13 36.82 15.82 -25.40
C TYR D 13 36.90 14.72 -24.35
N ILE D 14 35.86 14.56 -23.56
CA ILE D 14 35.85 13.54 -22.52
C ILE D 14 35.70 12.16 -23.14
N GLY D 15 34.94 12.07 -24.23
CA GLY D 15 34.73 10.80 -24.90
C GLY D 15 36.02 10.20 -25.42
N SER D 16 36.87 11.04 -26.02
CA SER D 16 38.14 10.57 -26.55
C SER D 16 39.03 10.00 -25.46
N HIS D 17 39.00 10.58 -24.28
CA HIS D 17 39.81 10.09 -23.17
C HIS D 17 39.22 8.81 -22.60
N PHE D 18 37.90 8.68 -22.63
CA PHE D 18 37.25 7.47 -22.14
C PHE D 18 37.51 6.33 -23.11
N VAL D 19 37.40 6.61 -24.41
CA VAL D 19 37.65 5.60 -25.42
C VAL D 19 39.08 5.06 -25.31
N ARG D 20 40.05 5.97 -25.19
CA ARG D 20 41.44 5.55 -25.07
C ARG D 20 41.65 4.63 -23.86
N ALA D 21 40.97 4.94 -22.76
CA ALA D 21 41.09 4.11 -21.56
C ALA D 21 40.44 2.74 -21.80
N LEU D 22 39.36 2.72 -22.59
CA LEU D 22 38.69 1.46 -22.90
C LEU D 22 39.64 0.61 -23.74
N LEU D 23 40.25 1.24 -24.74
CA LEU D 23 41.17 0.54 -25.64
C LEU D 23 42.47 0.06 -25.00
N ARG D 24 42.98 0.82 -24.03
CA ARG D 24 44.24 0.44 -23.39
C ARG D 24 44.12 -0.29 -22.06
N ASP D 25 43.02 -0.06 -21.35
CA ASP D 25 42.86 -0.70 -20.05
C ASP D 25 41.78 -1.79 -19.96
N THR D 26 41.10 -2.08 -21.07
CA THR D 26 40.07 -3.12 -21.04
C THR D 26 40.07 -3.92 -22.33
N ASN D 27 39.24 -4.97 -22.38
CA ASN D 27 39.14 -5.80 -23.56
C ASN D 27 37.80 -5.60 -24.26
N HIS D 28 37.06 -4.59 -23.83
CA HIS D 28 35.75 -4.29 -24.41
C HIS D 28 35.84 -3.88 -25.87
N SER D 29 34.78 -4.15 -26.62
CA SER D 29 34.70 -3.77 -28.02
C SER D 29 34.10 -2.37 -27.97
N VAL D 30 34.60 -1.46 -28.81
CA VAL D 30 34.10 -0.09 -28.77
C VAL D 30 33.51 0.40 -30.08
N VAL D 31 32.29 0.94 -29.98
CA VAL D 31 31.60 1.50 -31.13
C VAL D 31 31.27 2.93 -30.76
N ILE D 32 31.74 3.88 -31.56
CA ILE D 32 31.48 5.28 -31.31
C ILE D 32 30.42 5.83 -32.25
N VAL D 33 29.46 6.56 -31.70
CA VAL D 33 28.43 7.20 -32.52
C VAL D 33 28.53 8.68 -32.18
N ASP D 34 28.84 9.50 -33.17
CA ASP D 34 29.01 10.93 -32.96
C ASP D 34 28.67 11.66 -34.25
N SER D 35 27.99 12.80 -34.13
CA SER D 35 27.60 13.59 -35.31
C SER D 35 28.72 14.51 -35.75
N LEU D 36 29.73 14.63 -34.88
CA LEU D 36 30.89 15.48 -35.14
C LEU D 36 30.53 16.97 -35.07
N VAL D 37 29.39 17.28 -34.48
CA VAL D 37 28.94 18.67 -34.36
C VAL D 37 29.82 19.41 -33.36
N GLY D 38 30.41 18.66 -32.44
CA GLY D 38 31.28 19.26 -31.44
C GLY D 38 32.75 19.09 -31.74
N THR D 39 33.06 18.60 -32.95
CA THR D 39 34.45 18.39 -33.34
C THR D 39 34.76 19.02 -34.69
N HIS D 40 34.03 20.06 -35.03
CA HIS D 40 34.25 20.76 -36.30
C HIS D 40 34.03 19.85 -37.51
N GLY D 41 33.20 18.84 -37.33
CA GLY D 41 32.93 17.92 -38.42
C GLY D 41 34.09 17.03 -38.82
N LYS D 42 35.12 16.97 -37.98
CA LYS D 42 36.29 16.14 -38.28
C LYS D 42 36.49 15.07 -37.23
N SER D 43 37.20 14.00 -37.60
CA SER D 43 37.47 12.88 -36.70
C SER D 43 38.87 12.30 -36.82
N ASP D 44 39.82 13.12 -37.25
CA ASP D 44 41.21 12.69 -37.40
C ASP D 44 41.81 12.17 -36.10
N HIS D 45 41.31 12.69 -34.98
CA HIS D 45 41.79 12.32 -33.66
C HIS D 45 41.18 11.03 -33.11
N VAL D 46 40.07 10.59 -33.72
CA VAL D 46 39.41 9.37 -33.26
C VAL D 46 40.28 8.16 -33.54
N GLU D 47 40.40 7.27 -32.56
CA GLU D 47 41.24 6.09 -32.73
C GLU D 47 40.55 4.96 -33.50
N THR D 48 40.27 5.24 -34.76
CA THR D 48 39.65 4.26 -35.65
C THR D 48 40.77 3.34 -36.12
N ARG D 49 40.46 2.38 -36.98
CA ARG D 49 41.46 1.45 -37.48
C ARG D 49 42.57 2.19 -38.24
N GLU D 50 42.18 2.97 -39.26
CA GLU D 50 43.17 3.70 -40.05
C GLU D 50 43.99 4.72 -39.28
N ASN D 51 43.33 5.45 -38.37
CA ASN D 51 44.06 6.43 -37.59
C ASN D 51 45.10 5.76 -36.69
N VAL D 52 44.71 4.70 -36.00
CA VAL D 52 45.65 3.99 -35.14
C VAL D 52 46.83 3.47 -35.97
N ALA D 53 46.55 3.02 -37.19
CA ALA D 53 47.57 2.51 -38.09
C ALA D 53 48.47 3.63 -38.60
N ARG D 54 47.91 4.83 -38.69
CA ARG D 54 48.65 6.00 -39.16
C ARG D 54 49.66 6.40 -38.10
N LYS D 55 49.27 6.25 -36.84
CA LYS D 55 50.13 6.57 -35.71
C LYS D 55 51.24 5.53 -35.62
N LEU D 56 50.86 4.26 -35.72
CA LEU D 56 51.81 3.15 -35.65
C LEU D 56 52.95 3.34 -36.66
N GLN D 57 52.60 3.73 -37.88
CA GLN D 57 53.59 3.94 -38.93
C GLN D 57 54.57 5.04 -38.59
N GLN D 58 54.07 6.10 -37.96
CA GLN D 58 54.90 7.24 -37.60
C GLN D 58 55.87 7.03 -36.45
N SER D 59 55.67 5.99 -35.64
CA SER D 59 56.57 5.77 -34.49
C SER D 59 57.70 4.78 -34.73
N ASP D 60 58.81 5.02 -34.03
CA ASP D 60 59.99 4.16 -34.12
C ASP D 60 60.11 3.34 -32.85
N GLY D 61 60.28 2.04 -32.98
CA GLY D 61 60.40 1.22 -31.80
C GLY D 61 59.32 0.17 -31.75
N PRO D 62 59.31 -0.67 -30.69
CA PRO D 62 58.30 -1.72 -30.55
C PRO D 62 56.87 -1.20 -30.37
N LYS D 63 55.90 -1.97 -30.84
CA LYS D 63 54.50 -1.61 -30.69
C LYS D 63 54.13 -1.68 -29.21
N PRO D 64 53.29 -0.75 -28.74
CA PRO D 64 52.87 -0.76 -27.34
C PRO D 64 51.83 -1.89 -27.19
N PRO D 65 51.48 -2.26 -25.96
CA PRO D 65 50.50 -3.34 -25.71
C PRO D 65 49.14 -3.18 -26.41
N TRP D 66 48.73 -1.93 -26.63
CA TRP D 66 47.45 -1.63 -27.25
C TRP D 66 47.55 -1.23 -28.72
N ALA D 67 48.67 -1.57 -29.36
CA ALA D 67 48.89 -1.22 -30.76
C ALA D 67 47.80 -1.68 -31.73
N ASP D 68 47.20 -2.83 -31.46
CA ASP D 68 46.17 -3.36 -32.36
C ASP D 68 44.76 -3.15 -31.81
N ARG D 69 44.59 -2.07 -31.07
CA ARG D 69 43.29 -1.73 -30.50
C ARG D 69 42.75 -0.48 -31.20
N TYR D 70 41.47 -0.53 -31.55
CA TYR D 70 40.81 0.59 -32.19
C TYR D 70 39.31 0.51 -31.98
N ALA D 71 38.62 1.59 -32.31
CA ALA D 71 37.17 1.63 -32.14
C ALA D 71 36.50 1.89 -33.48
N ALA D 72 35.27 1.42 -33.61
CA ALA D 72 34.52 1.65 -34.85
C ALA D 72 33.88 3.03 -34.68
N LEU D 73 33.72 3.74 -35.79
CA LEU D 73 33.11 5.07 -35.76
C LEU D 73 31.90 5.18 -36.68
N GLU D 74 30.75 5.50 -36.09
CA GLU D 74 29.51 5.69 -36.85
C GLU D 74 29.21 7.17 -36.77
N VAL D 75 29.21 7.86 -37.90
CA VAL D 75 28.95 9.29 -37.93
C VAL D 75 27.47 9.59 -38.20
N GLY D 76 26.81 10.19 -37.20
CA GLY D 76 25.40 10.54 -37.33
C GLY D 76 24.81 11.04 -36.03
N ASP D 77 23.59 11.55 -36.10
CA ASP D 77 22.90 12.07 -34.93
C ASP D 77 22.09 10.97 -34.23
N VAL D 78 22.24 10.84 -32.92
CA VAL D 78 21.51 9.83 -32.18
C VAL D 78 20.00 10.05 -32.21
N ARG D 79 19.57 11.26 -32.60
CA ARG D 79 18.15 11.58 -32.68
C ARG D 79 17.58 11.07 -34.00
N ASN D 80 18.46 10.60 -34.88
CA ASN D 80 18.05 10.05 -36.16
C ASN D 80 17.78 8.57 -35.96
N GLU D 81 16.51 8.22 -35.85
CA GLU D 81 16.02 6.87 -35.62
C GLU D 81 16.59 5.76 -36.51
N ASP D 82 16.53 5.94 -37.82
CA ASP D 82 17.04 4.92 -38.72
C ASP D 82 18.51 4.72 -38.50
N PHE D 83 19.23 5.82 -38.34
CA PHE D 83 20.66 5.74 -38.13
C PHE D 83 20.99 4.97 -36.85
N LEU D 84 20.37 5.39 -35.74
CA LEU D 84 20.62 4.75 -34.46
C LEU D 84 20.29 3.26 -34.50
N ASN D 85 19.15 2.91 -35.07
CA ASN D 85 18.73 1.52 -35.17
C ASN D 85 19.75 0.72 -35.99
N GLY D 86 20.20 1.29 -37.09
CA GLY D 86 21.18 0.62 -37.92
C GLY D 86 22.46 0.33 -37.17
N VAL D 87 22.87 1.27 -36.32
CA VAL D 87 24.09 1.10 -35.53
C VAL D 87 23.94 -0.07 -34.56
N PHE D 88 22.80 -0.12 -33.87
CA PHE D 88 22.56 -1.19 -32.91
C PHE D 88 22.49 -2.55 -33.59
N THR D 89 21.92 -2.58 -34.79
CA THR D 89 21.77 -3.82 -35.55
C THR D 89 23.09 -4.36 -36.11
N ARG D 90 23.83 -3.51 -36.80
CA ARG D 90 25.10 -3.92 -37.40
C ARG D 90 26.18 -4.25 -36.37
N HIS D 91 26.26 -3.46 -35.29
CA HIS D 91 27.28 -3.66 -34.27
C HIS D 91 26.76 -4.45 -33.08
N GLY D 92 25.51 -4.87 -33.15
CA GLY D 92 24.91 -5.62 -32.05
C GLY D 92 25.52 -6.99 -31.87
N PRO D 93 25.30 -7.63 -30.72
CA PRO D 93 24.51 -7.09 -29.61
C PRO D 93 25.29 -6.06 -28.79
N ILE D 94 24.66 -4.92 -28.50
CA ILE D 94 25.30 -3.88 -27.70
C ILE D 94 25.00 -4.22 -26.25
N ASP D 95 26.04 -4.35 -25.43
CA ASP D 95 25.85 -4.69 -24.02
C ASP D 95 25.61 -3.50 -23.13
N ALA D 96 26.29 -2.41 -23.41
CA ALA D 96 26.15 -1.21 -22.61
C ALA D 96 26.28 0.05 -23.45
N VAL D 97 25.58 1.09 -23.00
CA VAL D 97 25.60 2.38 -23.68
C VAL D 97 26.22 3.40 -22.73
N VAL D 98 27.13 4.22 -23.27
CA VAL D 98 27.73 5.29 -22.47
C VAL D 98 27.29 6.52 -23.23
N HIS D 99 26.31 7.22 -22.67
CA HIS D 99 25.72 8.40 -23.31
C HIS D 99 26.43 9.70 -22.94
N MET D 100 27.29 10.17 -23.84
CA MET D 100 28.07 11.37 -23.61
C MET D 100 27.73 12.56 -24.52
N CYS D 101 26.84 12.36 -25.48
CA CYS D 101 26.51 13.46 -26.38
C CYS D 101 25.57 14.51 -25.78
N ALA D 102 25.81 15.76 -26.16
CA ALA D 102 24.99 16.87 -25.67
C ALA D 102 25.62 18.20 -26.06
N PHE D 103 24.91 19.28 -25.74
CA PHE D 103 25.42 20.63 -25.95
C PHE D 103 25.66 20.99 -24.50
N LEU D 104 26.78 21.65 -24.22
CA LEU D 104 27.12 21.94 -22.82
C LEU D 104 27.61 23.34 -22.43
N ALA D 105 27.21 24.36 -23.17
CA ALA D 105 27.63 25.71 -22.83
C ALA D 105 26.52 26.29 -21.94
N VAL D 106 26.73 26.26 -20.63
CA VAL D 106 25.74 26.77 -19.69
C VAL D 106 25.22 28.15 -20.05
N GLY D 107 26.12 29.06 -20.42
CA GLY D 107 25.72 30.40 -20.79
C GLY D 107 24.81 30.44 -22.00
N GLU D 108 25.10 29.59 -22.98
CA GLU D 108 24.29 29.53 -24.19
C GLU D 108 22.93 28.88 -23.95
N SER D 109 22.84 27.95 -23.00
CA SER D 109 21.57 27.29 -22.72
C SER D 109 20.54 28.28 -22.19
N VAL D 110 21.00 29.29 -21.47
CA VAL D 110 20.10 30.30 -20.92
C VAL D 110 19.51 31.15 -22.04
N ARG D 111 20.32 31.46 -23.05
CA ARG D 111 19.89 32.27 -24.19
C ARG D 111 19.10 31.49 -25.23
N ASP D 112 19.36 30.18 -25.32
CA ASP D 112 18.67 29.35 -26.29
C ASP D 112 18.32 27.98 -25.69
N PRO D 113 17.32 27.95 -24.79
CA PRO D 113 16.83 26.76 -24.09
C PRO D 113 16.41 25.59 -25.00
N LEU D 114 15.61 25.89 -26.02
CA LEU D 114 15.10 24.86 -26.91
C LEU D 114 16.18 24.05 -27.62
N LYS D 115 17.33 24.67 -27.88
CA LYS D 115 18.42 23.98 -28.53
C LYS D 115 18.94 22.89 -27.58
N TYR D 116 18.96 23.21 -26.29
CA TYR D 116 19.44 22.29 -25.28
C TYR D 116 18.42 21.23 -24.87
N TYR D 117 17.16 21.63 -24.73
CA TYR D 117 16.13 20.66 -24.36
C TYR D 117 16.00 19.64 -25.49
N ASP D 118 16.07 20.11 -26.74
CA ASP D 118 15.94 19.23 -27.86
C ASP D 118 17.08 18.20 -27.89
N ASN D 119 18.30 18.67 -28.09
CA ASN D 119 19.43 17.76 -28.15
C ASN D 119 19.68 16.93 -26.90
N ASN D 120 19.69 17.59 -25.75
CA ASN D 120 19.96 16.87 -24.51
C ASN D 120 18.87 15.94 -24.03
N VAL D 121 17.61 16.37 -24.10
CA VAL D 121 16.52 15.52 -23.63
C VAL D 121 16.03 14.52 -24.68
N VAL D 122 15.89 14.95 -25.93
CA VAL D 122 15.42 14.04 -26.98
C VAL D 122 16.53 13.01 -27.29
N GLY D 123 17.78 13.42 -27.10
CA GLY D 123 18.90 12.52 -27.37
C GLY D 123 18.89 11.31 -26.45
N ILE D 124 18.73 11.55 -25.15
CA ILE D 124 18.69 10.45 -24.19
C ILE D 124 17.40 9.62 -24.34
N LEU D 125 16.32 10.27 -24.76
CA LEU D 125 15.05 9.58 -24.96
C LEU D 125 15.22 8.53 -26.06
N ARG D 126 15.82 8.93 -27.18
CA ARG D 126 16.02 8.02 -28.30
C ARG D 126 16.93 6.83 -27.96
N LEU D 127 17.95 7.07 -27.15
CA LEU D 127 18.87 5.99 -26.75
C LEU D 127 18.15 5.01 -25.84
N LEU D 128 17.33 5.53 -24.92
CA LEU D 128 16.59 4.67 -24.02
C LEU D 128 15.58 3.84 -24.80
N GLN D 129 14.98 4.43 -25.82
CA GLN D 129 14.01 3.72 -26.64
C GLN D 129 14.72 2.64 -27.47
N ALA D 130 15.92 2.96 -27.96
CA ALA D 130 16.69 2.00 -28.76
C ALA D 130 17.16 0.84 -27.89
N MET D 131 17.57 1.13 -26.67
CA MET D 131 18.03 0.10 -25.75
C MET D 131 16.90 -0.90 -25.50
N LEU D 132 15.69 -0.37 -25.32
CA LEU D 132 14.53 -1.21 -25.05
C LEU D 132 14.26 -2.09 -26.26
N LEU D 133 14.27 -1.47 -27.44
CA LEU D 133 14.03 -2.17 -28.70
C LEU D 133 15.08 -3.24 -28.99
N HIS D 134 16.35 -2.96 -28.69
CA HIS D 134 17.42 -3.92 -28.97
C HIS D 134 17.89 -4.73 -27.77
N LYS D 135 17.08 -4.76 -26.72
CA LYS D 135 17.37 -5.53 -25.52
C LYS D 135 18.65 -5.18 -24.74
N CYS D 136 19.04 -3.93 -24.77
CA CYS D 136 20.24 -3.47 -24.06
C CYS D 136 19.75 -2.98 -22.70
N ASP D 137 20.33 -3.50 -21.61
CA ASP D 137 19.88 -3.13 -20.28
C ASP D 137 20.89 -2.38 -19.40
N LYS D 138 21.91 -1.81 -20.01
CA LYS D 138 22.92 -1.08 -19.24
C LYS D 138 23.32 0.25 -19.84
N ILE D 139 23.25 1.31 -19.03
CA ILE D 139 23.62 2.64 -19.52
C ILE D 139 24.37 3.47 -18.48
N ILE D 140 25.41 4.15 -18.93
CA ILE D 140 26.19 5.05 -18.08
C ILE D 140 25.92 6.42 -18.72
N PHE D 141 25.41 7.35 -17.92
CA PHE D 141 25.07 8.68 -18.43
C PHE D 141 25.95 9.82 -17.91
N SER D 142 26.35 10.70 -18.83
CA SER D 142 27.19 11.85 -18.47
C SER D 142 26.32 12.95 -17.89
N SER D 143 26.27 13.04 -16.56
CA SER D 143 25.49 14.10 -15.93
C SER D 143 26.43 15.23 -15.54
N SER D 144 25.92 16.20 -14.79
CA SER D 144 26.73 17.35 -14.40
C SER D 144 26.40 17.96 -13.04
N ALA D 145 27.35 18.72 -12.52
CA ALA D 145 27.20 19.40 -11.25
C ALA D 145 26.14 20.50 -11.41
N ALA D 146 25.84 20.83 -12.66
CA ALA D 146 24.85 21.87 -12.98
C ALA D 146 23.44 21.51 -12.50
N ILE D 147 23.18 20.24 -12.19
CA ILE D 147 21.85 19.84 -11.72
C ILE D 147 21.59 20.35 -10.31
N PHE D 148 22.65 20.67 -9.57
CA PHE D 148 22.51 21.15 -8.20
C PHE D 148 22.18 22.63 -8.05
N GLY D 149 22.84 23.48 -8.83
CA GLY D 149 22.59 24.91 -8.73
C GLY D 149 23.09 25.42 -7.38
N ASN D 150 22.54 26.52 -6.90
CA ASN D 150 22.97 27.04 -5.61
C ASN D 150 22.22 26.35 -4.46
N PRO D 151 22.74 26.42 -3.23
CA PRO D 151 22.06 25.78 -2.09
C PRO D 151 20.79 26.55 -1.74
N THR D 152 19.79 25.84 -1.23
CA THR D 152 18.53 26.50 -0.85
C THR D 152 18.68 27.21 0.48
N ASN D 159 28.54 27.71 5.52
CA ASN D 159 29.74 26.94 5.18
C ASN D 159 29.56 26.16 3.88
N ALA D 160 30.00 26.74 2.77
CA ALA D 160 29.92 26.06 1.48
C ALA D 160 30.85 24.85 1.56
N GLU D 161 30.29 23.65 1.48
CA GLU D 161 31.09 22.44 1.56
C GLU D 161 30.81 21.54 0.37
N PRO D 162 31.74 20.62 0.07
CA PRO D 162 31.56 19.70 -1.06
C PRO D 162 30.12 19.17 -1.13
N ILE D 163 29.60 19.06 -2.35
CA ILE D 163 28.23 18.60 -2.60
C ILE D 163 28.05 17.09 -2.65
N ASP D 164 27.10 16.60 -1.86
CA ASP D 164 26.78 15.18 -1.81
C ASP D 164 25.86 14.79 -2.95
N ILE D 165 25.93 13.52 -3.35
CA ILE D 165 25.10 13.00 -4.44
C ILE D 165 23.60 13.28 -4.29
N ASN D 166 23.09 13.31 -3.06
CA ASN D 166 21.66 13.55 -2.85
C ASN D 166 21.30 14.96 -2.40
N ALA D 167 22.18 15.93 -2.64
CA ALA D 167 21.89 17.31 -2.28
C ALA D 167 20.72 17.78 -3.14
N LYS D 168 19.98 18.77 -2.67
CA LYS D 168 18.83 19.29 -3.40
C LYS D 168 19.20 19.73 -4.82
N LYS D 169 18.30 19.47 -5.77
CA LYS D 169 18.52 19.82 -7.16
C LYS D 169 17.78 21.12 -7.51
N SER D 170 18.53 22.20 -7.73
CA SER D 170 17.95 23.49 -8.05
C SER D 170 18.71 24.10 -9.24
N PRO D 171 18.57 23.47 -10.43
CA PRO D 171 19.26 23.94 -11.65
C PRO D 171 19.19 25.44 -11.87
N GLU D 172 20.35 26.02 -12.15
CA GLU D 172 20.46 27.45 -12.39
C GLU D 172 20.42 27.76 -13.89
N SER D 173 20.31 26.73 -14.72
CA SER D 173 20.27 26.92 -16.17
C SER D 173 19.52 25.80 -16.89
N PRO D 174 19.09 26.05 -18.15
CA PRO D 174 18.38 25.03 -18.91
C PRO D 174 19.27 23.80 -19.13
N TYR D 175 20.58 24.03 -19.21
CA TYR D 175 21.53 22.93 -19.38
C TYR D 175 21.38 22.00 -18.17
N GLY D 176 21.40 22.58 -16.97
CA GLY D 176 21.24 21.79 -15.77
C GLY D 176 19.91 21.07 -15.73
N GLU D 177 18.85 21.73 -16.20
CA GLU D 177 17.52 21.13 -16.22
C GLU D 177 17.47 19.93 -17.14
N SER D 178 18.15 20.03 -18.28
CA SER D 178 18.16 18.96 -19.26
C SER D 178 18.88 17.72 -18.76
N LYS D 179 19.90 17.92 -17.93
CA LYS D 179 20.65 16.82 -17.36
C LYS D 179 19.84 16.15 -16.26
N LEU D 180 19.14 16.98 -15.48
CA LEU D 180 18.31 16.49 -14.40
C LEU D 180 17.12 15.65 -14.90
N ILE D 181 16.43 16.11 -15.94
CA ILE D 181 15.31 15.35 -16.47
C ILE D 181 15.80 14.02 -17.04
N ALA D 182 17.00 14.01 -17.59
CA ALA D 182 17.56 12.78 -18.14
C ALA D 182 17.73 11.75 -17.01
N GLU D 183 18.18 12.21 -15.84
CA GLU D 183 18.35 11.32 -14.71
C GLU D 183 17.02 10.73 -14.26
N ARG D 184 15.98 11.56 -14.29
CA ARG D 184 14.62 11.15 -13.90
C ARG D 184 14.12 10.08 -14.86
N MET D 185 14.38 10.27 -16.15
CA MET D 185 13.95 9.34 -17.18
C MET D 185 14.66 8.00 -17.04
N ILE D 186 15.97 8.03 -16.82
CA ILE D 186 16.76 6.82 -16.67
C ILE D 186 16.30 6.06 -15.42
N ARG D 187 16.10 6.78 -14.33
CA ARG D 187 15.63 6.18 -13.08
C ARG D 187 14.30 5.44 -13.29
N ASP D 188 13.34 6.10 -13.94
CA ASP D 188 12.04 5.50 -14.19
C ASP D 188 12.11 4.27 -15.10
N CYS D 189 13.13 4.20 -15.95
CA CYS D 189 13.30 3.07 -16.84
C CYS D 189 13.83 1.84 -16.09
N ALA D 190 14.47 2.08 -14.95
CA ALA D 190 15.00 0.99 -14.15
C ALA D 190 13.80 0.25 -13.59
N GLU D 191 12.95 1.04 -12.95
CA GLU D 191 11.72 0.61 -12.30
C GLU D 191 10.72 -0.05 -13.23
N ALA D 192 10.65 0.45 -14.47
CA ALA D 192 9.71 -0.05 -15.47
C ALA D 192 10.21 -1.13 -16.42
N TYR D 193 11.45 -1.04 -16.87
CA TYR D 193 11.99 -2.02 -17.82
C TYR D 193 13.21 -2.81 -17.34
N GLY D 194 13.66 -2.54 -16.12
CA GLY D 194 14.82 -3.26 -15.62
C GLY D 194 16.13 -2.74 -16.18
N ILE D 195 16.12 -1.54 -16.75
CA ILE D 195 17.35 -0.96 -17.27
C ILE D 195 18.23 -0.54 -16.10
N LYS D 196 19.49 -0.98 -16.12
CA LYS D 196 20.44 -0.65 -15.07
C LYS D 196 21.19 0.61 -15.50
N GLY D 197 21.05 1.68 -14.73
CA GLY D 197 21.72 2.92 -15.11
C GLY D 197 22.52 3.59 -14.03
N ILE D 198 23.60 4.24 -14.46
CA ILE D 198 24.45 4.99 -13.56
C ILE D 198 24.63 6.39 -14.13
N CYS D 199 24.36 7.39 -13.31
CA CYS D 199 24.51 8.77 -13.72
C CYS D 199 25.75 9.33 -13.03
N LEU D 200 26.75 9.68 -13.82
CA LEU D 200 28.00 10.22 -13.29
C LEU D 200 27.99 11.74 -13.41
N ARG D 201 27.91 12.43 -12.29
CA ARG D 201 27.91 13.89 -12.30
C ARG D 201 29.36 14.38 -12.38
N TYR D 202 29.84 14.70 -13.57
CA TYR D 202 31.21 15.21 -13.65
C TYR D 202 31.13 16.64 -13.16
N PHE D 203 32.19 17.11 -12.52
CA PHE D 203 32.22 18.49 -12.09
C PHE D 203 32.99 19.23 -13.20
N ASN D 204 34.06 19.95 -12.92
CA ASN D 204 34.72 20.62 -14.04
C ASN D 204 35.85 19.84 -14.68
N ALA D 205 35.52 19.15 -15.77
CA ALA D 205 36.50 18.34 -16.49
C ALA D 205 37.62 19.20 -17.07
N CYS D 206 38.85 18.72 -16.91
CA CYS D 206 40.01 19.43 -17.44
C CYS D 206 41.20 18.49 -17.60
N GLY D 207 42.31 19.07 -18.04
CA GLY D 207 43.51 18.28 -18.25
C GLY D 207 43.49 17.64 -19.61
N ALA D 208 44.51 16.84 -19.89
CA ALA D 208 44.64 16.15 -21.16
C ALA D 208 45.46 14.90 -20.90
N HIS D 209 45.32 13.90 -21.78
CA HIS D 209 46.07 12.66 -21.64
C HIS D 209 47.57 12.97 -21.60
N GLU D 210 48.30 12.22 -20.78
CA GLU D 210 49.75 12.41 -20.63
C GLU D 210 50.51 12.41 -21.96
N ASP D 211 49.98 11.71 -22.97
CA ASP D 211 50.63 11.64 -24.27
C ASP D 211 50.72 13.01 -24.95
N GLY D 212 49.84 13.92 -24.55
CA GLY D 212 49.83 15.27 -25.10
C GLY D 212 49.27 15.40 -26.50
N ASP D 213 48.57 14.37 -26.97
CA ASP D 213 48.03 14.40 -28.33
C ASP D 213 46.54 14.71 -28.43
N ILE D 214 45.80 14.59 -27.32
CA ILE D 214 44.37 14.87 -27.34
C ILE D 214 43.95 15.80 -26.18
N GLY D 215 42.97 16.65 -26.45
CA GLY D 215 42.48 17.57 -25.43
C GLY D 215 41.48 18.55 -25.99
N GLU D 216 41.16 19.58 -25.21
CA GLU D 216 40.20 20.60 -25.62
C GLU D 216 40.91 21.85 -26.16
N HIS D 217 40.95 22.00 -27.48
CA HIS D 217 41.58 23.15 -28.11
C HIS D 217 40.80 24.41 -27.75
N TYR D 218 41.51 25.51 -27.57
CA TYR D 218 40.88 26.77 -27.18
C TYR D 218 39.94 27.41 -28.19
N GLN D 219 40.25 27.27 -29.47
CA GLN D 219 39.41 27.88 -30.49
C GLN D 219 37.99 27.32 -30.50
N GLY D 220 37.04 28.17 -30.12
CA GLY D 220 35.64 27.78 -30.08
C GLY D 220 35.21 27.23 -28.74
N SER D 221 36.13 27.21 -27.77
CA SER D 221 35.82 26.70 -26.44
C SER D 221 35.11 27.72 -25.58
N THR D 222 34.24 27.25 -24.70
CA THR D 222 33.51 28.12 -23.79
C THR D 222 34.00 27.92 -22.36
N HIS D 223 34.92 26.98 -22.18
CA HIS D 223 35.43 26.68 -20.83
C HIS D 223 36.65 27.50 -20.40
N LEU D 224 36.68 27.80 -19.10
CA LEU D 224 37.71 28.60 -18.47
C LEU D 224 39.17 28.33 -18.84
N ILE D 225 39.69 27.18 -18.45
CA ILE D 225 41.09 26.85 -18.73
C ILE D 225 41.45 26.89 -20.22
N PRO D 226 40.65 26.25 -21.09
CA PRO D 226 41.04 26.32 -22.50
C PRO D 226 41.10 27.78 -22.99
N ILE D 227 40.21 28.62 -22.47
CA ILE D 227 40.19 30.03 -22.86
C ILE D 227 41.42 30.75 -22.32
N ILE D 228 41.81 30.46 -21.08
CA ILE D 228 43.00 31.09 -20.51
C ILE D 228 44.24 30.72 -21.32
N LEU D 229 44.41 29.43 -21.59
CA LEU D 229 45.55 28.96 -22.37
C LEU D 229 45.53 29.53 -23.78
N GLY D 230 44.32 29.80 -24.29
CA GLY D 230 44.19 30.38 -25.61
C GLY D 230 44.70 31.81 -25.61
N ARG D 231 44.54 32.50 -24.48
CA ARG D 231 45.03 33.87 -24.38
C ARG D 231 46.55 33.86 -24.39
N VAL D 232 47.14 32.80 -23.84
CA VAL D 232 48.59 32.66 -23.82
C VAL D 232 49.07 32.36 -25.24
N MET D 233 48.31 31.51 -25.95
CA MET D 233 48.64 31.14 -27.32
C MET D 233 48.57 32.31 -28.29
N SER D 234 47.44 33.02 -28.28
CA SER D 234 47.25 34.15 -29.17
C SER D 234 48.40 35.13 -29.07
N ASP D 235 49.05 35.14 -27.93
CA ASP D 235 50.16 36.04 -27.68
C ASP D 235 51.48 35.43 -28.17
N ILE D 236 51.64 34.12 -28.02
CA ILE D 236 52.86 33.45 -28.45
C ILE D 236 52.70 32.55 -29.68
N ALA D 237 51.53 32.57 -30.30
CA ALA D 237 51.25 31.75 -31.48
C ALA D 237 50.48 32.54 -32.54
N ASP D 251 39.07 43.58 -25.66
CA ASP D 251 40.52 43.46 -25.75
C ASP D 251 40.97 42.00 -25.69
N LYS D 252 42.28 41.79 -25.68
CA LYS D 252 42.84 40.45 -25.62
C LYS D 252 43.06 39.99 -24.18
N ARG D 253 42.54 40.79 -23.24
CA ARG D 253 42.67 40.44 -21.84
C ARG D 253 41.73 39.30 -21.47
N MET D 254 42.14 38.50 -20.49
CA MET D 254 41.37 37.36 -20.01
C MET D 254 40.20 37.85 -19.15
N PRO D 255 38.97 37.55 -19.58
CA PRO D 255 37.81 37.99 -18.79
C PRO D 255 37.42 37.11 -17.62
N ILE D 256 37.02 37.76 -16.53
CA ILE D 256 36.56 37.07 -15.33
C ILE D 256 35.08 37.39 -15.24
N PHE D 257 34.23 36.37 -15.40
CA PHE D 257 32.79 36.58 -15.36
C PHE D 257 32.21 36.68 -13.96
N GLY D 258 32.06 37.90 -13.46
CA GLY D 258 31.49 38.12 -12.14
C GLY D 258 32.49 38.08 -11.00
N THR D 259 32.51 39.13 -10.20
CA THR D 259 33.43 39.23 -9.07
C THR D 259 32.66 39.52 -7.78
N ASP D 260 31.33 39.46 -7.86
CA ASP D 260 30.48 39.74 -6.71
C ASP D 260 29.68 38.51 -6.26
N TYR D 261 30.30 37.34 -6.35
CA TYR D 261 29.64 36.10 -5.91
C TYR D 261 29.88 35.90 -4.42
N PRO D 262 29.01 35.12 -3.77
CA PRO D 262 29.09 34.83 -2.33
C PRO D 262 30.24 33.87 -2.02
N THR D 263 31.43 34.15 -2.56
CA THR D 263 32.59 33.30 -2.33
C THR D 263 33.73 34.09 -1.70
N PRO D 264 34.75 33.41 -1.15
CA PRO D 264 35.88 34.09 -0.53
C PRO D 264 36.48 35.27 -1.31
N ASP D 265 36.74 35.09 -2.61
CA ASP D 265 37.31 36.19 -3.39
C ASP D 265 36.33 36.80 -4.38
N GLY D 266 35.07 36.39 -4.31
CA GLY D 266 34.06 36.95 -5.20
C GLY D 266 33.85 36.27 -6.54
N THR D 267 34.72 35.34 -6.92
CA THR D 267 34.58 34.65 -8.18
C THR D 267 34.12 33.21 -7.96
N CYS D 268 33.49 32.64 -8.98
CA CYS D 268 32.97 31.28 -8.88
C CYS D 268 34.03 30.26 -8.52
N VAL D 269 33.65 29.32 -7.65
CA VAL D 269 34.54 28.26 -7.22
C VAL D 269 34.10 26.96 -7.89
N ARG D 270 35.07 26.23 -8.44
CA ARG D 270 34.77 24.98 -9.13
C ARG D 270 35.75 23.88 -8.71
N ASP D 271 35.39 22.65 -9.04
CA ASP D 271 36.17 21.46 -8.71
C ASP D 271 36.70 20.92 -10.04
N TYR D 272 37.99 21.11 -10.29
CA TYR D 272 38.59 20.66 -11.55
C TYR D 272 39.14 19.23 -11.47
N VAL D 273 38.45 18.32 -12.16
CA VAL D 273 38.79 16.90 -12.18
C VAL D 273 39.35 16.49 -13.54
N HIS D 274 40.48 15.78 -13.51
CA HIS D 274 41.15 15.34 -14.73
C HIS D 274 40.33 14.35 -15.54
N VAL D 275 40.26 14.58 -16.85
CA VAL D 275 39.49 13.71 -17.72
C VAL D 275 39.92 12.25 -17.68
N CYS D 276 41.18 11.98 -17.33
CA CYS D 276 41.66 10.60 -17.26
C CYS D 276 41.10 9.94 -16.01
N ASP D 277 40.84 10.73 -14.98
CA ASP D 277 40.26 10.17 -13.75
C ASP D 277 38.77 9.93 -14.00
N LEU D 278 38.15 10.79 -14.81
CA LEU D 278 36.74 10.63 -15.15
C LEU D 278 36.63 9.36 -15.97
N ALA D 279 37.58 9.15 -16.88
CA ALA D 279 37.59 7.96 -17.73
C ALA D 279 37.63 6.67 -16.91
N SER D 280 38.52 6.60 -15.92
CA SER D 280 38.63 5.39 -15.10
C SER D 280 37.33 5.13 -14.32
N ALA D 281 36.61 6.19 -13.99
CA ALA D 281 35.35 6.05 -13.25
C ALA D 281 34.29 5.36 -14.10
N HIS D 282 34.33 5.59 -15.41
CA HIS D 282 33.37 4.97 -16.34
C HIS D 282 33.64 3.49 -16.47
N ILE D 283 34.92 3.12 -16.44
CA ILE D 283 35.28 1.73 -16.56
C ILE D 283 34.81 1.01 -15.31
N LEU D 284 34.93 1.66 -14.16
CA LEU D 284 34.49 1.08 -12.90
C LEU D 284 32.97 1.01 -12.87
N ALA D 285 32.32 2.00 -13.48
CA ALA D 285 30.86 2.04 -13.52
C ALA D 285 30.35 0.92 -14.40
N LEU D 286 31.03 0.66 -15.52
CA LEU D 286 30.62 -0.42 -16.41
C LEU D 286 30.69 -1.76 -15.67
N ASP D 287 31.66 -1.91 -14.77
CA ASP D 287 31.79 -3.16 -14.03
C ASP D 287 30.67 -3.32 -13.00
N TYR D 288 30.28 -2.21 -12.36
CA TYR D 288 29.24 -2.25 -11.35
C TYR D 288 27.90 -2.73 -11.91
N VAL D 289 27.49 -2.17 -13.05
CA VAL D 289 26.23 -2.57 -13.67
C VAL D 289 26.30 -3.97 -14.28
N GLU D 290 27.45 -4.34 -14.82
CA GLU D 290 27.57 -5.66 -15.41
C GLU D 290 27.43 -6.77 -14.37
N LYS D 291 27.79 -6.46 -13.12
CA LYS D 291 27.70 -7.44 -12.04
C LYS D 291 26.34 -7.45 -11.34
N LEU D 292 25.47 -6.52 -11.70
CA LEU D 292 24.14 -6.47 -11.09
C LEU D 292 23.29 -7.62 -11.61
N GLY D 293 22.46 -8.20 -10.73
CA GLY D 293 21.63 -9.31 -11.18
C GLY D 293 20.16 -9.16 -10.88
N PRO D 294 19.30 -10.06 -11.39
CA PRO D 294 17.85 -10.03 -11.16
C PRO D 294 17.41 -9.81 -9.71
N ASN D 295 18.34 -10.00 -8.77
CA ASN D 295 18.02 -9.81 -7.36
C ASN D 295 18.63 -8.52 -6.82
N ASP D 296 19.20 -7.70 -7.72
CA ASP D 296 19.83 -6.44 -7.32
C ASP D 296 19.04 -5.22 -7.79
N LYS D 297 17.77 -5.43 -8.15
CA LYS D 297 16.95 -4.34 -8.64
C LYS D 297 17.02 -3.05 -7.81
N SER D 298 17.21 -3.18 -6.51
CA SER D 298 17.30 -2.01 -5.64
C SER D 298 18.58 -1.20 -5.89
N LYS D 299 19.42 -1.70 -6.79
CA LYS D 299 20.67 -1.06 -7.13
C LYS D 299 20.77 -0.81 -8.62
N TYR D 300 19.63 -0.90 -9.30
CA TYR D 300 19.58 -0.71 -10.75
C TYR D 300 19.82 0.73 -11.18
N PHE D 301 19.52 1.68 -10.29
CA PHE D 301 19.75 3.08 -10.59
C PHE D 301 20.66 3.68 -9.52
N SER D 302 21.80 4.21 -9.95
CA SER D 302 22.77 4.80 -9.04
C SER D 302 23.33 6.10 -9.60
N VAL D 303 23.75 6.98 -8.70
CA VAL D 303 24.34 8.26 -9.09
C VAL D 303 25.63 8.47 -8.30
N PHE D 304 26.62 9.10 -8.92
CA PHE D 304 27.90 9.37 -8.28
C PHE D 304 28.43 10.73 -8.70
N ASN D 305 28.96 11.49 -7.74
CA ASN D 305 29.54 12.80 -8.02
C ASN D 305 31.04 12.61 -8.23
N LEU D 306 31.56 13.05 -9.36
CA LEU D 306 32.98 12.90 -9.66
C LEU D 306 33.75 14.23 -9.63
N GLY D 307 34.55 14.41 -8.58
CA GLY D 307 35.35 15.61 -8.43
C GLY D 307 36.55 15.31 -7.53
N THR D 308 37.42 16.30 -7.33
CA THR D 308 38.59 16.10 -6.47
C THR D 308 38.29 16.53 -5.03
N SER D 309 37.14 17.18 -4.83
CA SER D 309 36.73 17.66 -3.52
C SER D 309 37.52 18.92 -3.14
N ARG D 310 38.32 19.42 -4.07
CA ARG D 310 39.09 20.63 -3.84
C ARG D 310 38.49 21.69 -4.75
N GLY D 311 38.37 22.90 -4.24
CA GLY D 311 37.82 23.97 -5.06
C GLY D 311 38.82 25.08 -5.32
N TYR D 312 38.73 25.66 -6.53
CA TYR D 312 39.58 26.76 -6.95
C TYR D 312 38.68 27.83 -7.55
N SER D 313 38.90 29.08 -7.18
CA SER D 313 38.09 30.17 -7.71
C SER D 313 38.65 30.50 -9.09
N VAL D 314 37.95 31.34 -9.85
CA VAL D 314 38.42 31.73 -11.17
C VAL D 314 39.78 32.42 -11.03
N ARG D 315 39.91 33.27 -10.01
CA ARG D 315 41.16 33.98 -9.77
C ARG D 315 42.33 33.02 -9.52
N GLU D 316 42.08 32.00 -8.70
CA GLU D 316 43.09 31.00 -8.36
C GLU D 316 43.50 30.14 -9.56
N VAL D 317 42.54 29.83 -10.43
CA VAL D 317 42.82 29.04 -11.62
C VAL D 317 43.76 29.83 -12.54
N ILE D 318 43.47 31.12 -12.69
CA ILE D 318 44.31 31.98 -13.53
C ILE D 318 45.73 32.07 -12.96
N GLU D 319 45.83 32.11 -11.63
CA GLU D 319 47.14 32.17 -10.93
C GLU D 319 47.93 30.90 -11.22
N VAL D 320 47.24 29.76 -11.26
CA VAL D 320 47.92 28.50 -11.53
C VAL D 320 48.37 28.48 -12.99
N ALA D 321 47.56 29.01 -13.89
CA ALA D 321 47.91 29.05 -15.31
C ALA D 321 49.15 29.94 -15.53
N ARG D 322 49.23 31.04 -14.80
CA ARG D 322 50.36 31.95 -14.91
C ARG D 322 51.66 31.25 -14.55
N LYS D 323 51.63 30.50 -13.45
CA LYS D 323 52.81 29.78 -13.02
C LYS D 323 53.16 28.66 -14.00
N THR D 324 52.14 27.93 -14.43
CA THR D 324 52.33 26.82 -15.35
C THR D 324 52.92 27.25 -16.69
N THR D 325 52.39 28.33 -17.25
CA THR D 325 52.83 28.84 -18.55
C THR D 325 53.98 29.83 -18.50
N GLY D 326 54.04 30.62 -17.42
CA GLY D 326 55.08 31.62 -17.28
C GLY D 326 54.67 32.90 -17.99
N HIS D 327 53.40 32.98 -18.37
CA HIS D 327 52.85 34.13 -19.06
C HIS D 327 52.12 35.07 -18.08
N PRO D 328 52.15 36.37 -18.32
CA PRO D 328 51.49 37.34 -17.45
C PRO D 328 49.97 37.16 -17.34
N ILE D 329 49.35 36.81 -18.46
CA ILE D 329 47.90 36.60 -18.56
C ILE D 329 47.11 37.76 -17.94
N PRO D 330 47.19 38.95 -18.56
CA PRO D 330 46.48 40.15 -18.10
C PRO D 330 44.99 39.86 -18.01
N VAL D 331 44.35 40.37 -16.97
CA VAL D 331 42.93 40.12 -16.76
C VAL D 331 42.06 41.37 -16.81
N ARG D 332 40.76 41.16 -16.97
CA ARG D 332 39.78 42.24 -16.96
C ARG D 332 38.53 41.65 -16.32
N GLU D 333 37.99 42.33 -15.33
CA GLU D 333 36.79 41.86 -14.65
C GLU D 333 35.51 42.28 -15.35
N CYS D 334 34.62 41.31 -15.58
CA CYS D 334 33.35 41.54 -16.25
C CYS D 334 32.19 41.14 -15.37
N GLY D 335 30.98 41.29 -15.91
CA GLY D 335 29.79 40.93 -15.16
C GLY D 335 29.56 39.42 -15.20
N ARG D 336 28.67 38.94 -14.34
CA ARG D 336 28.36 37.52 -14.27
C ARG D 336 27.90 36.95 -15.60
N ARG D 337 28.09 35.66 -15.77
CA ARG D 337 27.61 34.98 -16.96
C ARG D 337 26.37 34.29 -16.42
N GLU D 338 25.20 34.66 -16.93
CA GLU D 338 23.97 34.04 -16.44
C GLU D 338 23.95 32.52 -16.54
N GLY D 339 23.48 31.87 -15.47
CA GLY D 339 23.39 30.43 -15.42
C GLY D 339 24.42 29.78 -14.51
N ASP D 340 25.35 30.60 -14.01
CA ASP D 340 26.42 30.12 -13.13
C ASP D 340 26.15 30.10 -11.63
N PRO D 341 26.30 28.92 -11.00
CA PRO D 341 26.10 28.81 -9.56
C PRO D 341 27.41 29.37 -8.96
N ALA D 342 27.35 29.88 -7.74
CA ALA D 342 28.54 30.46 -7.13
C ALA D 342 29.61 29.42 -6.77
N TYR D 343 29.17 28.27 -6.28
CA TYR D 343 30.09 27.24 -5.84
C TYR D 343 29.65 25.83 -6.22
N LEU D 344 30.58 25.06 -6.75
CA LEU D 344 30.31 23.68 -7.16
C LEU D 344 31.56 22.84 -6.93
N VAL D 345 31.61 22.18 -5.78
CA VAL D 345 32.72 21.30 -5.41
C VAL D 345 32.10 19.95 -5.01
N ALA D 346 32.73 18.85 -5.41
CA ALA D 346 32.18 17.53 -5.15
C ALA D 346 32.69 16.73 -3.96
N ALA D 347 31.76 16.01 -3.34
CA ALA D 347 32.06 15.09 -2.25
C ALA D 347 31.94 13.78 -3.02
N SER D 348 33.03 13.04 -3.12
CA SER D 348 33.00 11.80 -3.90
C SER D 348 33.13 10.53 -3.07
N ASP D 349 32.58 10.58 -1.86
CA ASP D 349 32.62 9.44 -0.93
C ASP D 349 32.12 8.17 -1.59
N LYS D 350 30.88 8.23 -2.08
CA LYS D 350 30.27 7.06 -2.72
C LYS D 350 31.03 6.52 -3.91
N ALA D 351 31.48 7.38 -4.80
CA ALA D 351 32.24 6.91 -5.96
C ALA D 351 33.45 6.13 -5.45
N ARG D 352 34.12 6.68 -4.45
CA ARG D 352 35.30 6.05 -3.87
C ARG D 352 34.96 4.75 -3.16
N GLU D 353 33.93 4.77 -2.33
CA GLU D 353 33.49 3.59 -1.59
C GLU D 353 32.85 2.49 -2.42
N VAL D 354 31.83 2.84 -3.22
CA VAL D 354 31.11 1.88 -4.03
C VAL D 354 31.78 1.44 -5.34
N LEU D 355 32.31 2.40 -6.08
CA LEU D 355 32.98 2.07 -7.34
C LEU D 355 34.45 1.78 -7.16
N GLY D 356 35.01 2.24 -6.05
CA GLY D 356 36.43 2.04 -5.79
C GLY D 356 37.26 2.98 -6.64
N TRP D 357 36.68 4.15 -6.93
CA TRP D 357 37.33 5.16 -7.74
C TRP D 357 38.52 5.78 -7.01
N LYS D 358 39.67 5.79 -7.67
CA LYS D 358 40.87 6.37 -7.09
C LYS D 358 41.50 7.37 -8.05
N PRO D 359 41.15 8.65 -7.92
CA PRO D 359 41.68 9.72 -8.78
C PRO D 359 43.19 9.86 -8.61
N LYS D 360 43.92 9.97 -9.72
CA LYS D 360 45.37 10.13 -9.64
C LYS D 360 45.79 11.59 -9.57
N TYR D 361 44.92 12.49 -10.01
CA TYR D 361 45.21 13.92 -9.96
C TYR D 361 44.45 14.58 -8.84
N ASP D 362 45.18 15.27 -7.96
CA ASP D 362 44.57 15.94 -6.82
C ASP D 362 44.56 17.44 -7.06
N THR D 363 45.72 18.07 -6.97
CA THR D 363 45.81 19.52 -7.18
C THR D 363 45.79 19.94 -8.65
N LEU D 364 45.45 21.20 -8.88
CA LEU D 364 45.31 21.76 -10.21
C LEU D 364 46.62 21.94 -10.97
N GLU D 365 47.72 22.10 -10.23
CA GLU D 365 49.03 22.29 -10.85
C GLU D 365 49.36 21.17 -11.83
N ALA D 366 49.26 19.93 -11.37
CA ALA D 366 49.56 18.76 -12.20
C ALA D 366 48.58 18.65 -13.38
N ILE D 367 47.31 18.95 -13.12
CA ILE D 367 46.28 18.89 -14.14
C ILE D 367 46.57 19.94 -15.23
N MET D 368 46.80 21.17 -14.78
CA MET D 368 47.09 22.30 -15.67
C MET D 368 48.31 22.00 -16.55
N GLU D 369 49.27 21.28 -15.97
CA GLU D 369 50.48 20.91 -16.67
C GLU D 369 50.13 20.06 -17.91
N THR D 370 49.20 19.13 -17.77
CA THR D 370 48.81 18.28 -18.90
C THR D 370 48.01 19.07 -19.93
N SER D 371 47.20 20.02 -19.46
CA SER D 371 46.40 20.86 -20.35
C SER D 371 47.31 21.73 -21.21
N TRP D 372 48.32 22.32 -20.56
CA TRP D 372 49.27 23.20 -21.26
C TRP D 372 50.14 22.41 -22.26
N LYS D 373 50.59 21.22 -21.88
CA LYS D 373 51.41 20.40 -22.78
C LYS D 373 50.66 20.14 -24.08
N PHE D 374 49.38 19.80 -23.98
CA PHE D 374 48.57 19.56 -25.16
C PHE D 374 48.39 20.84 -25.99
N GLN D 375 47.91 21.90 -25.34
CA GLN D 375 47.65 23.15 -26.05
C GLN D 375 48.87 23.80 -26.70
N ARG D 376 49.98 23.88 -25.97
CA ARG D 376 51.18 24.51 -26.49
C ARG D 376 51.68 23.84 -27.76
N THR D 377 51.46 22.54 -27.88
CA THR D 377 51.91 21.80 -29.05
C THR D 377 50.87 21.73 -30.14
N HIS D 378 49.70 22.32 -29.90
CA HIS D 378 48.63 22.33 -30.90
C HIS D 378 48.07 23.72 -31.18
N PRO D 379 48.87 24.57 -31.85
CA PRO D 379 48.45 25.95 -32.17
C PRO D 379 47.17 26.00 -33.01
N ASN D 380 46.93 24.95 -33.78
CA ASN D 380 45.75 24.89 -34.64
C ASN D 380 44.86 23.70 -34.29
N GLY D 381 44.92 23.27 -33.03
CA GLY D 381 44.13 22.13 -32.60
C GLY D 381 44.54 20.89 -33.37
N TYR D 382 43.56 20.11 -33.79
CA TYR D 382 43.84 18.89 -34.53
C TYR D 382 44.11 19.20 -35.99
N ALA D 383 43.65 20.36 -36.44
CA ALA D 383 43.84 20.79 -37.83
C ALA D 383 45.33 20.73 -38.17
#